data_7AZD
#
_entry.id   7AZD
#
_cell.length_a   69.677
_cell.length_b   81.757
_cell.length_c   141.926
_cell.angle_alpha   90.000
_cell.angle_beta   97.490
_cell.angle_gamma   90.000
#
_symmetry.space_group_name_H-M   'P 1 21 1'
#
loop_
_entity.id
_entity.type
_entity.pdbx_description
1 polymer 'Beta sliding clamp'
2 polymer 'Peptide 20'
3 non-polymer 'PENTAETHYLENE GLYCOL'
4 non-polymer DI(HYDROXYETHYL)ETHER
5 water water
#
loop_
_entity_poly.entity_id
_entity_poly.type
_entity_poly.pdbx_seq_one_letter_code
_entity_poly.pdbx_strand_id
1 'polypeptide(L)'
;MGSSHHHHHHSSGLVPRGSHMKFTVEREHLLKPLQQVSGPLGGRPTLPILGNLLLQVADGTLSLTGTDLEMEMVARVALV
QPHEPGATTVPARKFFDICRGLPEGAEIAVQLEGERMLVRSGRSRFSLSTLPAADFPNLDDWQSEVEFTLPQATMKRLIE
ATQFSMAHQDVRYYLNGMLFETEGEELRTVATDGHRLAVCSMPIGQSLPSHSVIVPRKGVIELMRMLDGGDNPLRVQIGS
NNIRAHVGDFIFTSKLVDGRFPDYRRVLPKNPDKHLEAGCDLLKQAFARAAILSNEKFRGVRLYVSENQLKITANNPEQE
EAEEILDVTYSGAEMEIGFNVSYVLDVLNALKCENVRMMLTDSVSSVQIEDAASQSAAYVVMPMRL
;
A,B,C,D
2 'polypeptide(L)' (SGZ)Q(ALC)DLF H,I,J,K
#
# COMPACT_ATOMS: atom_id res chain seq x y z
N HIS A 20 -43.40 -13.52 15.25
CA HIS A 20 -43.72 -14.89 15.69
C HIS A 20 -42.61 -15.91 15.53
N MET A 21 -41.86 -15.83 14.42
CA MET A 21 -40.91 -16.86 13.97
C MET A 21 -40.16 -17.49 15.11
N LYS A 22 -40.27 -18.84 15.23
CA LYS A 22 -39.62 -19.63 16.27
C LYS A 22 -39.18 -20.94 15.70
N PHE A 23 -37.94 -21.36 16.05
CA PHE A 23 -37.37 -22.65 15.69
C PHE A 23 -36.29 -22.97 16.66
N THR A 24 -36.09 -24.28 16.99
CA THR A 24 -34.98 -24.80 17.77
C THR A 24 -34.34 -25.88 16.89
N VAL A 25 -33.06 -25.74 16.54
CA VAL A 25 -32.35 -26.65 15.65
C VAL A 25 -30.99 -26.98 16.28
N GLU A 26 -30.38 -28.14 15.97
CA GLU A 26 -29.04 -28.55 16.42
C GLU A 26 -27.96 -27.74 15.67
N ARG A 27 -26.90 -27.39 16.37
CA ARG A 27 -25.78 -26.64 15.81
C ARG A 27 -25.32 -27.23 14.49
N GLU A 28 -25.17 -28.56 14.43
CA GLU A 28 -24.66 -29.26 13.26
C GLU A 28 -25.64 -29.19 12.08
N HIS A 29 -26.94 -28.94 12.33
CA HIS A 29 -27.86 -28.75 11.22
C HIS A 29 -27.81 -27.36 10.63
N LEU A 30 -27.16 -26.38 11.32
CA LEU A 30 -27.08 -25.00 10.78
C LEU A 30 -25.76 -24.64 10.20
N LEU A 31 -24.64 -25.20 10.72
CA LEU A 31 -23.29 -24.80 10.30
C LEU A 31 -22.99 -24.80 8.79
N LYS A 32 -23.18 -25.94 8.08
CA LYS A 32 -22.87 -25.96 6.66
C LYS A 32 -23.84 -25.04 5.91
N PRO A 33 -25.16 -25.08 6.21
CA PRO A 33 -26.09 -24.12 5.59
C PRO A 33 -25.70 -22.65 5.73
N LEU A 34 -25.36 -22.18 6.95
CA LEU A 34 -24.97 -20.79 7.24
C LEU A 34 -23.68 -20.41 6.53
N GLN A 35 -22.75 -21.32 6.44
CA GLN A 35 -21.50 -21.11 5.69
C GLN A 35 -21.75 -21.07 4.15
N GLN A 36 -22.69 -21.90 3.67
CA GLN A 36 -22.97 -21.91 2.24
C GLN A 36 -23.73 -20.64 1.83
N VAL A 37 -24.74 -20.23 2.64
CA VAL A 37 -25.57 -19.06 2.27
C VAL A 37 -24.85 -17.72 2.48
N SER A 38 -23.78 -17.71 3.25
CA SER A 38 -22.95 -16.54 3.45
C SER A 38 -21.91 -16.35 2.31
N GLY A 39 -21.79 -17.35 1.43
CA GLY A 39 -20.95 -17.39 0.25
C GLY A 39 -21.09 -16.16 -0.62
N PRO A 40 -22.26 -15.92 -1.29
CA PRO A 40 -22.42 -14.72 -2.15
C PRO A 40 -22.19 -13.36 -1.52
N LEU A 41 -22.12 -13.29 -0.17
CA LEU A 41 -22.00 -12.05 0.59
C LEU A 41 -20.61 -11.43 0.51
N GLY A 42 -20.59 -10.15 0.12
CA GLY A 42 -19.39 -9.33 0.08
C GLY A 42 -19.11 -8.76 1.46
N GLY A 43 -17.88 -8.30 1.67
CA GLY A 43 -17.46 -7.70 2.94
C GLY A 43 -18.00 -6.32 3.20
N ARG A 44 -18.19 -5.51 2.15
CA ARG A 44 -18.63 -4.10 2.24
C ARG A 44 -19.99 -3.97 1.57
N PRO A 45 -21.12 -4.47 2.13
CA PRO A 45 -22.41 -4.34 1.40
C PRO A 45 -22.89 -2.90 1.21
N THR A 46 -23.42 -2.61 0.03
CA THR A 46 -23.95 -1.28 -0.29
C THR A 46 -25.15 -0.96 0.55
N LEU A 47 -26.04 -1.95 0.74
CA LEU A 47 -27.24 -1.80 1.58
C LEU A 47 -27.08 -2.66 2.78
N PRO A 48 -27.47 -2.21 3.98
CA PRO A 48 -27.26 -3.06 5.19
C PRO A 48 -27.90 -4.46 5.15
N ILE A 49 -29.10 -4.56 4.56
CA ILE A 49 -29.82 -5.82 4.43
C ILE A 49 -29.00 -6.82 3.64
N LEU A 50 -28.12 -6.31 2.77
CA LEU A 50 -27.27 -7.14 1.93
C LEU A 50 -26.20 -7.92 2.76
N GLY A 51 -26.02 -7.56 4.06
CA GLY A 51 -25.14 -8.27 5.00
C GLY A 51 -25.91 -9.22 5.93
N ASN A 52 -27.21 -9.32 5.71
CA ASN A 52 -28.10 -10.15 6.44
C ASN A 52 -28.48 -11.39 5.66
N LEU A 53 -28.94 -12.43 6.43
CA LEU A 53 -29.50 -13.63 5.81
C LEU A 53 -31.02 -13.59 6.08
N LEU A 54 -31.83 -13.93 5.03
CA LEU A 54 -33.27 -14.10 5.20
C LEU A 54 -33.53 -15.46 5.86
N LEU A 55 -34.24 -15.46 7.01
CA LEU A 55 -34.66 -16.66 7.73
C LEU A 55 -36.17 -16.83 7.55
N GLN A 56 -36.67 -17.92 6.93
CA GLN A 56 -38.12 -18.19 6.84
C GLN A 56 -38.52 -19.55 7.42
N VAL A 57 -39.49 -19.55 8.30
CA VAL A 57 -40.07 -20.78 8.79
C VAL A 57 -41.44 -20.95 8.11
N ALA A 58 -41.60 -22.03 7.36
CA ALA A 58 -42.83 -22.41 6.61
C ALA A 58 -42.91 -23.92 6.63
N ASP A 59 -44.05 -24.47 7.12
CA ASP A 59 -44.26 -25.91 7.38
C ASP A 59 -43.19 -26.40 8.33
N GLY A 60 -42.54 -27.52 7.98
CA GLY A 60 -41.47 -28.10 8.79
C GLY A 60 -40.13 -27.79 8.17
N THR A 61 -40.01 -26.67 7.51
CA THR A 61 -38.76 -26.25 6.88
C THR A 61 -38.34 -24.85 7.31
N LEU A 62 -37.04 -24.67 7.59
CA LEU A 62 -36.42 -23.37 7.76
C LEU A 62 -35.57 -23.11 6.47
N SER A 63 -35.83 -22.00 5.78
CA SER A 63 -35.04 -21.62 4.60
C SER A 63 -34.13 -20.45 4.94
N LEU A 64 -32.89 -20.51 4.48
CA LEU A 64 -31.88 -19.48 4.71
C LEU A 64 -31.38 -19.00 3.37
N THR A 65 -31.46 -17.68 3.10
CA THR A 65 -31.02 -17.09 1.85
C THR A 65 -29.99 -15.98 2.09
N GLY A 66 -29.00 -15.92 1.18
CA GLY A 66 -27.94 -14.95 1.09
C GLY A 66 -27.89 -14.44 -0.33
N THR A 67 -27.79 -13.11 -0.50
CA THR A 67 -27.76 -12.51 -1.86
C THR A 67 -26.78 -11.36 -1.93
N ASP A 68 -26.44 -10.99 -3.17
CA ASP A 68 -25.62 -9.83 -3.54
C ASP A 68 -26.28 -9.18 -4.76
N LEU A 69 -27.55 -9.54 -5.00
CA LEU A 69 -28.35 -8.98 -6.11
C LEU A 69 -28.02 -9.60 -7.44
N GLU A 70 -26.77 -10.01 -7.67
CA GLU A 70 -26.36 -10.70 -8.92
C GLU A 70 -26.59 -12.21 -8.75
N MET A 71 -26.41 -12.70 -7.51
CA MET A 71 -26.62 -14.12 -7.22
C MET A 71 -27.16 -14.42 -5.84
N GLU A 72 -27.81 -15.58 -5.68
CA GLU A 72 -28.32 -15.98 -4.36
C GLU A 72 -28.10 -17.47 -4.05
N MET A 73 -27.98 -17.75 -2.75
CA MET A 73 -27.83 -19.12 -2.26
C MET A 73 -28.97 -19.35 -1.23
N VAL A 74 -29.68 -20.46 -1.36
CA VAL A 74 -30.78 -20.90 -0.49
C VAL A 74 -30.46 -22.26 0.09
N ALA A 75 -30.74 -22.45 1.37
CA ALA A 75 -30.54 -23.71 2.09
C ALA A 75 -31.84 -24.04 2.81
N ARG A 76 -32.26 -25.31 2.77
CA ARG A 76 -33.45 -25.75 3.50
C ARG A 76 -33.07 -26.71 4.58
N VAL A 77 -33.57 -26.44 5.82
CA VAL A 77 -33.32 -27.23 7.03
C VAL A 77 -34.67 -27.76 7.58
N ALA A 78 -34.78 -29.09 7.75
CA ALA A 78 -35.95 -29.77 8.24
C ALA A 78 -36.09 -29.48 9.70
N LEU A 79 -37.34 -29.16 10.12
CA LEU A 79 -37.64 -28.83 11.51
C LEU A 79 -38.40 -29.99 12.18
N VAL A 80 -37.68 -30.75 13.00
CA VAL A 80 -38.12 -31.93 13.74
C VAL A 80 -38.62 -31.55 15.14
N GLN A 81 -38.45 -30.28 15.55
CA GLN A 81 -38.86 -29.74 16.85
C GLN A 81 -39.91 -28.67 16.64
N PRO A 82 -40.70 -28.37 17.71
CA PRO A 82 -41.70 -27.29 17.62
C PRO A 82 -41.17 -25.96 17.05
N HIS A 83 -41.99 -25.35 16.21
CA HIS A 83 -41.58 -24.19 15.50
C HIS A 83 -42.81 -23.38 15.19
N GLU A 84 -42.62 -22.09 14.90
CA GLU A 84 -43.69 -21.18 14.55
C GLU A 84 -43.30 -20.51 13.25
N PRO A 85 -44.23 -20.38 12.29
CA PRO A 85 -43.90 -19.75 11.00
C PRO A 85 -43.66 -18.25 11.10
N GLY A 86 -42.89 -17.73 10.19
CA GLY A 86 -42.48 -16.34 10.18
C GLY A 86 -41.18 -16.12 9.42
N ALA A 87 -40.77 -14.89 9.26
CA ALA A 87 -39.53 -14.56 8.59
C ALA A 87 -38.89 -13.33 9.20
N THR A 88 -37.60 -13.17 8.98
CA THR A 88 -36.83 -12.00 9.39
C THR A 88 -35.52 -12.05 8.67
N THR A 89 -34.66 -11.04 8.86
CA THR A 89 -33.29 -11.01 8.33
C THR A 89 -32.35 -10.70 9.50
N VAL A 90 -31.20 -11.33 9.50
CA VAL A 90 -30.32 -11.23 10.67
C VAL A 90 -28.84 -11.16 10.22
N PRO A 91 -27.98 -10.30 10.84
CA PRO A 91 -26.60 -10.23 10.39
C PRO A 91 -25.94 -11.61 10.23
N ALA A 92 -25.50 -11.91 8.98
CA ALA A 92 -24.95 -13.21 8.61
C ALA A 92 -23.72 -13.68 9.40
N ARG A 93 -22.63 -12.93 9.34
CA ARG A 93 -21.40 -13.29 10.05
CA ARG A 93 -21.38 -13.27 10.05
C ARG A 93 -21.63 -13.49 11.55
N LYS A 94 -22.39 -12.61 12.18
CA LYS A 94 -22.65 -12.72 13.60
C LYS A 94 -23.42 -13.99 13.99
N PHE A 95 -24.47 -14.31 13.22
CA PHE A 95 -25.28 -15.49 13.46
C PHE A 95 -24.48 -16.75 13.21
N PHE A 96 -23.73 -16.81 12.12
CA PHE A 96 -22.84 -17.95 11.86
C PHE A 96 -21.79 -18.12 12.98
N ASP A 97 -21.18 -17.01 13.43
CA ASP A 97 -20.16 -17.06 14.46
C ASP A 97 -20.70 -17.51 15.81
N ILE A 98 -21.96 -17.14 16.13
CA ILE A 98 -22.61 -17.56 17.37
C ILE A 98 -22.83 -19.07 17.36
N CYS A 99 -23.36 -19.58 16.24
CA CYS A 99 -23.62 -20.99 16.03
C CYS A 99 -22.34 -21.80 16.02
N ARG A 100 -21.35 -21.33 15.27
CA ARG A 100 -20.05 -21.97 15.20
CA ARG A 100 -20.07 -22.00 15.21
C ARG A 100 -19.36 -22.02 16.57
N GLY A 101 -19.52 -20.94 17.34
CA GLY A 101 -18.90 -20.83 18.66
C GLY A 101 -19.51 -21.69 19.74
N LEU A 102 -20.80 -22.10 19.56
CA LEU A 102 -21.46 -22.91 20.55
C LEU A 102 -20.92 -24.33 20.59
N PRO A 103 -21.00 -25.04 21.74
CA PRO A 103 -20.43 -26.41 21.78
C PRO A 103 -21.08 -27.40 20.80
N GLU A 104 -20.40 -28.51 20.52
CA GLU A 104 -20.91 -29.60 19.67
C GLU A 104 -22.24 -30.10 20.21
N GLY A 105 -23.20 -30.28 19.32
CA GLY A 105 -24.53 -30.77 19.71
C GLY A 105 -25.44 -29.73 20.30
N ALA A 106 -25.00 -28.48 20.42
CA ALA A 106 -25.82 -27.45 21.02
C ALA A 106 -27.16 -27.33 20.28
N GLU A 107 -28.22 -27.09 21.02
CA GLU A 107 -29.57 -26.88 20.58
C GLU A 107 -29.77 -25.39 20.64
N ILE A 108 -29.98 -24.82 19.50
CA ILE A 108 -30.09 -23.40 19.30
C ILE A 108 -31.53 -22.98 19.15
N ALA A 109 -32.08 -22.35 20.18
CA ALA A 109 -33.46 -21.89 20.25
C ALA A 109 -33.53 -20.45 19.83
N VAL A 110 -34.20 -20.22 18.71
CA VAL A 110 -34.34 -18.90 18.13
C VAL A 110 -35.79 -18.44 18.25
N GLN A 111 -35.99 -17.17 18.60
CA GLN A 111 -37.32 -16.54 18.61
C GLN A 111 -37.19 -15.05 18.38
N LEU A 112 -38.14 -14.51 17.72
CA LEU A 112 -38.13 -13.11 17.35
C LEU A 112 -38.87 -12.33 18.42
N GLU A 113 -38.32 -11.21 18.84
CA GLU A 113 -38.90 -10.37 19.87
C GLU A 113 -38.93 -8.93 19.36
N GLY A 114 -39.76 -8.70 18.36
CA GLY A 114 -39.93 -7.41 17.71
C GLY A 114 -38.89 -7.15 16.65
N GLU A 115 -37.96 -6.26 16.96
CA GLU A 115 -36.90 -5.89 16.03
C GLU A 115 -35.59 -6.56 16.46
N ARG A 116 -35.69 -7.58 17.33
CA ARG A 116 -34.59 -8.35 17.87
C ARG A 116 -34.87 -9.83 17.67
N MET A 117 -33.84 -10.62 17.43
CA MET A 117 -34.03 -12.05 17.34
C MET A 117 -33.15 -12.56 18.42
N LEU A 118 -33.77 -13.30 19.27
CA LEU A 118 -33.16 -13.91 20.43
C LEU A 118 -32.64 -15.29 20.07
N VAL A 119 -31.43 -15.59 20.50
CA VAL A 119 -30.78 -16.87 20.33
C VAL A 119 -30.36 -17.36 21.71
N ARG A 120 -30.84 -18.53 22.10
CA ARG A 120 -30.48 -19.16 23.39
C ARG A 120 -30.02 -20.56 23.22
N SER A 121 -28.95 -20.91 23.92
CA SER A 121 -28.45 -22.27 23.92
C SER A 121 -27.71 -22.43 25.22
N GLY A 122 -28.10 -23.41 26.03
CA GLY A 122 -27.52 -23.59 27.37
C GLY A 122 -27.63 -22.33 28.21
N ARG A 123 -26.48 -21.81 28.67
CA ARG A 123 -26.46 -20.56 29.45
C ARG A 123 -25.90 -19.37 28.64
N SER A 124 -26.00 -19.46 27.30
CA SER A 124 -25.55 -18.45 26.35
C SER A 124 -26.78 -17.82 25.76
N ARG A 125 -26.83 -16.50 25.71
CA ARG A 125 -28.00 -15.76 25.27
C ARG A 125 -27.50 -14.60 24.39
N PHE A 126 -28.16 -14.40 23.22
CA PHE A 126 -27.75 -13.37 22.27
C PHE A 126 -28.98 -12.72 21.76
N SER A 127 -28.90 -11.43 21.53
CA SER A 127 -29.97 -10.62 21.02
C SER A 127 -29.41 -9.87 19.84
N LEU A 128 -29.87 -10.20 18.61
CA LEU A 128 -29.40 -9.62 17.36
C LEU A 128 -30.44 -8.67 16.78
N SER A 129 -29.98 -7.71 16.01
CA SER A 129 -30.88 -6.75 15.42
C SER A 129 -31.27 -7.26 14.05
N THR A 130 -32.50 -7.05 13.68
CA THR A 130 -33.10 -7.52 12.46
C THR A 130 -33.51 -6.41 11.47
N LEU A 131 -33.80 -6.83 10.23
CA LEU A 131 -34.34 -5.96 9.19
C LEU A 131 -35.53 -6.66 8.61
N PRO A 132 -36.60 -5.95 8.23
CA PRO A 132 -37.81 -6.67 7.79
C PRO A 132 -37.53 -7.65 6.64
N ALA A 133 -38.11 -8.88 6.76
CA ALA A 133 -38.05 -9.88 5.70
C ALA A 133 -38.61 -9.32 4.40
N ALA A 134 -39.64 -8.46 4.52
CA ALA A 134 -40.30 -7.84 3.36
C ALA A 134 -39.37 -6.98 2.56
N ASP A 135 -38.29 -6.50 3.16
CA ASP A 135 -37.30 -5.67 2.49
C ASP A 135 -36.22 -6.47 1.80
N PHE A 136 -36.19 -7.77 2.00
CA PHE A 136 -35.16 -8.62 1.42
C PHE A 136 -35.28 -8.72 -0.08
N PRO A 137 -34.15 -8.54 -0.83
CA PRO A 137 -34.20 -8.61 -2.31
C PRO A 137 -34.49 -9.99 -2.90
N ASN A 138 -35.35 -10.01 -3.96
CA ASN A 138 -35.78 -11.16 -4.77
C ASN A 138 -35.07 -11.17 -6.12
N LEU A 139 -34.64 -12.36 -6.58
CA LEU A 139 -34.19 -12.43 -7.96
C LEU A 139 -35.52 -12.56 -8.76
N ASP A 140 -35.66 -11.84 -9.89
CA ASP A 140 -36.83 -11.89 -10.76
C ASP A 140 -37.01 -13.31 -11.38
N ASP A 141 -38.26 -13.79 -11.35
CA ASP A 141 -38.62 -15.09 -11.92
C ASP A 141 -38.20 -15.22 -13.40
N TRP A 142 -37.99 -16.47 -13.83
CA TRP A 142 -37.45 -16.75 -15.16
C TRP A 142 -37.84 -18.13 -15.58
N GLN A 143 -37.64 -18.44 -16.85
CA GLN A 143 -38.03 -19.75 -17.39
C GLN A 143 -36.79 -20.54 -17.74
N SER A 144 -36.73 -21.79 -17.29
CA SER A 144 -35.58 -22.64 -17.63
C SER A 144 -35.72 -23.06 -19.08
N GLU A 145 -34.59 -23.26 -19.77
CA GLU A 145 -34.59 -23.71 -21.16
C GLU A 145 -33.89 -25.07 -21.31
N VAL A 146 -32.78 -25.27 -20.58
CA VAL A 146 -31.97 -26.48 -20.60
C VAL A 146 -31.86 -27.01 -19.17
N GLU A 147 -32.12 -28.30 -18.95
CA GLU A 147 -32.04 -28.93 -17.66
C GLU A 147 -31.24 -30.27 -17.74
N PHE A 148 -30.38 -30.55 -16.77
CA PHE A 148 -29.56 -31.74 -16.77
C PHE A 148 -29.00 -32.01 -15.40
N THR A 149 -28.57 -33.24 -15.19
CA THR A 149 -27.98 -33.74 -13.98
C THR A 149 -26.56 -34.19 -14.32
N LEU A 150 -25.66 -34.19 -13.33
CA LEU A 150 -24.29 -34.64 -13.52
C LEU A 150 -23.65 -34.85 -12.15
N PRO A 151 -22.60 -35.69 -12.04
CA PRO A 151 -21.90 -35.80 -10.75
C PRO A 151 -21.20 -34.47 -10.44
N GLN A 152 -21.15 -34.09 -9.18
CA GLN A 152 -20.50 -32.88 -8.67
C GLN A 152 -19.04 -32.83 -9.18
N ALA A 153 -18.35 -34.01 -9.17
CA ALA A 153 -16.96 -34.21 -9.60
C ALA A 153 -16.73 -33.83 -11.06
N THR A 154 -17.73 -34.06 -11.92
CA THR A 154 -17.64 -33.66 -13.35
C THR A 154 -17.63 -32.16 -13.51
N MET A 155 -18.52 -31.49 -12.75
CA MET A 155 -18.63 -30.03 -12.72
C MET A 155 -17.39 -29.38 -12.09
N LYS A 156 -16.90 -29.96 -11.00
CA LYS A 156 -15.69 -29.46 -10.35
C LYS A 156 -14.47 -29.62 -11.30
N ARG A 157 -14.41 -30.72 -12.05
CA ARG A 157 -13.29 -30.89 -12.98
C ARG A 157 -13.43 -29.97 -14.21
N LEU A 158 -14.66 -29.72 -14.69
CA LEU A 158 -14.87 -28.79 -15.80
C LEU A 158 -14.44 -27.36 -15.43
N ILE A 159 -14.80 -26.91 -14.18
CA ILE A 159 -14.43 -25.59 -13.66
C ILE A 159 -12.93 -25.46 -13.39
N GLU A 160 -12.38 -26.41 -12.62
CA GLU A 160 -10.96 -26.42 -12.19
C GLU A 160 -9.99 -26.39 -13.37
N ALA A 161 -10.38 -27.06 -14.49
CA ALA A 161 -9.58 -27.14 -15.69
C ALA A 161 -9.43 -25.83 -16.43
N THR A 162 -10.41 -24.91 -16.29
CA THR A 162 -10.46 -23.69 -17.08
C THR A 162 -10.45 -22.40 -16.29
N GLN A 163 -10.80 -22.43 -15.00
CA GLN A 163 -11.06 -21.19 -14.26
C GLN A 163 -9.90 -20.23 -14.21
N PHE A 164 -8.67 -20.71 -14.13
CA PHE A 164 -7.48 -19.86 -14.05
C PHE A 164 -7.34 -18.96 -15.32
N SER A 165 -7.98 -19.34 -16.44
CA SER A 165 -7.88 -18.56 -17.68
C SER A 165 -8.96 -17.48 -17.86
N MET A 166 -9.93 -17.33 -16.94
CA MET A 166 -10.93 -16.24 -17.11
C MET A 166 -10.22 -14.87 -16.93
N ALA A 167 -10.72 -13.81 -17.58
CA ALA A 167 -10.23 -12.50 -17.29
C ALA A 167 -10.78 -12.04 -15.89
N HIS A 168 -10.08 -11.08 -15.21
CA HIS A 168 -10.46 -10.63 -13.89
CA HIS A 168 -10.54 -10.63 -13.90
C HIS A 168 -11.45 -9.43 -13.98
N GLN A 169 -10.92 -8.27 -14.45
CA GLN A 169 -11.73 -7.06 -14.60
C GLN A 169 -11.39 -6.44 -15.94
N ASP A 170 -11.63 -7.19 -17.02
CA ASP A 170 -11.32 -6.78 -18.38
C ASP A 170 -12.39 -5.84 -18.91
N VAL A 171 -11.99 -5.02 -19.95
CA VAL A 171 -12.74 -4.11 -20.85
C VAL A 171 -13.90 -4.92 -21.40
N ARG A 172 -13.54 -6.10 -21.93
CA ARG A 172 -14.40 -7.11 -22.51
C ARG A 172 -15.01 -7.89 -21.34
N TYR A 173 -16.01 -7.29 -20.72
CA TYR A 173 -16.74 -7.78 -19.56
C TYR A 173 -17.27 -9.24 -19.78
N TYR A 174 -17.51 -9.65 -21.05
CA TYR A 174 -18.00 -10.99 -21.39
C TYR A 174 -16.86 -12.04 -21.23
N LEU A 175 -15.66 -11.59 -20.89
CA LEU A 175 -14.53 -12.46 -20.64
C LEU A 175 -14.33 -12.65 -19.14
N ASN A 176 -14.98 -11.81 -18.31
CA ASN A 176 -14.85 -11.92 -16.85
C ASN A 176 -15.80 -12.98 -16.30
N GLY A 177 -15.67 -14.16 -16.83
CA GLY A 177 -16.56 -15.27 -16.54
C GLY A 177 -16.16 -16.48 -17.36
N MET A 178 -17.01 -17.49 -17.34
CA MET A 178 -16.73 -18.72 -18.02
C MET A 178 -17.91 -19.05 -18.85
N LEU A 179 -17.64 -19.50 -20.10
CA LEU A 179 -18.70 -20.00 -20.97
C LEU A 179 -19.08 -21.40 -20.59
N PHE A 180 -20.38 -21.65 -20.43
CA PHE A 180 -20.94 -22.99 -20.21
C PHE A 180 -21.71 -23.37 -21.46
N GLU A 181 -21.25 -24.40 -22.15
CA GLU A 181 -21.87 -24.79 -23.39
C GLU A 181 -22.32 -26.26 -23.41
N THR A 182 -23.56 -26.50 -23.84
CA THR A 182 -24.07 -27.87 -24.02
C THR A 182 -24.12 -28.25 -25.53
N GLU A 183 -23.64 -29.44 -25.88
CA GLU A 183 -23.61 -29.92 -27.26
C GLU A 183 -23.63 -31.42 -27.23
N GLY A 184 -24.70 -31.98 -27.79
CA GLY A 184 -24.91 -33.41 -27.85
C GLY A 184 -25.08 -33.98 -26.47
N GLU A 185 -24.13 -34.79 -26.03
CA GLU A 185 -24.15 -35.42 -24.71
C GLU A 185 -23.05 -34.79 -23.78
N GLU A 186 -22.49 -33.64 -24.19
CA GLU A 186 -21.38 -33.04 -23.49
C GLU A 186 -21.67 -31.66 -22.91
N LEU A 187 -21.00 -31.39 -21.78
CA LEU A 187 -20.98 -30.09 -21.11
C LEU A 187 -19.57 -29.61 -21.31
N ARG A 188 -19.43 -28.34 -21.75
CA ARG A 188 -18.14 -27.74 -22.05
C ARG A 188 -18.00 -26.43 -21.29
N THR A 189 -16.77 -26.14 -20.79
CA THR A 189 -16.48 -24.84 -20.19
C THR A 189 -15.33 -24.23 -21.00
N VAL A 190 -15.40 -22.93 -21.27
CA VAL A 190 -14.31 -22.21 -21.97
C VAL A 190 -13.98 -20.99 -21.10
N ALA A 191 -12.71 -20.69 -20.93
CA ALA A 191 -12.38 -19.49 -20.21
C ALA A 191 -11.18 -18.89 -20.91
N THR A 192 -11.23 -17.57 -21.22
CA THR A 192 -10.14 -16.83 -21.87
C THR A 192 -10.05 -15.42 -21.38
N ASP A 193 -8.86 -14.83 -21.46
CA ASP A 193 -8.61 -13.44 -21.08
C ASP A 193 -8.03 -12.69 -22.28
N GLY A 194 -8.13 -13.30 -23.46
CA GLY A 194 -7.61 -12.73 -24.69
C GLY A 194 -6.18 -13.13 -24.98
N HIS A 195 -5.40 -13.50 -23.94
CA HIS A 195 -4.01 -13.89 -24.10
C HIS A 195 -3.83 -15.39 -24.06
N ARG A 196 -4.66 -16.07 -23.26
CA ARG A 196 -4.67 -17.53 -23.17
C ARG A 196 -6.09 -18.04 -23.03
N LEU A 197 -6.31 -19.29 -23.42
CA LEU A 197 -7.61 -19.89 -23.39
C LEU A 197 -7.52 -21.30 -22.81
N ALA A 198 -8.60 -21.75 -22.18
CA ALA A 198 -8.76 -23.09 -21.65
C ALA A 198 -10.14 -23.57 -22.01
N VAL A 199 -10.21 -24.79 -22.52
CA VAL A 199 -11.45 -25.45 -22.86
C VAL A 199 -11.43 -26.91 -22.35
N CYS A 200 -12.52 -27.31 -21.64
CA CYS A 200 -12.67 -28.65 -21.13
C CYS A 200 -14.07 -29.13 -21.48
N SER A 201 -14.18 -30.41 -21.94
CA SER A 201 -15.44 -31.03 -22.36
C SER A 201 -15.56 -32.39 -21.63
N MET A 202 -16.73 -32.68 -21.09
CA MET A 202 -16.99 -33.97 -20.41
C MET A 202 -18.33 -34.52 -20.84
N PRO A 203 -18.40 -35.83 -21.12
CA PRO A 203 -19.70 -36.43 -21.48
C PRO A 203 -20.54 -36.58 -20.22
N ILE A 204 -21.83 -36.22 -20.29
CA ILE A 204 -22.73 -36.23 -19.12
C ILE A 204 -23.82 -37.30 -19.20
N GLY A 205 -23.84 -38.04 -20.31
CA GLY A 205 -24.75 -39.17 -20.53
C GLY A 205 -26.18 -38.82 -20.90
N GLN A 206 -26.42 -37.55 -21.31
CA GLN A 206 -27.77 -37.07 -21.65
C GLN A 206 -27.70 -36.26 -22.92
N SER A 207 -28.73 -36.36 -23.78
CA SER A 207 -28.76 -35.57 -25.01
C SER A 207 -29.29 -34.20 -24.67
N LEU A 208 -28.53 -33.15 -25.03
CA LEU A 208 -28.86 -31.77 -24.68
C LEU A 208 -29.02 -30.88 -25.91
N PRO A 209 -29.91 -29.85 -25.79
CA PRO A 209 -30.00 -28.85 -26.86
C PRO A 209 -28.79 -27.92 -26.85
N SER A 210 -28.29 -27.55 -28.05
CA SER A 210 -27.17 -26.65 -28.15
C SER A 210 -27.52 -25.30 -27.52
N HIS A 211 -26.88 -25.03 -26.37
CA HIS A 211 -27.04 -23.78 -25.64
C HIS A 211 -25.69 -23.37 -25.08
N SER A 212 -25.40 -22.05 -25.11
CA SER A 212 -24.17 -21.50 -24.56
C SER A 212 -24.45 -20.19 -23.81
N VAL A 213 -24.00 -20.12 -22.56
CA VAL A 213 -24.18 -18.96 -21.66
C VAL A 213 -22.89 -18.60 -20.99
N ILE A 214 -22.77 -17.36 -20.52
CA ILE A 214 -21.61 -16.88 -19.82
C ILE A 214 -21.98 -16.73 -18.34
N VAL A 215 -21.26 -17.47 -17.47
CA VAL A 215 -21.41 -17.41 -16.01
C VAL A 215 -20.43 -16.42 -15.44
N PRO A 216 -20.84 -15.45 -14.57
CA PRO A 216 -19.87 -14.45 -14.09
C PRO A 216 -18.83 -15.10 -13.21
N ARG A 217 -17.60 -14.57 -13.17
CA ARG A 217 -16.52 -15.22 -12.40
C ARG A 217 -16.86 -15.39 -10.90
N LYS A 218 -17.56 -14.44 -10.29
CA LYS A 218 -18.00 -14.59 -8.91
C LYS A 218 -18.98 -15.75 -8.73
N GLY A 219 -19.77 -16.05 -9.76
CA GLY A 219 -20.74 -17.16 -9.73
C GLY A 219 -20.10 -18.52 -10.00
N VAL A 220 -19.09 -18.58 -10.89
CA VAL A 220 -18.24 -19.75 -11.12
C VAL A 220 -17.60 -20.15 -9.80
N ILE A 221 -17.10 -19.16 -9.04
CA ILE A 221 -16.50 -19.39 -7.71
C ILE A 221 -17.51 -19.95 -6.72
N GLU A 222 -18.71 -19.38 -6.70
CA GLU A 222 -19.77 -19.84 -5.80
C GLU A 222 -20.25 -21.23 -6.14
N LEU A 223 -20.40 -21.50 -7.42
CA LEU A 223 -20.81 -22.81 -7.93
C LEU A 223 -19.79 -23.84 -7.51
N MET A 224 -18.52 -23.54 -7.72
CA MET A 224 -17.37 -24.34 -7.32
C MET A 224 -17.42 -24.71 -5.82
N ARG A 225 -17.74 -23.73 -4.93
CA ARG A 225 -17.76 -23.92 -3.48
C ARG A 225 -18.94 -24.72 -2.96
N MET A 226 -19.99 -24.94 -3.78
CA MET A 226 -21.12 -25.74 -3.33
C MET A 226 -20.93 -27.26 -3.67
N LEU A 227 -19.81 -27.61 -4.32
CA LEU A 227 -19.54 -28.97 -4.70
C LEU A 227 -18.70 -29.67 -3.60
N ASP A 228 -19.40 -30.29 -2.63
CA ASP A 228 -18.82 -30.96 -1.46
C ASP A 228 -18.10 -32.27 -1.78
N GLY A 229 -18.77 -33.18 -2.51
CA GLY A 229 -18.23 -34.50 -2.83
C GLY A 229 -19.22 -35.56 -3.31
N GLY A 230 -20.36 -35.72 -2.65
CA GLY A 230 -21.33 -36.72 -3.10
C GLY A 230 -22.61 -36.97 -2.34
N ASP A 231 -23.20 -38.16 -2.62
CA ASP A 231 -24.49 -38.69 -2.18
C ASP A 231 -25.63 -37.78 -2.57
N ASN A 232 -25.32 -36.86 -3.53
CA ASN A 232 -26.26 -35.98 -4.20
C ASN A 232 -25.68 -35.65 -5.52
N PRO A 233 -26.51 -35.71 -6.57
CA PRO A 233 -26.03 -35.22 -7.89
C PRO A 233 -26.27 -33.70 -8.03
N LEU A 234 -25.68 -33.12 -9.06
CA LEU A 234 -25.87 -31.72 -9.37
C LEU A 234 -27.00 -31.61 -10.46
N ARG A 235 -27.99 -30.77 -10.21
CA ARG A 235 -29.07 -30.58 -11.14
C ARG A 235 -28.89 -29.16 -11.60
N VAL A 236 -28.59 -28.97 -12.91
CA VAL A 236 -28.41 -27.64 -13.52
C VAL A 236 -29.66 -27.22 -14.33
N GLN A 237 -30.06 -25.95 -14.23
CA GLN A 237 -31.16 -25.40 -15.05
C GLN A 237 -30.64 -24.13 -15.64
N ILE A 238 -30.53 -24.07 -16.98
CA ILE A 238 -30.01 -22.86 -17.60
C ILE A 238 -31.18 -22.17 -18.26
N GLY A 239 -31.22 -20.87 -18.09
CA GLY A 239 -32.28 -20.06 -18.66
C GLY A 239 -31.67 -19.09 -19.63
N SER A 240 -32.43 -18.06 -19.95
CA SER A 240 -32.02 -17.01 -20.86
C SER A 240 -30.97 -16.09 -20.18
N ASN A 241 -31.28 -15.66 -18.95
CA ASN A 241 -30.43 -14.72 -18.24
C ASN A 241 -30.05 -15.19 -16.83
N ASN A 242 -30.27 -16.47 -16.53
CA ASN A 242 -30.00 -17.07 -15.22
C ASN A 242 -29.53 -18.48 -15.30
N ILE A 243 -28.78 -18.90 -14.30
CA ILE A 243 -28.37 -20.31 -14.14
C ILE A 243 -28.70 -20.73 -12.72
N ARG A 244 -29.25 -21.91 -12.56
CA ARG A 244 -29.60 -22.48 -11.26
C ARG A 244 -28.89 -23.81 -11.10
N ALA A 245 -28.29 -24.02 -9.91
CA ALA A 245 -27.65 -25.28 -9.52
C ALA A 245 -28.25 -25.78 -8.20
N HIS A 246 -28.82 -27.00 -8.18
CA HIS A 246 -29.36 -27.64 -6.97
C HIS A 246 -28.44 -28.77 -6.60
N VAL A 247 -27.99 -28.78 -5.36
CA VAL A 247 -27.17 -29.84 -4.76
C VAL A 247 -27.75 -30.14 -3.38
N GLY A 248 -28.41 -31.30 -3.28
CA GLY A 248 -29.04 -31.72 -2.05
C GLY A 248 -29.99 -30.67 -1.55
N ASP A 249 -29.73 -30.12 -0.38
CA ASP A 249 -30.64 -29.10 0.20
C ASP A 249 -30.23 -27.64 -0.07
N PHE A 250 -29.35 -27.42 -1.06
CA PHE A 250 -28.88 -26.11 -1.45
C PHE A 250 -29.29 -25.77 -2.86
N ILE A 251 -29.69 -24.52 -3.08
CA ILE A 251 -30.08 -24.05 -4.40
C ILE A 251 -29.31 -22.77 -4.68
N PHE A 252 -28.47 -22.78 -5.73
CA PHE A 252 -27.74 -21.58 -6.13
C PHE A 252 -28.34 -21.00 -7.36
N THR A 253 -28.52 -19.66 -7.42
CA THR A 253 -29.01 -19.00 -8.63
C THR A 253 -28.10 -17.84 -8.93
N SER A 254 -27.78 -17.65 -10.21
CA SER A 254 -26.95 -16.54 -10.65
C SER A 254 -27.49 -15.91 -11.89
N LYS A 255 -27.28 -14.61 -12.01
CA LYS A 255 -27.59 -13.92 -13.25
C LYS A 255 -26.48 -14.30 -14.21
N LEU A 256 -26.73 -14.24 -15.53
CA LEU A 256 -25.69 -14.52 -16.53
C LEU A 256 -25.04 -13.22 -17.05
N VAL A 257 -23.88 -13.32 -17.72
CA VAL A 257 -23.22 -12.16 -18.33
C VAL A 257 -23.83 -11.94 -19.71
N ASP A 258 -24.31 -10.71 -19.93
CA ASP A 258 -24.95 -10.31 -21.16
C ASP A 258 -23.89 -9.89 -22.15
N GLY A 259 -23.49 -10.82 -23.02
CA GLY A 259 -22.46 -10.57 -24.01
C GLY A 259 -22.33 -11.70 -24.98
N ARG A 260 -21.60 -11.49 -26.08
CA ARG A 260 -21.36 -12.53 -27.06
C ARG A 260 -19.93 -13.02 -26.85
N PHE A 261 -19.81 -14.20 -26.28
CA PHE A 261 -18.52 -14.82 -26.03
C PHE A 261 -17.83 -15.05 -27.35
N PRO A 262 -16.51 -14.77 -27.44
CA PRO A 262 -15.79 -15.09 -28.70
C PRO A 262 -15.75 -16.57 -29.06
N ASP A 263 -15.55 -16.90 -30.38
CA ASP A 263 -15.52 -18.32 -30.77
C ASP A 263 -14.14 -18.98 -30.51
N TYR A 264 -14.13 -19.97 -29.63
CA TYR A 264 -12.91 -20.69 -29.26
C TYR A 264 -12.42 -21.58 -30.42
N ARG A 265 -13.37 -22.11 -31.20
CA ARG A 265 -13.09 -23.03 -32.28
C ARG A 265 -12.22 -22.39 -33.36
N ARG A 266 -12.15 -21.04 -33.41
CA ARG A 266 -11.37 -20.32 -34.40
CA ARG A 266 -11.37 -20.32 -34.41
C ARG A 266 -9.99 -19.91 -33.86
N VAL A 267 -9.79 -19.99 -32.52
CA VAL A 267 -8.49 -19.64 -31.94
C VAL A 267 -7.62 -20.89 -31.80
N LEU A 268 -8.23 -22.08 -31.91
CA LEU A 268 -7.46 -23.33 -31.83
C LEU A 268 -6.66 -23.45 -33.12
N PRO A 269 -5.33 -23.65 -33.02
CA PRO A 269 -4.54 -23.77 -34.25
C PRO A 269 -5.21 -24.70 -35.27
N LYS A 270 -5.54 -24.16 -36.46
CA LYS A 270 -6.32 -24.85 -37.47
C LYS A 270 -5.59 -26.06 -38.08
N ASN A 271 -4.28 -25.94 -38.29
CA ASN A 271 -3.48 -27.05 -38.83
C ASN A 271 -2.03 -26.88 -38.35
N PRO A 272 -1.72 -27.19 -37.08
CA PRO A 272 -0.34 -27.03 -36.62
C PRO A 272 0.57 -28.04 -37.28
N ASP A 273 1.74 -27.59 -37.76
CA ASP A 273 2.68 -28.49 -38.43
C ASP A 273 3.78 -28.98 -37.51
N LYS A 274 4.05 -28.24 -36.42
CA LYS A 274 5.08 -28.59 -35.47
C LYS A 274 4.52 -29.25 -34.19
N HIS A 275 5.05 -30.43 -33.82
CA HIS A 275 4.59 -31.16 -32.63
C HIS A 275 5.75 -31.48 -31.68
N LEU A 276 5.62 -31.09 -30.42
CA LEU A 276 6.61 -31.29 -29.38
C LEU A 276 6.03 -32.17 -28.26
N GLU A 277 6.81 -33.13 -27.75
CA GLU A 277 6.38 -33.89 -26.59
C GLU A 277 7.46 -33.82 -25.52
N ALA A 278 7.07 -33.67 -24.26
CA ALA A 278 8.01 -33.59 -23.14
C ALA A 278 7.34 -34.04 -21.86
N GLY A 279 8.15 -34.31 -20.84
CA GLY A 279 7.65 -34.67 -19.51
C GLY A 279 7.08 -33.43 -18.88
N CYS A 280 5.84 -33.51 -18.40
CA CYS A 280 5.19 -32.37 -17.79
C CYS A 280 6.02 -31.73 -16.67
N ASP A 281 6.48 -32.51 -15.68
CA ASP A 281 7.25 -31.95 -14.57
C ASP A 281 8.62 -31.36 -14.94
N LEU A 282 9.37 -31.99 -15.84
CA LEU A 282 10.67 -31.45 -16.21
C LEU A 282 10.52 -30.14 -16.95
N LEU A 283 9.46 -30.02 -17.77
CA LEU A 283 9.14 -28.83 -18.53
C LEU A 283 8.71 -27.70 -17.58
N LYS A 284 7.86 -28.03 -16.60
CA LYS A 284 7.39 -27.12 -15.57
C LYS A 284 8.55 -26.57 -14.72
N GLN A 285 9.42 -27.46 -14.23
CA GLN A 285 10.54 -27.08 -13.38
C GLN A 285 11.56 -26.21 -14.10
N ALA A 286 11.84 -26.50 -15.36
CA ALA A 286 12.77 -25.64 -16.08
C ALA A 286 12.15 -24.22 -16.19
N PHE A 287 10.86 -24.08 -16.77
CA PHE A 287 10.11 -22.82 -16.91
C PHE A 287 10.08 -22.03 -15.61
N ALA A 288 9.82 -22.71 -14.52
CA ALA A 288 9.81 -22.15 -13.19
C ALA A 288 11.19 -21.59 -12.79
N ARG A 289 12.30 -22.29 -13.18
CA ARG A 289 13.64 -21.75 -12.89
C ARG A 289 13.98 -20.60 -13.81
N ALA A 290 13.75 -20.73 -15.12
CA ALA A 290 13.97 -19.62 -16.05
C ALA A 290 13.19 -18.33 -15.63
N ALA A 291 11.94 -18.49 -15.12
CA ALA A 291 11.05 -17.42 -14.67
C ALA A 291 11.71 -16.50 -13.62
N ILE A 292 12.62 -17.04 -12.80
CA ILE A 292 13.26 -16.28 -11.73
C ILE A 292 13.99 -15.08 -12.30
N LEU A 293 14.58 -15.26 -13.49
CA LEU A 293 15.38 -14.20 -14.10
C LEU A 293 14.68 -13.55 -15.27
N SER A 294 13.37 -13.72 -15.38
CA SER A 294 12.54 -13.02 -16.38
C SER A 294 12.05 -11.69 -15.77
N ASN A 295 11.61 -10.76 -16.62
CA ASN A 295 11.11 -9.44 -16.25
C ASN A 295 9.89 -9.59 -15.33
N GLU A 296 9.95 -9.01 -14.11
CA GLU A 296 8.90 -9.06 -13.08
C GLU A 296 7.51 -8.65 -13.59
N LYS A 297 7.46 -7.63 -14.46
CA LYS A 297 6.22 -7.13 -15.04
C LYS A 297 5.72 -8.00 -16.23
N PHE A 298 6.58 -8.26 -17.24
CA PHE A 298 6.20 -8.92 -18.50
C PHE A 298 6.41 -10.42 -18.58
N ARG A 299 7.37 -10.97 -17.78
CA ARG A 299 7.53 -12.43 -17.58
C ARG A 299 7.82 -13.20 -18.87
N GLY A 300 8.45 -12.54 -19.85
CA GLY A 300 8.74 -13.16 -21.13
C GLY A 300 9.97 -14.05 -21.09
N VAL A 301 9.81 -15.24 -21.67
CA VAL A 301 10.86 -16.24 -21.86
C VAL A 301 10.92 -16.57 -23.33
N ARG A 302 12.08 -16.99 -23.80
CA ARG A 302 12.29 -17.36 -25.20
C ARG A 302 12.40 -18.84 -25.31
N LEU A 303 11.70 -19.42 -26.30
CA LEU A 303 11.66 -20.85 -26.62
C LEU A 303 12.32 -21.13 -27.93
N TYR A 304 13.41 -21.90 -27.94
CA TYR A 304 14.07 -22.28 -29.20
C TYR A 304 13.84 -23.79 -29.40
N VAL A 305 13.09 -24.16 -30.44
CA VAL A 305 12.87 -25.57 -30.69
C VAL A 305 13.71 -25.98 -31.87
N SER A 306 14.41 -27.11 -31.71
CA SER A 306 15.29 -27.70 -32.69
C SER A 306 15.16 -29.20 -32.53
N GLU A 307 15.78 -30.00 -33.41
CA GLU A 307 15.59 -31.46 -33.35
C GLU A 307 15.78 -32.04 -31.93
N ASN A 308 14.70 -32.65 -31.37
CA ASN A 308 14.70 -33.32 -30.06
C ASN A 308 15.27 -32.48 -28.92
N GLN A 309 15.11 -31.18 -29.01
CA GLN A 309 15.62 -30.30 -27.99
C GLN A 309 14.82 -29.00 -27.87
N LEU A 310 14.72 -28.51 -26.63
CA LEU A 310 14.12 -27.25 -26.28
C LEU A 310 15.10 -26.44 -25.42
N LYS A 311 15.32 -25.20 -25.79
CA LYS A 311 16.09 -24.26 -24.98
C LYS A 311 15.13 -23.11 -24.51
N ILE A 312 15.14 -22.82 -23.22
CA ILE A 312 14.35 -21.78 -22.62
C ILE A 312 15.31 -20.73 -22.08
N THR A 313 15.21 -19.47 -22.56
CA THR A 313 16.06 -18.43 -21.98
C THR A 313 15.21 -17.28 -21.41
N ALA A 314 15.72 -16.61 -20.40
CA ALA A 314 15.09 -15.45 -19.79
C ALA A 314 16.13 -14.43 -19.40
N ASN A 315 15.78 -13.15 -19.43
CA ASN A 315 16.63 -12.07 -18.95
C ASN A 315 15.81 -10.88 -18.44
N ASN A 316 16.42 -10.09 -17.58
CA ASN A 316 15.70 -8.98 -16.98
C ASN A 316 16.43 -7.64 -17.22
N PRO A 317 15.82 -6.50 -16.83
CA PRO A 317 16.50 -5.20 -17.01
C PRO A 317 17.90 -5.13 -16.39
N GLU A 318 18.15 -5.91 -15.30
CA GLU A 318 19.45 -5.94 -14.63
C GLU A 318 20.51 -6.70 -15.46
N GLN A 319 20.09 -7.28 -16.62
CA GLN A 319 20.93 -8.05 -17.54
C GLN A 319 21.31 -9.41 -17.00
N GLU A 320 20.54 -9.93 -16.02
CA GLU A 320 20.72 -11.27 -15.50
C GLU A 320 20.11 -12.22 -16.47
N GLU A 321 20.68 -13.42 -16.61
CA GLU A 321 20.18 -14.36 -17.61
C GLU A 321 20.08 -15.79 -17.07
N ALA A 322 19.05 -16.52 -17.53
CA ALA A 322 18.80 -17.92 -17.15
C ALA A 322 18.77 -18.65 -18.46
N GLU A 323 19.13 -19.93 -18.42
CA GLU A 323 19.08 -20.79 -19.58
C GLU A 323 18.86 -22.22 -19.11
N GLU A 324 17.94 -22.93 -19.76
CA GLU A 324 17.65 -24.32 -19.48
C GLU A 324 17.59 -25.04 -20.82
N ILE A 325 18.22 -26.24 -20.87
CA ILE A 325 18.18 -27.08 -22.07
C ILE A 325 17.55 -28.41 -21.72
N LEU A 326 16.63 -28.89 -22.57
CA LEU A 326 15.91 -30.12 -22.31
C LEU A 326 15.87 -31.02 -23.49
N ASP A 327 15.74 -32.33 -23.23
CA ASP A 327 15.53 -33.33 -24.26
C ASP A 327 14.04 -33.50 -24.42
N VAL A 328 13.57 -33.32 -25.64
CA VAL A 328 12.16 -33.41 -25.96
C VAL A 328 12.01 -34.28 -27.22
N THR A 329 10.78 -34.62 -27.58
CA THR A 329 10.52 -35.36 -28.80
C THR A 329 10.03 -34.37 -29.82
N TYR A 330 10.93 -33.90 -30.67
CA TYR A 330 10.59 -32.92 -31.69
C TYR A 330 11.32 -33.17 -33.02
N SER A 331 10.56 -33.29 -34.08
CA SER A 331 11.10 -33.39 -35.43
C SER A 331 10.27 -32.43 -36.30
N GLY A 332 10.93 -31.38 -36.76
CA GLY A 332 10.32 -30.31 -37.53
C GLY A 332 11.28 -29.15 -37.67
N ALA A 333 10.81 -28.03 -38.23
CA ALA A 333 11.64 -26.85 -38.44
C ALA A 333 12.00 -26.13 -37.15
N GLU A 334 13.24 -25.63 -37.07
CA GLU A 334 13.69 -24.87 -35.91
C GLU A 334 12.90 -23.57 -35.83
N MET A 335 12.56 -23.13 -34.60
CA MET A 335 11.76 -21.93 -34.40
C MET A 335 12.05 -21.27 -33.07
N GLU A 336 11.94 -19.96 -33.04
CA GLU A 336 12.12 -19.15 -31.84
C GLU A 336 10.77 -18.47 -31.57
N ILE A 337 10.27 -18.60 -30.32
CA ILE A 337 8.94 -18.07 -29.93
C ILE A 337 8.97 -17.55 -28.48
N GLY A 338 8.37 -16.38 -28.26
CA GLY A 338 8.32 -15.75 -26.94
C GLY A 338 7.02 -16.06 -26.22
N PHE A 339 7.10 -16.16 -24.86
CA PHE A 339 5.90 -16.47 -24.09
C PHE A 339 5.93 -15.81 -22.74
N ASN A 340 4.74 -15.53 -22.18
CA ASN A 340 4.62 -15.08 -20.81
C ASN A 340 4.75 -16.39 -20.04
N VAL A 341 5.82 -16.53 -19.25
CA VAL A 341 6.11 -17.79 -18.58
C VAL A 341 5.00 -18.17 -17.56
N SER A 342 4.32 -17.16 -16.98
CA SER A 342 3.20 -17.40 -16.05
C SER A 342 2.05 -18.10 -16.75
N TYR A 343 1.78 -17.77 -18.02
CA TYR A 343 0.69 -18.41 -18.76
C TYR A 343 1.01 -19.84 -19.03
N VAL A 344 2.30 -20.16 -19.27
CA VAL A 344 2.77 -21.53 -19.58
C VAL A 344 2.72 -22.37 -18.32
N LEU A 345 3.23 -21.81 -17.20
CA LEU A 345 3.24 -22.45 -15.90
C LEU A 345 1.84 -22.76 -15.41
N ASP A 346 0.88 -21.86 -15.66
CA ASP A 346 -0.53 -22.04 -15.33
C ASP A 346 -1.09 -23.26 -16.04
N VAL A 347 -0.79 -23.41 -17.33
CA VAL A 347 -1.24 -24.56 -18.13
C VAL A 347 -0.62 -25.88 -17.61
N LEU A 348 0.70 -25.90 -17.35
CA LEU A 348 1.39 -27.10 -16.88
C LEU A 348 0.92 -27.53 -15.51
N ASN A 349 0.64 -26.58 -14.62
CA ASN A 349 0.11 -26.87 -13.30
C ASN A 349 -1.35 -27.34 -13.41
N ALA A 350 -2.08 -26.96 -14.52
CA ALA A 350 -3.49 -27.41 -14.72
C ALA A 350 -3.51 -28.82 -15.18
N LEU A 351 -2.54 -29.15 -16.02
CA LEU A 351 -2.35 -30.46 -16.62
C LEU A 351 -1.59 -31.24 -15.59
N LYS A 352 -2.27 -32.01 -14.74
CA LYS A 352 -1.58 -32.74 -13.68
C LYS A 352 -1.24 -34.13 -14.22
N CYS A 353 -0.35 -34.20 -15.24
CA CYS A 353 -0.07 -35.39 -16.02
C CYS A 353 1.40 -35.73 -16.12
N GLU A 354 1.72 -36.81 -16.86
CA GLU A 354 3.07 -37.33 -17.08
C GLU A 354 3.74 -36.67 -18.27
N ASN A 355 3.00 -36.54 -19.40
CA ASN A 355 3.58 -35.97 -20.61
C ASN A 355 2.70 -34.90 -21.22
N VAL A 356 3.33 -33.87 -21.83
CA VAL A 356 2.61 -32.78 -22.49
C VAL A 356 2.91 -32.77 -23.98
N ARG A 357 1.91 -32.44 -24.78
CA ARG A 357 2.05 -32.26 -26.21
C ARG A 357 1.88 -30.75 -26.51
N MET A 358 2.83 -30.16 -27.26
CA MET A 358 2.75 -28.77 -27.70
C MET A 358 2.61 -28.72 -29.22
N MET A 359 1.60 -28.00 -29.73
CA MET A 359 1.42 -27.86 -31.16
C MET A 359 1.63 -26.43 -31.59
N LEU A 360 2.65 -26.18 -32.45
CA LEU A 360 3.05 -24.86 -32.94
C LEU A 360 2.88 -24.72 -34.45
N THR A 361 3.04 -23.50 -34.96
CA THR A 361 2.97 -23.16 -36.39
C THR A 361 4.14 -22.20 -36.71
N ASP A 362 4.12 -20.99 -36.10
CA ASP A 362 5.15 -19.97 -36.25
C ASP A 362 5.26 -19.13 -35.01
N SER A 363 6.23 -18.22 -35.02
CA SER A 363 6.57 -17.36 -33.87
C SER A 363 5.50 -16.29 -33.51
N VAL A 364 4.55 -16.02 -34.40
CA VAL A 364 3.52 -15.00 -34.15
C VAL A 364 2.12 -15.60 -33.94
N SER A 365 2.02 -16.93 -33.87
CA SER A 365 0.74 -17.63 -33.76
C SER A 365 0.63 -18.44 -32.49
N SER A 366 -0.61 -18.67 -32.02
CA SER A 366 -0.89 -19.41 -30.80
C SER A 366 -0.29 -20.80 -30.78
N VAL A 367 -0.01 -21.32 -29.58
CA VAL A 367 0.44 -22.68 -29.37
C VAL A 367 -0.67 -23.44 -28.61
N GLN A 368 -0.94 -24.68 -29.00
CA GLN A 368 -1.89 -25.50 -28.27
C GLN A 368 -1.13 -26.45 -27.36
N ILE A 369 -1.50 -26.50 -26.08
CA ILE A 369 -0.85 -27.39 -25.13
C ILE A 369 -1.91 -28.35 -24.60
N GLU A 370 -1.58 -29.63 -24.52
CA GLU A 370 -2.50 -30.61 -23.92
C GLU A 370 -1.74 -31.76 -23.29
N ASP A 371 -2.45 -32.62 -22.56
CA ASP A 371 -1.89 -33.86 -22.01
C ASP A 371 -1.66 -34.73 -23.23
N ALA A 372 -0.50 -35.41 -23.30
CA ALA A 372 -0.18 -36.24 -24.45
C ALA A 372 -1.10 -37.48 -24.53
N ALA A 373 -1.80 -37.80 -23.41
CA ALA A 373 -2.68 -38.96 -23.31
C ALA A 373 -4.17 -38.64 -23.12
N SER A 374 -4.57 -37.38 -23.24
CA SER A 374 -5.97 -36.94 -23.05
C SER A 374 -6.25 -35.69 -23.82
N GLN A 375 -7.39 -35.64 -24.48
CA GLN A 375 -7.74 -34.46 -25.24
C GLN A 375 -8.95 -33.72 -24.59
N SER A 376 -9.51 -34.29 -23.47
CA SER A 376 -10.69 -33.72 -22.78
C SER A 376 -10.56 -32.24 -22.43
N ALA A 377 -9.29 -31.81 -22.20
CA ALA A 377 -8.88 -30.41 -21.97
C ALA A 377 -7.80 -29.97 -22.98
N ALA A 378 -7.93 -28.77 -23.49
CA ALA A 378 -6.94 -28.18 -24.39
C ALA A 378 -6.69 -26.72 -23.97
N TYR A 379 -5.40 -26.28 -24.05
CA TYR A 379 -4.99 -24.93 -23.68
C TYR A 379 -4.34 -24.25 -24.89
N VAL A 380 -4.66 -22.96 -25.12
CA VAL A 380 -4.13 -22.16 -26.21
C VAL A 380 -3.44 -20.95 -25.62
N VAL A 381 -2.13 -20.80 -25.87
CA VAL A 381 -1.40 -19.65 -25.36
C VAL A 381 -0.86 -18.84 -26.53
N MET A 382 -1.14 -17.52 -26.51
CA MET A 382 -0.70 -16.59 -27.55
C MET A 382 0.72 -16.12 -27.22
N PRO A 383 1.63 -16.09 -28.21
CA PRO A 383 2.99 -15.62 -27.91
C PRO A 383 3.15 -14.10 -27.73
N MET A 384 4.34 -13.71 -27.24
CA MET A 384 4.85 -12.36 -27.10
C MET A 384 5.94 -12.23 -28.18
N ARG A 385 6.18 -11.02 -28.70
CA ARG A 385 7.30 -10.81 -29.62
C ARG A 385 8.47 -10.42 -28.72
N LEU A 386 9.55 -11.26 -28.68
CA LEU A 386 10.75 -11.17 -27.82
C LEU A 386 10.41 -11.22 -26.29
N SER B 19 -38.02 9.00 -4.25
CA SER B 19 -38.21 10.33 -3.66
C SER B 19 -38.40 11.31 -4.79
N HIS B 20 -38.97 12.49 -4.49
CA HIS B 20 -39.23 13.48 -5.51
C HIS B 20 -38.28 14.70 -5.46
N MET B 21 -37.19 14.60 -4.71
CA MET B 21 -36.19 15.66 -4.61
C MET B 21 -35.83 16.21 -5.92
N LYS B 22 -35.84 17.53 -5.99
CA LYS B 22 -35.52 18.31 -7.18
C LYS B 22 -35.00 19.69 -6.75
N PHE B 23 -33.93 20.16 -7.39
CA PHE B 23 -33.33 21.49 -7.22
C PHE B 23 -32.50 21.84 -8.45
N THR B 24 -32.40 23.14 -8.77
CA THR B 24 -31.53 23.72 -9.81
C THR B 24 -30.76 24.83 -9.10
N VAL B 25 -29.41 24.75 -9.06
CA VAL B 25 -28.52 25.68 -8.37
C VAL B 25 -27.38 25.99 -9.31
N GLU B 26 -26.69 27.12 -9.07
CA GLU B 26 -25.59 27.52 -9.91
C GLU B 26 -24.33 26.86 -9.41
N ARG B 27 -23.45 26.48 -10.34
CA ARG B 27 -22.18 25.81 -10.07
C ARG B 27 -21.45 26.42 -8.92
N GLU B 28 -21.35 27.77 -8.90
CA GLU B 28 -20.55 28.47 -7.89
C GLU B 28 -21.15 28.40 -6.50
N HIS B 29 -22.45 28.09 -6.37
CA HIS B 29 -23.06 27.96 -5.07
C HIS B 29 -22.84 26.56 -4.49
N LEU B 30 -22.36 25.61 -5.31
CA LEU B 30 -22.16 24.23 -4.82
C LEU B 30 -20.70 23.90 -4.55
N LEU B 31 -19.76 24.57 -5.22
CA LEU B 31 -18.34 24.21 -5.15
C LEU B 31 -17.69 24.19 -3.75
N LYS B 32 -17.73 25.31 -3.02
CA LYS B 32 -17.11 25.35 -1.70
C LYS B 32 -17.85 24.43 -0.75
N PRO B 33 -19.23 24.47 -0.72
CA PRO B 33 -19.96 23.51 0.13
C PRO B 33 -19.60 22.05 -0.15
N LEU B 34 -19.51 21.64 -1.43
CA LEU B 34 -19.17 20.24 -1.77
C LEU B 34 -17.75 19.86 -1.30
N GLN B 35 -16.79 20.72 -1.58
CA GLN B 35 -15.41 20.55 -1.11
C GLN B 35 -15.33 20.54 0.44
N GLN B 36 -16.19 21.31 1.13
CA GLN B 36 -16.16 21.30 2.59
C GLN B 36 -16.76 20.01 3.18
N VAL B 37 -17.96 19.60 2.71
CA VAL B 37 -18.62 18.40 3.27
C VAL B 37 -17.88 17.09 2.88
N SER B 38 -17.06 17.14 1.83
CA SER B 38 -16.25 16.00 1.41
C SER B 38 -15.01 15.85 2.30
N GLY B 39 -14.80 16.81 3.18
CA GLY B 39 -13.71 16.86 4.15
C GLY B 39 -13.59 15.61 5.00
N PRO B 40 -14.62 15.29 5.87
CA PRO B 40 -14.53 14.05 6.71
C PRO B 40 -14.31 12.73 5.95
N LEU B 41 -14.54 12.72 4.63
CA LEU B 41 -14.45 11.53 3.76
C LEU B 41 -13.04 11.05 3.46
N GLY B 42 -12.80 9.80 3.76
CA GLY B 42 -11.51 9.19 3.46
C GLY B 42 -11.52 8.41 2.15
N GLY B 43 -10.32 7.96 1.80
CA GLY B 43 -10.08 7.08 0.67
C GLY B 43 -10.24 5.68 1.24
N ARG B 44 -10.85 4.77 0.46
CA ARG B 44 -11.21 3.42 0.91
C ARG B 44 -12.21 3.43 2.09
N PRO B 45 -13.46 3.92 1.90
CA PRO B 45 -14.44 3.88 3.02
C PRO B 45 -14.82 2.45 3.43
N THR B 46 -14.95 2.22 4.74
CA THR B 46 -15.36 0.90 5.25
C THR B 46 -16.72 0.47 4.66
N LEU B 47 -17.72 1.37 4.73
CA LEU B 47 -19.05 1.18 4.19
C LEU B 47 -19.18 2.06 2.94
N PRO B 48 -19.76 1.52 1.83
CA PRO B 48 -19.91 2.33 0.61
C PRO B 48 -20.65 3.68 0.77
N ILE B 49 -21.65 3.77 1.66
CA ILE B 49 -22.40 5.01 1.89
C ILE B 49 -21.53 6.12 2.47
N LEU B 50 -20.48 5.76 3.20
CA LEU B 50 -19.54 6.73 3.73
C LEU B 50 -18.71 7.40 2.65
N GLY B 51 -18.88 7.01 1.38
CA GLY B 51 -18.19 7.66 0.24
C GLY B 51 -19.12 8.63 -0.47
N ASN B 52 -20.29 8.77 0.12
CA ASN B 52 -21.44 9.48 -0.40
C ASN B 52 -21.78 10.71 0.43
N LEU B 53 -22.45 11.69 -0.21
CA LEU B 53 -22.92 12.86 0.54
C LEU B 53 -24.42 12.77 0.63
N LEU B 54 -24.98 13.05 1.81
CA LEU B 54 -26.45 13.12 1.95
C LEU B 54 -26.95 14.49 1.39
N LEU B 55 -27.82 14.46 0.37
CA LEU B 55 -28.44 15.66 -0.21
C LEU B 55 -29.86 15.73 0.32
N GLN B 56 -30.23 16.80 0.96
CA GLN B 56 -31.58 16.96 1.47
C GLN B 56 -32.16 18.31 1.04
N VAL B 57 -33.38 18.31 0.47
CA VAL B 57 -34.12 19.53 0.11
C VAL B 57 -35.31 19.62 1.08
N ALA B 58 -35.35 20.69 1.85
CA ALA B 58 -36.38 20.97 2.85
C ALA B 58 -36.57 22.52 2.80
N ASP B 59 -37.81 22.95 2.52
CA ASP B 59 -38.18 24.36 2.33
C ASP B 59 -37.38 24.94 1.18
N GLY B 60 -36.70 26.06 1.37
CA GLY B 60 -35.89 26.65 0.30
C GLY B 60 -34.42 26.47 0.55
N THR B 61 -34.06 25.33 1.16
CA THR B 61 -32.68 25.04 1.53
C THR B 61 -32.30 23.67 1.05
N LEU B 62 -31.10 23.55 0.49
CA LEU B 62 -30.46 22.29 0.17
C LEU B 62 -29.35 22.08 1.24
N SER B 63 -29.38 20.95 1.98
CA SER B 63 -28.32 20.62 2.95
C SER B 63 -27.47 19.48 2.41
N LEU B 64 -26.18 19.58 2.59
CA LEU B 64 -25.23 18.57 2.15
C LEU B 64 -24.46 18.12 3.37
N THR B 65 -24.42 16.80 3.63
CA THR B 65 -23.70 16.23 4.79
C THR B 65 -22.68 15.20 4.35
N GLY B 66 -21.54 15.25 4.97
CA GLY B 66 -20.51 14.25 4.82
C GLY B 66 -20.15 13.69 6.20
N THR B 67 -20.00 12.39 6.34
CA THR B 67 -19.64 11.76 7.59
C THR B 67 -18.54 10.70 7.45
N ASP B 68 -17.99 10.27 8.56
CA ASP B 68 -17.05 9.16 8.64
C ASP B 68 -17.41 8.32 9.88
N LEU B 69 -18.67 8.49 10.38
CA LEU B 69 -19.22 7.91 11.62
C LEU B 69 -18.82 8.66 12.86
N GLU B 70 -17.59 9.17 12.91
CA GLU B 70 -17.07 9.88 14.09
C GLU B 70 -17.41 11.38 14.06
N MET B 71 -17.48 11.95 12.87
CA MET B 71 -17.81 13.35 12.69
C MET B 71 -18.59 13.59 11.44
N GLU B 72 -19.22 14.76 11.38
CA GLU B 72 -19.95 15.18 10.22
C GLU B 72 -19.80 16.68 9.89
N MET B 73 -19.87 16.98 8.60
CA MET B 73 -19.83 18.33 8.12
C MET B 73 -21.09 18.56 7.33
N VAL B 74 -21.89 19.58 7.72
CA VAL B 74 -23.11 20.00 7.04
C VAL B 74 -22.89 21.39 6.39
N ALA B 75 -23.45 21.57 5.17
CA ALA B 75 -23.48 22.84 4.45
C ALA B 75 -24.89 23.13 4.02
N ARG B 76 -25.35 24.40 4.11
CA ARG B 76 -26.67 24.79 3.65
C ARG B 76 -26.55 25.75 2.47
N VAL B 77 -27.35 25.49 1.42
CA VAL B 77 -27.40 26.25 0.18
C VAL B 77 -28.85 26.72 -0.04
N ALA B 78 -29.04 28.02 -0.30
CA ALA B 78 -30.34 28.63 -0.50
C ALA B 78 -30.81 28.26 -1.90
N LEU B 79 -32.05 27.86 -1.99
CA LEU B 79 -32.71 27.46 -3.23
C LEU B 79 -33.79 28.48 -3.58
N VAL B 80 -33.49 29.34 -4.53
CA VAL B 80 -34.45 30.36 -4.94
C VAL B 80 -35.32 29.84 -6.12
N GLN B 81 -34.72 29.00 -6.99
CA GLN B 81 -35.38 28.41 -8.15
C GLN B 81 -36.34 27.26 -7.74
N PRO B 82 -37.30 26.89 -8.62
CA PRO B 82 -38.23 25.78 -8.26
C PRO B 82 -37.54 24.50 -7.82
N HIS B 83 -38.10 23.90 -6.78
CA HIS B 83 -37.52 22.73 -6.12
C HIS B 83 -38.60 21.90 -5.47
N GLU B 84 -38.26 20.65 -5.12
CA GLU B 84 -39.14 19.69 -4.46
C GLU B 84 -38.40 19.08 -3.32
N PRO B 85 -39.05 18.92 -2.14
CA PRO B 85 -38.36 18.25 -1.02
C PRO B 85 -38.08 16.74 -1.24
N GLY B 86 -37.05 16.27 -0.59
CA GLY B 86 -36.61 14.90 -0.70
C GLY B 86 -35.17 14.76 -0.26
N ALA B 87 -34.70 13.53 -0.19
CA ALA B 87 -33.33 13.25 0.21
C ALA B 87 -32.79 12.02 -0.50
N THR B 88 -31.48 11.93 -0.60
CA THR B 88 -30.79 10.79 -1.22
C THR B 88 -29.34 10.93 -0.90
N THR B 89 -28.49 9.97 -1.28
CA THR B 89 -27.04 10.10 -1.09
C THR B 89 -26.36 9.83 -2.42
N VAL B 90 -25.28 10.54 -2.71
CA VAL B 90 -24.66 10.48 -4.02
C VAL B 90 -23.13 10.44 -3.90
N PRO B 91 -22.41 9.69 -4.76
CA PRO B 91 -20.94 9.67 -4.64
C PRO B 91 -20.37 11.10 -4.58
N ALA B 92 -19.63 11.41 -3.52
CA ALA B 92 -19.13 12.75 -3.26
C ALA B 92 -18.13 13.29 -4.28
N ARG B 93 -17.02 12.61 -4.47
CA ARG B 93 -16.02 13.04 -5.44
C ARG B 93 -16.61 13.19 -6.84
N LYS B 94 -17.44 12.21 -7.30
CA LYS B 94 -18.01 12.28 -8.65
C LYS B 94 -18.91 13.50 -8.83
N PHE B 95 -19.73 13.80 -7.83
CA PHE B 95 -20.68 14.91 -7.93
C PHE B 95 -19.91 16.22 -7.91
N PHE B 96 -18.93 16.35 -6.99
CA PHE B 96 -18.03 17.51 -6.97
C PHE B 96 -17.31 17.70 -8.31
N ASP B 97 -16.75 16.65 -8.84
CA ASP B 97 -16.00 16.70 -10.12
C ASP B 97 -16.87 17.08 -11.29
N ILE B 98 -18.16 16.66 -11.30
CA ILE B 98 -19.10 17.03 -12.36
C ILE B 98 -19.39 18.49 -12.31
N CYS B 99 -19.72 18.99 -11.09
CA CYS B 99 -19.96 20.41 -10.80
C CYS B 99 -18.75 21.29 -11.11
N ARG B 100 -17.58 20.91 -10.59
CA ARG B 100 -16.35 21.63 -10.85
C ARG B 100 -16.02 21.62 -12.34
N GLY B 101 -16.35 20.55 -13.05
CA GLY B 101 -16.03 20.44 -14.48
C GLY B 101 -16.93 21.22 -15.37
N LEU B 102 -18.11 21.58 -14.90
CA LEU B 102 -19.04 22.34 -15.74
C LEU B 102 -18.61 23.78 -15.94
N PRO B 103 -18.97 24.44 -17.07
CA PRO B 103 -18.53 25.85 -17.27
C PRO B 103 -18.93 26.79 -16.14
N GLU B 104 -18.21 27.92 -15.99
CA GLU B 104 -18.50 28.94 -15.00
C GLU B 104 -19.95 29.44 -15.18
N GLY B 105 -20.70 29.56 -14.11
CA GLY B 105 -22.09 29.98 -14.17
C GLY B 105 -23.08 28.90 -14.54
N ALA B 106 -22.61 27.67 -14.68
CA ALA B 106 -23.46 26.54 -15.08
C ALA B 106 -24.62 26.24 -14.10
N GLU B 107 -25.85 26.19 -14.67
CA GLU B 107 -27.07 25.91 -13.92
C GLU B 107 -27.18 24.41 -13.84
N ILE B 108 -27.08 23.86 -12.65
CA ILE B 108 -27.09 22.43 -12.41
C ILE B 108 -28.44 21.95 -11.92
N ALA B 109 -29.21 21.33 -12.83
CA ALA B 109 -30.54 20.82 -12.53
C ALA B 109 -30.44 19.35 -12.08
N VAL B 110 -30.81 19.10 -10.84
CA VAL B 110 -30.77 17.78 -10.24
C VAL B 110 -32.20 17.27 -9.98
N GLN B 111 -32.43 15.99 -10.29
CA GLN B 111 -33.69 15.28 -9.98
C GLN B 111 -33.47 13.79 -9.76
N LEU B 112 -34.25 13.21 -8.88
CA LEU B 112 -34.18 11.80 -8.59
C LEU B 112 -35.10 11.01 -9.54
N GLU B 113 -34.58 9.90 -10.05
CA GLU B 113 -35.29 8.99 -10.93
C GLU B 113 -35.07 7.56 -10.43
N GLY B 114 -35.61 7.30 -9.25
CA GLY B 114 -35.53 5.99 -8.62
C GLY B 114 -34.27 5.81 -7.81
N GLU B 115 -33.37 4.98 -8.33
CA GLU B 115 -32.09 4.72 -7.67
C GLU B 115 -30.95 5.45 -8.42
N ARG B 116 -31.34 6.46 -9.18
CA ARG B 116 -30.45 7.28 -9.98
C ARG B 116 -30.75 8.74 -9.70
N MET B 117 -29.70 9.57 -9.64
CA MET B 117 -29.85 11.02 -9.53
C MET B 117 -29.36 11.54 -10.81
N LEU B 118 -30.26 12.22 -11.50
CA LEU B 118 -30.01 12.86 -12.78
C LEU B 118 -29.51 14.27 -12.59
N VAL B 119 -28.39 14.58 -13.27
CA VAL B 119 -27.76 15.88 -13.23
C VAL B 119 -27.68 16.39 -14.67
N ARG B 120 -28.31 17.54 -14.93
CA ARG B 120 -28.30 18.11 -16.26
C ARG B 120 -27.88 19.54 -16.19
N SER B 121 -27.06 19.93 -17.12
CA SER B 121 -26.61 21.29 -17.25
C SER B 121 -26.21 21.45 -18.71
N GLY B 122 -26.84 22.40 -19.42
CA GLY B 122 -26.63 22.60 -20.85
C GLY B 122 -26.96 21.32 -21.60
N ARG B 123 -25.99 20.82 -22.40
CA ARG B 123 -26.15 19.53 -23.12
C ARG B 123 -25.31 18.43 -22.50
N SER B 124 -25.04 18.55 -21.18
CA SER B 124 -24.32 17.59 -20.37
C SER B 124 -25.33 16.86 -19.49
N ARG B 125 -25.24 15.55 -19.42
CA ARG B 125 -26.20 14.76 -18.70
C ARG B 125 -25.43 13.68 -17.92
N PHE B 126 -25.75 13.53 -16.65
CA PHE B 126 -25.08 12.54 -15.81
C PHE B 126 -26.12 11.83 -15.02
N SER B 127 -25.96 10.53 -14.89
CA SER B 127 -26.87 9.67 -14.14
C SER B 127 -26.01 8.93 -13.14
N LEU B 128 -26.14 9.29 -11.85
CA LEU B 128 -25.39 8.80 -10.70
C LEU B 128 -26.20 7.83 -9.93
N SER B 129 -25.50 6.86 -9.34
CA SER B 129 -26.13 5.83 -8.54
C SER B 129 -26.20 6.34 -7.09
N THR B 130 -27.33 6.06 -6.45
CA THR B 130 -27.61 6.53 -5.11
C THR B 130 -27.70 5.41 -4.10
N LEU B 131 -27.73 5.74 -2.78
CA LEU B 131 -28.02 4.80 -1.68
C LEU B 131 -29.06 5.47 -0.82
N PRO B 132 -29.98 4.71 -0.18
CA PRO B 132 -31.07 5.38 0.56
C PRO B 132 -30.57 6.38 1.59
N ALA B 133 -31.20 7.56 1.62
CA ALA B 133 -30.97 8.60 2.64
C ALA B 133 -31.15 8.00 4.04
N ALA B 134 -32.15 7.07 4.23
CA ALA B 134 -32.43 6.39 5.49
C ALA B 134 -31.25 5.59 6.01
N ASP B 135 -30.33 5.19 5.13
CA ASP B 135 -29.15 4.44 5.53
C ASP B 135 -28.01 5.33 5.97
N PHE B 136 -28.12 6.64 5.73
CA PHE B 136 -27.07 7.57 6.07
C PHE B 136 -26.88 7.73 7.59
N PRO B 137 -25.60 7.60 8.05
CA PRO B 137 -25.32 7.69 9.49
C PRO B 137 -25.55 9.07 10.07
N ASN B 138 -26.36 9.15 11.13
CA ASN B 138 -26.68 10.42 11.81
C ASN B 138 -26.09 10.39 13.22
N LEU B 139 -25.65 11.51 13.75
CA LEU B 139 -25.04 11.54 15.09
C LEU B 139 -26.16 11.67 16.10
N ASP B 140 -26.02 10.98 17.26
CA ASP B 140 -27.06 10.97 18.30
C ASP B 140 -27.27 12.38 18.86
N ASP B 141 -28.53 12.76 19.13
CA ASP B 141 -28.84 14.06 19.73
C ASP B 141 -28.12 14.26 21.05
N TRP B 142 -27.83 15.51 21.37
CA TRP B 142 -27.08 15.85 22.56
C TRP B 142 -27.41 17.28 22.92
N GLN B 143 -27.03 17.70 24.14
CA GLN B 143 -27.25 19.06 24.59
C GLN B 143 -25.92 19.72 24.91
N SER B 144 -25.78 20.96 24.42
CA SER B 144 -24.63 21.81 24.63
C SER B 144 -24.58 22.26 26.12
N GLU B 145 -23.35 22.33 26.67
CA GLU B 145 -23.07 22.75 28.05
C GLU B 145 -22.31 24.06 28.08
N VAL B 146 -21.36 24.24 27.13
CA VAL B 146 -20.54 25.44 27.01
C VAL B 146 -20.76 26.01 25.62
N GLU B 147 -20.99 27.32 25.48
CA GLU B 147 -21.19 27.97 24.18
C GLU B 147 -20.40 29.29 24.09
N PHE B 148 -19.81 29.62 22.93
CA PHE B 148 -18.96 30.83 22.77
C PHE B 148 -18.62 31.16 21.38
N THR B 149 -18.29 32.40 21.14
CA THR B 149 -17.93 32.95 19.84
C THR B 149 -16.47 33.38 19.88
N LEU B 150 -15.80 33.37 18.73
CA LEU B 150 -14.41 33.77 18.62
C LEU B 150 -14.07 34.00 17.14
N PRO B 151 -13.05 34.80 16.83
CA PRO B 151 -12.66 34.93 15.41
C PRO B 151 -12.02 33.62 14.94
N GLN B 152 -12.22 33.27 13.66
CA GLN B 152 -11.62 32.08 13.05
C GLN B 152 -10.13 32.04 13.31
N ALA B 153 -9.46 33.21 13.15
CA ALA B 153 -8.02 33.38 13.32
C ALA B 153 -7.52 32.96 14.68
N THR B 154 -8.31 33.19 15.74
CA THR B 154 -7.94 32.77 17.10
C THR B 154 -7.92 31.24 17.21
N MET B 155 -8.96 30.58 16.62
CA MET B 155 -9.07 29.12 16.59
C MET B 155 -7.95 28.48 15.75
N LYS B 156 -7.68 29.08 14.58
CA LYS B 156 -6.60 28.66 13.70
C LYS B 156 -5.25 28.77 14.41
N ARG B 157 -5.04 29.83 15.21
CA ARG B 157 -3.77 30.01 15.94
C ARG B 157 -3.69 29.07 17.14
N LEU B 158 -4.80 28.83 17.82
CA LEU B 158 -4.81 27.83 18.92
C LEU B 158 -4.45 26.39 18.44
N ILE B 159 -5.07 25.98 17.30
CA ILE B 159 -4.89 24.66 16.67
C ILE B 159 -3.47 24.55 16.07
N GLU B 160 -3.06 25.51 15.21
CA GLU B 160 -1.72 25.54 14.55
C GLU B 160 -0.57 25.47 15.54
N ALA B 161 -0.73 26.09 16.69
CA ALA B 161 0.30 26.15 17.72
C ALA B 161 0.58 24.80 18.36
N THR B 162 -0.40 23.89 18.35
CA THR B 162 -0.29 22.61 19.09
C THR B 162 -0.44 21.34 18.25
N GLN B 163 -1.06 21.44 17.04
CA GLN B 163 -1.45 20.25 16.29
C GLN B 163 -0.33 19.30 15.96
N PHE B 164 0.87 19.79 15.68
CA PHE B 164 1.98 18.92 15.32
C PHE B 164 2.34 17.96 16.45
N SER B 165 1.94 18.26 17.69
CA SER B 165 2.37 17.45 18.83
C SER B 165 1.41 16.32 19.15
N MET B 166 0.33 16.13 18.35
CA MET B 166 -0.66 15.08 18.67
C MET B 166 -0.07 13.74 18.34
N ALA B 167 -0.45 12.70 19.09
CA ALA B 167 -0.01 11.35 18.76
C ALA B 167 -0.80 10.96 17.49
N HIS B 168 -0.28 10.02 16.68
N HIS B 168 -0.30 10.01 16.67
CA HIS B 168 -0.94 9.64 15.42
CA HIS B 168 -1.04 9.65 15.47
C HIS B 168 -1.86 8.42 15.56
C HIS B 168 -1.92 8.42 15.67
N GLN B 169 -1.29 7.27 15.97
CA GLN B 169 -2.04 6.01 16.13
C GLN B 169 -1.54 5.30 17.35
N ASP B 170 -1.50 5.99 18.48
CA ASP B 170 -1.01 5.46 19.74
C ASP B 170 -2.07 4.58 20.41
N VAL B 171 -1.67 3.56 21.22
CA VAL B 171 -2.60 2.75 22.04
C VAL B 171 -3.25 3.63 23.12
N ARG B 172 -2.54 4.65 23.59
CA ARG B 172 -3.09 5.64 24.50
C ARG B 172 -3.91 6.53 23.56
N TYR B 173 -5.07 6.02 23.20
CA TYR B 173 -6.03 6.61 22.24
C TYR B 173 -6.43 8.04 22.62
N TYR B 174 -6.35 8.40 23.91
CA TYR B 174 -6.69 9.76 24.42
C TYR B 174 -5.60 10.77 24.00
N LEU B 175 -4.46 10.26 23.44
CA LEU B 175 -3.37 11.10 22.93
C LEU B 175 -3.55 11.41 21.46
N ASN B 176 -4.40 10.62 20.76
CA ASN B 176 -4.62 10.81 19.32
C ASN B 176 -5.67 11.91 19.09
N GLY B 177 -5.50 13.01 19.79
CA GLY B 177 -6.38 14.16 19.69
C GLY B 177 -5.79 15.35 20.41
N MET B 178 -6.59 16.41 20.52
CA MET B 178 -6.22 17.66 21.14
C MET B 178 -7.21 18.01 22.22
N LEU B 179 -6.69 18.33 23.41
CA LEU B 179 -7.52 18.82 24.50
C LEU B 179 -7.99 20.25 24.24
N PHE B 180 -9.30 20.50 24.38
CA PHE B 180 -9.88 21.85 24.32
C PHE B 180 -10.36 22.19 25.70
N GLU B 181 -9.77 23.22 26.34
CA GLU B 181 -10.09 23.57 27.72
C GLU B 181 -10.53 25.04 27.87
N THR B 182 -11.64 25.29 28.59
CA THR B 182 -12.11 26.65 28.89
C THR B 182 -11.82 26.97 30.37
N GLU B 183 -11.31 28.17 30.64
CA GLU B 183 -10.98 28.62 31.99
C GLU B 183 -11.03 30.14 32.01
N GLY B 184 -11.98 30.67 32.77
CA GLY B 184 -12.17 32.10 32.89
C GLY B 184 -12.63 32.72 31.59
N GLU B 185 -11.76 33.55 30.99
CA GLU B 185 -12.08 34.18 29.69
C GLU B 185 -11.20 33.60 28.57
N GLU B 186 -10.55 32.45 28.85
CA GLU B 186 -9.63 31.82 27.91
C GLU B 186 -10.07 30.48 27.35
N LEU B 187 -9.67 30.23 26.09
CA LEU B 187 -9.75 28.94 25.43
C LEU B 187 -8.31 28.44 25.29
N ARG B 188 -8.08 27.19 25.72
CA ARG B 188 -6.76 26.56 25.71
C ARG B 188 -6.78 25.26 24.89
N THR B 189 -5.71 24.97 24.11
CA THR B 189 -5.53 23.69 23.43
C THR B 189 -4.23 23.07 23.93
N VAL B 190 -4.22 21.75 24.21
CA VAL B 190 -3.02 21.01 24.63
C VAL B 190 -2.88 19.87 23.63
N ALA B 191 -1.65 19.45 23.32
CA ALA B 191 -1.39 18.28 22.47
C ALA B 191 -0.09 17.64 22.89
N THR B 192 -0.03 16.29 22.95
CA THR B 192 1.18 15.51 23.33
C THR B 192 1.15 14.13 22.76
N ASP B 193 2.33 13.54 22.53
CA ASP B 193 2.52 12.20 22.05
C ASP B 193 3.36 11.38 23.02
N GLY B 194 3.56 11.92 24.22
CA GLY B 194 4.40 11.25 25.22
C GLY B 194 5.86 11.63 25.16
N HIS B 195 6.35 12.20 24.03
CA HIS B 195 7.75 12.64 23.87
C HIS B 195 7.88 14.16 23.89
N ARG B 196 6.85 14.84 23.39
CA ARG B 196 6.76 16.29 23.37
C ARG B 196 5.34 16.76 23.60
N LEU B 197 5.17 18.02 24.02
CA LEU B 197 3.88 18.62 24.35
C LEU B 197 3.82 20.03 23.87
N ALA B 198 2.62 20.50 23.54
CA ALA B 198 2.34 21.85 23.11
C ALA B 198 1.04 22.35 23.80
N VAL B 199 1.08 23.57 24.35
CA VAL B 199 -0.06 24.22 24.96
C VAL B 199 -0.16 25.66 24.47
N CYS B 200 -1.39 26.11 24.15
CA CYS B 200 -1.64 27.47 23.70
C CYS B 200 -2.95 27.97 24.32
N SER B 201 -2.94 29.19 24.90
CA SER B 201 -4.09 29.83 25.56
C SER B 201 -4.36 31.20 24.91
N MET B 202 -5.60 31.52 24.62
CA MET B 202 -5.96 32.80 24.01
C MET B 202 -7.19 33.37 24.71
N PRO B 203 -7.19 34.67 25.02
CA PRO B 203 -8.37 35.25 25.67
C PRO B 203 -9.47 35.43 24.63
N ILE B 204 -10.72 35.08 24.96
CA ILE B 204 -11.83 35.14 24.00
C ILE B 204 -12.88 36.23 24.33
N GLY B 205 -12.68 36.93 25.46
CA GLY B 205 -13.48 38.06 25.90
C GLY B 205 -14.82 37.73 26.52
N GLN B 206 -15.01 36.46 26.93
CA GLN B 206 -16.26 35.96 27.53
C GLN B 206 -15.95 35.10 28.74
N SER B 207 -16.75 35.18 29.80
CA SER B 207 -16.52 34.33 30.97
C SER B 207 -17.12 32.95 30.70
N LEU B 208 -16.31 31.91 30.89
CA LEU B 208 -16.68 30.53 30.58
C LEU B 208 -16.58 29.60 31.77
N PRO B 209 -17.45 28.57 31.82
CA PRO B 209 -17.32 27.57 32.90
C PRO B 209 -16.14 26.63 32.65
N SER B 210 -15.44 26.24 33.70
CA SER B 210 -14.29 25.36 33.55
C SER B 210 -14.71 24.01 32.96
N HIS B 211 -14.33 23.77 31.69
CA HIS B 211 -14.64 22.55 30.96
C HIS B 211 -13.44 22.12 30.10
N SER B 212 -13.13 20.82 30.06
CA SER B 212 -12.07 20.27 29.23
C SER B 212 -12.52 18.97 28.52
N VAL B 213 -12.32 18.92 27.20
CA VAL B 213 -12.71 17.79 26.34
C VAL B 213 -11.56 17.40 25.40
N ILE B 214 -11.55 16.15 24.92
CA ILE B 214 -10.55 15.73 23.93
C ILE B 214 -11.22 15.62 22.56
N VAL B 215 -10.74 16.40 21.58
CA VAL B 215 -11.21 16.36 20.20
C VAL B 215 -10.33 15.36 19.39
N PRO B 216 -10.91 14.36 18.66
CA PRO B 216 -10.06 13.43 17.90
C PRO B 216 -9.25 14.13 16.80
N ARG B 217 -8.01 13.65 16.54
CA ARG B 217 -7.15 14.30 15.54
C ARG B 217 -7.79 14.51 14.18
N LYS B 218 -8.57 13.54 13.71
CA LYS B 218 -9.19 13.73 12.40
C LYS B 218 -10.21 14.88 12.40
N GLY B 219 -10.83 15.14 13.59
CA GLY B 219 -11.78 16.23 13.88
C GLY B 219 -11.09 17.58 13.94
N VAL B 220 -9.93 17.65 14.66
CA VAL B 220 -9.03 18.82 14.75
C VAL B 220 -8.66 19.25 13.34
N ILE B 221 -8.31 18.28 12.48
CA ILE B 221 -7.95 18.55 11.08
C ILE B 221 -9.11 19.16 10.31
N GLU B 222 -10.29 18.63 10.51
CA GLU B 222 -11.50 19.10 9.85
C GLU B 222 -11.88 20.49 10.32
N LEU B 223 -11.78 20.73 11.63
CA LEU B 223 -12.07 22.02 12.24
C LEU B 223 -11.13 23.05 11.65
N MET B 224 -9.85 22.73 11.62
CA MET B 224 -8.78 23.52 11.02
C MET B 224 -9.10 23.93 9.55
N ARG B 225 -9.59 23.03 8.73
CA ARG B 225 -9.83 23.30 7.33
C ARG B 225 -11.18 23.93 7.02
N MET B 226 -11.98 24.27 8.03
CA MET B 226 -13.23 24.99 7.77
C MET B 226 -12.98 26.49 8.12
N LEU B 227 -11.73 26.79 8.50
CA LEU B 227 -11.32 28.13 8.82
C LEU B 227 -10.71 28.76 7.55
N ASP B 228 -11.59 29.50 6.82
CA ASP B 228 -11.36 30.16 5.53
C ASP B 228 -10.56 31.44 5.65
N ASN B 232 -16.68 36.05 8.88
CA ASN B 232 -17.65 35.20 9.56
C ASN B 232 -17.04 34.75 10.90
N PRO B 233 -17.69 34.97 12.07
CA PRO B 233 -17.10 34.45 13.33
C PRO B 233 -17.39 32.95 13.51
N LEU B 234 -16.74 32.32 14.50
CA LEU B 234 -16.88 30.91 14.82
C LEU B 234 -17.67 30.80 16.12
N ARG B 235 -18.76 30.04 16.08
CA ARG B 235 -19.63 29.81 17.23
C ARG B 235 -19.44 28.36 17.61
N VAL B 236 -18.94 28.14 18.80
CA VAL B 236 -18.61 26.80 19.29
C VAL B 236 -19.55 26.37 20.40
N GLN B 237 -19.99 25.09 20.38
CA GLN B 237 -20.83 24.51 21.40
C GLN B 237 -20.15 23.23 21.84
N ILE B 238 -19.84 23.13 23.13
CA ILE B 238 -19.24 21.91 23.67
C ILE B 238 -20.27 21.20 24.50
N GLY B 239 -20.34 19.90 24.35
CA GLY B 239 -21.28 19.09 25.12
C GLY B 239 -20.51 18.08 25.94
N SER B 240 -21.17 17.06 26.42
CA SER B 240 -20.50 16.04 27.22
C SER B 240 -19.64 15.11 26.35
N ASN B 241 -20.20 14.66 25.21
CA ASN B 241 -19.51 13.72 24.32
C ASN B 241 -19.43 14.20 22.84
N ASN B 242 -19.67 15.50 22.61
CA ASN B 242 -19.67 16.11 21.30
C ASN B 242 -19.18 17.52 21.29
N ILE B 243 -18.64 17.97 20.16
CA ILE B 243 -18.28 19.37 19.93
C ILE B 243 -18.89 19.81 18.60
N ARG B 244 -19.43 21.03 18.53
CA ARG B 244 -19.99 21.61 17.31
C ARG B 244 -19.34 22.97 17.02
N ALA B 245 -19.03 23.27 15.72
CA ALA B 245 -18.51 24.56 15.30
C ALA B 245 -19.31 25.12 14.12
N HIS B 246 -19.90 26.32 14.29
N HIS B 246 -19.89 26.32 14.27
CA HIS B 246 -20.66 26.99 13.23
CA HIS B 246 -20.66 26.98 13.22
C HIS B 246 -19.83 28.13 12.64
C HIS B 246 -19.86 28.15 12.64
N VAL B 247 -19.62 28.11 11.32
CA VAL B 247 -18.90 29.14 10.58
C VAL B 247 -19.77 29.43 9.37
N GLY B 248 -20.53 30.51 9.39
CA GLY B 248 -21.36 30.84 8.24
C GLY B 248 -22.39 29.77 7.94
N ASP B 249 -22.41 29.26 6.72
CA ASP B 249 -23.37 28.23 6.36
C ASP B 249 -22.85 26.77 6.56
N PHE B 250 -21.78 26.58 7.33
CA PHE B 250 -21.17 25.29 7.59
C PHE B 250 -21.26 24.96 9.06
N ILE B 251 -21.61 23.70 9.36
CA ILE B 251 -21.73 23.21 10.73
C ILE B 251 -20.90 21.96 10.82
N PHE B 252 -19.87 21.96 11.68
CA PHE B 252 -19.08 20.76 11.92
C PHE B 252 -19.46 20.18 13.26
N THR B 253 -19.68 18.84 13.33
CA THR B 253 -19.94 18.15 14.61
C THR B 253 -19.02 16.99 14.73
N SER B 254 -18.51 16.76 15.95
CA SER B 254 -17.64 15.62 16.20
C SER B 254 -17.95 14.96 17.50
N LYS B 255 -17.70 13.65 17.58
CA LYS B 255 -17.74 12.88 18.82
C LYS B 255 -16.47 13.25 19.55
N LEU B 256 -16.42 13.10 20.89
CA LEU B 256 -15.22 13.41 21.65
C LEU B 256 -14.52 12.15 22.01
N VAL B 257 -13.22 12.19 22.36
CA VAL B 257 -12.49 10.99 22.81
C VAL B 257 -12.69 10.79 24.31
N ASP B 258 -13.15 9.62 24.69
CA ASP B 258 -13.43 9.31 26.09
C ASP B 258 -12.13 8.87 26.75
N GLY B 259 -11.55 9.71 27.59
CA GLY B 259 -10.30 9.39 28.26
C GLY B 259 -9.88 10.48 29.24
N ARG B 260 -8.81 10.21 30.01
CA ARG B 260 -8.21 11.19 30.93
C ARG B 260 -6.91 11.73 30.31
N PHE B 261 -7.03 12.91 29.67
CA PHE B 261 -5.89 13.56 29.04
C PHE B 261 -4.88 13.90 30.09
N PRO B 262 -3.59 13.72 29.81
CA PRO B 262 -2.58 14.11 30.82
C PRO B 262 -2.59 15.61 31.23
N ASP B 263 -2.25 15.88 32.50
CA ASP B 263 -2.20 17.26 32.99
C ASP B 263 -0.90 17.94 32.51
N TYR B 264 -1.05 19.01 31.74
CA TYR B 264 0.09 19.72 31.19
C TYR B 264 0.86 20.50 32.27
N ARG B 265 0.14 21.02 33.27
CA ARG B 265 0.69 21.78 34.39
C ARG B 265 1.72 20.93 35.14
N ARG B 266 1.62 19.62 34.98
CA ARG B 266 2.41 18.62 35.67
C ARG B 266 3.58 18.07 34.85
N VAL B 267 3.69 18.42 33.55
CA VAL B 267 4.80 18.01 32.69
C VAL B 267 5.69 19.21 32.41
N LEU B 268 5.12 20.43 32.54
CA LEU B 268 5.87 21.68 32.45
C LEU B 268 6.91 21.59 33.55
N PRO B 269 8.23 21.79 33.22
CA PRO B 269 9.27 21.78 34.27
C PRO B 269 8.85 22.65 35.47
N LYS B 270 8.66 22.01 36.66
CA LYS B 270 8.19 22.76 37.82
C LYS B 270 9.26 23.69 38.37
N ASN B 271 10.55 23.32 38.23
CA ASN B 271 11.65 24.17 38.69
C ASN B 271 12.86 24.21 37.74
N PRO B 272 12.78 24.88 36.57
CA PRO B 272 14.00 25.02 35.76
C PRO B 272 14.91 26.11 36.33
N ASP B 273 16.22 25.79 36.50
CA ASP B 273 17.16 26.73 37.09
C ASP B 273 17.98 27.51 36.04
N LYS B 274 17.88 27.10 34.75
CA LYS B 274 18.48 27.78 33.61
C LYS B 274 17.44 28.54 32.79
N HIS B 275 17.95 29.31 31.81
CA HIS B 275 17.25 30.12 30.81
C HIS B 275 18.31 30.49 29.78
N LEU B 276 17.91 30.53 28.50
CA LEU B 276 18.72 30.79 27.32
C LEU B 276 17.85 31.43 26.27
N GLU B 277 18.35 32.49 25.63
CA GLU B 277 17.62 33.17 24.57
C GLU B 277 18.49 33.19 23.37
N ALA B 278 17.89 33.02 22.20
CA ALA B 278 18.58 33.03 20.91
C ALA B 278 17.60 33.38 19.83
N GLY B 279 18.10 33.87 18.71
CA GLY B 279 17.27 34.25 17.58
C GLY B 279 16.61 32.99 17.07
N CYS B 280 15.28 33.02 16.93
CA CYS B 280 14.54 31.86 16.47
C CYS B 280 15.06 31.31 15.16
N ASP B 281 15.25 32.18 14.13
CA ASP B 281 15.70 31.72 12.82
C ASP B 281 17.11 31.18 12.79
N LEU B 282 18.05 31.79 13.51
CA LEU B 282 19.41 31.26 13.52
C LEU B 282 19.49 29.91 14.21
N LEU B 283 18.68 29.71 15.24
CA LEU B 283 18.61 28.46 16.00
C LEU B 283 17.99 27.35 15.16
N LYS B 284 16.96 27.70 14.39
CA LYS B 284 16.26 26.82 13.45
C LYS B 284 17.16 26.36 12.32
N GLN B 285 17.79 27.32 11.66
CA GLN B 285 18.70 27.04 10.55
C GLN B 285 19.91 26.20 10.99
N ALA B 286 20.36 26.33 12.27
CA ALA B 286 21.52 25.55 12.73
C ALA B 286 21.15 24.13 12.96
N PHE B 287 19.98 23.91 13.63
CA PHE B 287 19.43 22.58 13.88
C PHE B 287 19.14 21.88 12.56
N ALA B 288 18.59 22.61 11.61
CA ALA B 288 18.27 22.09 10.28
C ALA B 288 19.53 21.62 9.56
N ARG B 289 20.66 22.36 9.70
CA ARG B 289 21.93 21.95 9.05
C ARG B 289 22.55 20.78 9.78
N ALA B 290 22.59 20.83 11.14
CA ALA B 290 23.12 19.71 11.94
C ALA B 290 22.38 18.42 11.63
N ALA B 291 21.04 18.49 11.45
CA ALA B 291 20.14 17.37 11.13
C ALA B 291 20.59 16.53 9.92
N ILE B 292 21.22 17.16 8.92
CA ILE B 292 21.67 16.48 7.69
C ILE B 292 22.63 15.34 8.03
N LEU B 293 23.47 15.54 9.04
CA LEU B 293 24.44 14.53 9.42
C LEU B 293 24.08 13.82 10.74
N SER B 294 22.79 13.84 11.13
CA SER B 294 22.27 13.06 12.25
C SER B 294 21.78 11.70 11.72
N ASN B 295 21.66 10.72 12.62
CA ASN B 295 21.21 9.36 12.31
C ASN B 295 19.78 9.39 11.70
N GLU B 296 19.61 8.75 10.54
CA GLU B 296 18.36 8.69 9.78
C GLU B 296 17.15 8.17 10.58
N LYS B 297 17.40 7.17 11.41
CA LYS B 297 16.41 6.55 12.27
C LYS B 297 16.13 7.33 13.55
N PHE B 298 17.18 7.67 14.33
CA PHE B 298 17.07 8.28 15.66
C PHE B 298 17.08 9.81 15.72
N ARG B 299 17.71 10.49 14.73
CA ARG B 299 17.68 11.95 14.57
C ARG B 299 18.22 12.73 15.77
N GLY B 300 19.16 12.15 16.48
CA GLY B 300 19.70 12.77 17.69
C GLY B 300 20.82 13.77 17.42
N VAL B 301 20.68 14.93 18.05
CA VAL B 301 21.67 16.00 18.03
C VAL B 301 22.04 16.34 19.47
N ARG B 302 23.33 16.61 19.70
CA ARG B 302 23.85 16.97 21.01
C ARG B 302 23.88 18.51 21.14
N LEU B 303 23.65 19.02 22.36
CA LEU B 303 23.60 20.45 22.65
C LEU B 303 24.50 20.70 23.82
N TYR B 304 25.52 21.53 23.60
CA TYR B 304 26.44 21.93 24.65
C TYR B 304 26.25 23.38 24.97
N VAL B 305 25.90 23.66 26.20
CA VAL B 305 25.63 25.01 26.65
C VAL B 305 26.74 25.50 27.61
N SER B 306 27.16 26.75 27.40
CA SER B 306 28.23 27.41 28.14
C SER B 306 27.95 28.91 28.09
N GLU B 307 28.73 29.72 28.81
CA GLU B 307 28.43 31.17 28.90
C GLU B 307 28.22 31.81 27.53
N ASN B 308 27.00 32.34 27.30
CA ASN B 308 26.61 33.05 26.08
C ASN B 308 26.92 32.29 24.78
N GLN B 309 27.00 30.96 24.85
CA GLN B 309 27.32 30.14 23.70
C GLN B 309 26.57 28.81 23.67
N LEU B 310 26.01 28.45 22.50
CA LEU B 310 25.38 27.17 22.26
C LEU B 310 26.10 26.47 21.14
N LYS B 311 26.45 25.20 21.35
CA LYS B 311 27.05 24.36 20.33
C LYS B 311 26.09 23.18 20.07
N ILE B 312 25.69 22.99 18.78
CA ILE B 312 24.85 21.89 18.26
C ILE B 312 25.76 20.99 17.38
N THR B 313 25.85 19.69 17.71
CA THR B 313 26.62 18.70 16.93
C THR B 313 25.71 17.54 16.51
N ALA B 314 26.15 16.74 15.53
CA ALA B 314 25.42 15.60 15.02
C ALA B 314 26.39 14.72 14.36
N ASN B 315 26.18 13.44 14.45
CA ASN B 315 27.01 12.45 13.76
C ASN B 315 26.16 11.21 13.42
N ASN B 316 26.59 10.45 12.42
CA ASN B 316 25.81 9.33 11.97
C ASN B 316 26.65 8.04 11.94
N PRO B 317 26.08 6.91 11.49
CA PRO B 317 26.86 5.66 11.45
C PRO B 317 28.12 5.76 10.58
N GLU B 318 28.07 6.57 9.49
CA GLU B 318 29.20 6.74 8.57
C GLU B 318 30.34 7.55 9.15
N GLN B 319 30.15 8.05 10.38
CA GLN B 319 31.12 8.82 11.16
C GLN B 319 31.24 10.25 10.68
N GLU B 320 30.28 10.72 9.88
CA GLU B 320 30.25 12.10 9.42
C GLU B 320 29.75 12.95 10.56
N GLU B 321 30.21 14.20 10.60
CA GLU B 321 29.90 15.10 11.70
C GLU B 321 29.54 16.49 11.20
N ALA B 322 28.58 17.14 11.86
CA ALA B 322 28.20 18.51 11.61
C ALA B 322 28.39 19.19 12.94
N GLU B 323 28.73 20.48 12.93
CA GLU B 323 28.92 21.24 14.16
C GLU B 323 28.49 22.63 13.93
N GLU B 324 27.70 23.21 14.84
CA GLU B 324 27.22 24.59 14.70
C GLU B 324 27.47 25.32 16.02
N ILE B 325 27.95 26.57 15.95
CA ILE B 325 28.14 27.38 17.14
C ILE B 325 27.30 28.66 17.06
N LEU B 326 26.69 29.08 18.17
CA LEU B 326 25.84 30.27 18.18
C LEU B 326 26.04 31.18 19.39
N ASP B 327 25.90 32.48 19.17
CA ASP B 327 25.94 33.41 20.29
C ASP B 327 24.53 33.53 20.86
N VAL B 328 24.39 33.17 22.13
CA VAL B 328 23.10 33.17 22.80
C VAL B 328 23.23 33.97 24.11
N THR B 329 22.12 34.23 24.79
CA THR B 329 22.17 34.91 26.07
C THR B 329 22.01 33.83 27.14
N TYR B 330 23.13 33.38 27.71
CA TYR B 330 23.09 32.31 28.69
C TYR B 330 24.13 32.52 29.80
N SER B 331 23.65 32.51 31.04
CA SER B 331 24.50 32.59 32.23
C SER B 331 24.02 31.50 33.17
N GLY B 332 24.86 30.49 33.34
CA GLY B 332 24.54 29.33 34.14
C GLY B 332 25.58 28.25 33.91
N ALA B 333 25.36 27.07 34.50
CA ALA B 333 26.29 25.95 34.42
C ALA B 333 26.37 25.33 33.03
N GLU B 334 27.57 24.91 32.63
CA GLU B 334 27.76 24.22 31.37
C GLU B 334 27.05 22.86 31.44
N MET B 335 26.18 22.55 30.46
CA MET B 335 25.46 21.27 30.43
C MET B 335 25.34 20.69 29.05
N GLU B 336 25.34 19.35 28.95
CA GLU B 336 25.14 18.58 27.72
C GLU B 336 23.70 17.98 27.69
N ILE B 337 22.99 18.13 26.55
CA ILE B 337 21.65 17.54 26.41
C ILE B 337 21.37 17.06 24.97
N GLY B 338 20.89 15.81 24.83
CA GLY B 338 20.55 15.21 23.54
C GLY B 338 19.08 15.42 23.16
N PHE B 339 18.78 15.50 21.87
CA PHE B 339 17.41 15.73 21.44
C PHE B 339 17.17 15.12 20.10
N ASN B 340 15.91 14.75 19.83
CA ASN B 340 15.48 14.34 18.51
C ASN B 340 15.32 15.66 17.82
N VAL B 341 16.20 15.92 16.82
CA VAL B 341 16.23 17.22 16.13
C VAL B 341 14.88 17.55 15.44
N SER B 342 14.14 16.53 15.00
CA SER B 342 12.81 16.74 14.40
C SER B 342 11.84 17.38 15.41
N TYR B 343 11.88 16.93 16.70
CA TYR B 343 11.02 17.52 17.72
C TYR B 343 11.33 18.98 17.97
N VAL B 344 12.60 19.35 17.91
CA VAL B 344 13.07 20.73 18.13
C VAL B 344 12.68 21.61 16.97
N LEU B 345 12.97 21.14 15.74
CA LEU B 345 12.62 21.86 14.53
C LEU B 345 11.11 22.11 14.42
N ASP B 346 10.29 21.14 14.87
CA ASP B 346 8.82 21.25 14.92
C ASP B 346 8.40 22.42 15.78
N VAL B 347 9.00 22.51 16.98
CA VAL B 347 8.74 23.63 17.93
C VAL B 347 9.15 24.99 17.33
N LEU B 348 10.38 25.09 16.74
CA LEU B 348 10.87 26.34 16.20
C LEU B 348 10.06 26.80 15.03
N ASN B 349 9.59 25.88 14.20
CA ASN B 349 8.70 26.20 13.07
C ASN B 349 7.31 26.63 13.58
N ALA B 350 6.92 26.19 14.78
CA ALA B 350 5.64 26.57 15.39
C ALA B 350 5.72 27.97 15.97
N LEU B 351 6.82 28.27 16.68
CA LEU B 351 7.11 29.64 17.20
C LEU B 351 7.51 30.46 15.98
N LYS B 352 6.60 31.28 15.48
CA LYS B 352 6.97 32.06 14.31
C LYS B 352 7.38 33.47 14.80
N CYS B 353 8.44 33.50 15.63
CA CYS B 353 8.88 34.69 16.34
C CYS B 353 10.33 35.08 16.07
N GLU B 354 10.78 36.18 16.74
CA GLU B 354 12.13 36.72 16.62
C GLU B 354 13.12 36.05 17.57
N ASN B 355 12.72 35.85 18.83
CA ASN B 355 13.59 35.26 19.84
C ASN B 355 12.90 34.17 20.63
N VAL B 356 13.67 33.18 21.06
CA VAL B 356 13.13 32.08 21.85
C VAL B 356 13.86 31.91 23.17
N ARG B 357 13.14 31.60 24.22
CA ARG B 357 13.71 31.33 25.53
C ARG B 357 13.62 29.83 25.73
N MET B 358 14.65 29.19 26.31
CA MET B 358 14.69 27.76 26.60
C MET B 358 14.95 27.59 28.09
N MET B 359 14.11 26.83 28.82
CA MET B 359 14.34 26.57 30.22
C MET B 359 14.75 25.13 30.42
N LEU B 360 15.97 24.93 30.96
CA LEU B 360 16.56 23.61 31.20
C LEU B 360 16.86 23.38 32.70
N THR B 361 17.26 22.15 33.05
CA THR B 361 17.58 21.71 34.41
C THR B 361 18.83 20.84 34.37
N ASP B 362 18.73 19.67 33.76
CA ASP B 362 19.83 18.76 33.54
C ASP B 362 19.66 17.99 32.20
N SER B 363 20.60 17.12 31.91
CA SER B 363 20.65 16.35 30.67
C SER B 363 19.55 15.27 30.52
N VAL B 364 18.89 14.88 31.62
CA VAL B 364 17.88 13.82 31.56
C VAL B 364 16.46 14.36 31.81
N SER B 365 16.30 15.69 31.78
CA SER B 365 15.00 16.31 32.07
C SER B 365 14.47 17.13 30.93
N SER B 366 13.12 17.25 30.84
CA SER B 366 12.42 18.00 29.79
C SER B 366 12.90 19.46 29.71
N VAL B 367 12.77 20.06 28.53
CA VAL B 367 13.12 21.45 28.31
C VAL B 367 11.84 22.17 27.92
N GLN B 368 11.62 23.36 28.46
CA GLN B 368 10.48 24.17 28.07
C GLN B 368 10.97 25.23 27.09
N ILE B 369 10.26 25.43 25.99
CA ILE B 369 10.63 26.35 24.94
C ILE B 369 9.45 27.28 24.66
N GLU B 370 9.70 28.59 24.54
CA GLU B 370 8.63 29.52 24.19
C GLU B 370 9.16 30.72 23.38
N ASP B 371 8.28 31.67 23.07
CA ASP B 371 8.66 32.94 22.48
C ASP B 371 9.18 33.78 23.66
N ALA B 372 10.30 34.50 23.47
CA ALA B 372 10.88 35.32 24.53
C ALA B 372 10.00 36.56 24.81
N ALA B 373 9.07 36.89 23.90
CA ALA B 373 8.17 38.03 24.00
C ALA B 373 6.67 37.69 24.17
N SER B 374 6.34 36.41 24.43
CA SER B 374 4.96 35.94 24.60
C SER B 374 4.93 34.66 25.44
N GLN B 375 3.95 34.56 26.35
CA GLN B 375 3.81 33.38 27.21
C GLN B 375 2.53 32.59 26.84
N SER B 376 1.84 33.01 25.74
CA SER B 376 0.58 32.43 25.26
C SER B 376 0.70 30.97 24.82
N ALA B 377 1.90 30.59 24.32
CA ALA B 377 2.22 29.22 23.92
C ALA B 377 3.47 28.75 24.67
N ALA B 378 3.49 27.50 25.07
CA ALA B 378 4.65 26.85 25.70
C ALA B 378 4.81 25.42 25.11
N TYR B 379 6.04 24.92 25.09
CA TYR B 379 6.40 23.65 24.48
C TYR B 379 7.25 22.94 25.42
N VAL B 380 7.10 21.63 25.53
CA VAL B 380 7.95 20.84 26.40
C VAL B 380 8.49 19.67 25.59
N VAL B 381 9.80 19.54 25.47
CA VAL B 381 10.44 18.45 24.74
C VAL B 381 11.30 17.62 25.68
N MET B 382 11.11 16.29 25.65
CA MET B 382 11.84 15.33 26.48
C MET B 382 13.15 14.92 25.78
N PRO B 383 14.29 14.88 26.48
CA PRO B 383 15.54 14.53 25.80
C PRO B 383 15.75 13.05 25.47
N MET B 384 16.83 12.78 24.75
CA MET B 384 17.33 11.46 24.39
C MET B 384 18.66 11.32 25.16
N ARG B 385 19.09 10.08 25.43
CA ARG B 385 20.36 9.86 26.09
C ARG B 385 21.48 9.95 25.06
N LEU B 386 22.60 10.61 25.45
CA LEU B 386 23.82 10.77 24.65
C LEU B 386 24.61 9.44 24.64
N SER C 19 44.50 13.87 -2.83
CA SER C 19 45.38 15.02 -2.75
C SER C 19 44.88 16.00 -1.67
N HIS C 20 45.27 17.31 -1.76
CA HIS C 20 44.83 18.32 -0.79
C HIS C 20 43.90 19.43 -1.39
N MET C 21 42.99 19.03 -2.34
CA MET C 21 41.96 19.86 -2.98
C MET C 21 41.34 20.89 -2.02
N LYS C 22 41.29 22.17 -2.46
CA LYS C 22 40.77 23.28 -1.67
C LYS C 22 40.12 24.30 -2.60
N PHE C 23 38.94 24.82 -2.21
CA PHE C 23 38.22 25.87 -2.91
C PHE C 23 37.29 26.57 -1.92
N THR C 24 37.05 27.87 -2.11
CA THR C 24 36.08 28.70 -1.38
C THR C 24 35.21 29.36 -2.44
N VAL C 25 33.90 29.07 -2.45
CA VAL C 25 32.96 29.56 -3.46
C VAL C 25 31.74 30.08 -2.72
N GLU C 26 30.96 30.95 -3.37
CA GLU C 26 29.76 31.49 -2.76
C GLU C 26 28.64 30.49 -3.01
N ARG C 27 27.81 30.24 -1.98
CA ARG C 27 26.70 29.26 -2.02
C ARG C 27 25.90 29.32 -3.31
N GLU C 28 25.64 30.55 -3.82
CA GLU C 28 24.81 30.73 -5.01
C GLU C 28 25.50 30.33 -6.31
N HIS C 29 26.83 30.19 -6.30
CA HIS C 29 27.54 29.68 -7.48
C HIS C 29 27.54 28.15 -7.51
N LEU C 30 27.19 27.49 -6.38
CA LEU C 30 27.22 26.03 -6.30
C LEU C 30 25.85 25.37 -6.46
N LEU C 31 24.80 26.03 -5.95
CA LEU C 31 23.44 25.50 -5.90
C LEU C 31 22.89 24.96 -7.22
N LYS C 32 22.82 25.78 -8.29
CA LYS C 32 22.26 25.30 -9.57
C LYS C 32 23.12 24.17 -10.14
N PRO C 33 24.47 24.33 -10.17
CA PRO C 33 25.33 23.22 -10.60
C PRO C 33 25.14 21.89 -9.82
N LEU C 34 25.09 21.95 -8.45
CA LEU C 34 24.84 20.82 -7.54
C LEU C 34 23.53 20.13 -7.87
N GLN C 35 22.44 20.92 -7.96
CA GLN C 35 21.11 20.45 -8.32
C GLN C 35 21.07 19.87 -9.75
N GLN C 36 21.85 20.43 -10.70
CA GLN C 36 21.82 19.90 -12.07
C GLN C 36 22.55 18.58 -12.18
N VAL C 37 23.78 18.50 -11.61
CA VAL C 37 24.66 17.30 -11.63
C VAL C 37 24.01 16.12 -10.89
N SER C 38 23.27 16.40 -9.80
CA SER C 38 22.55 15.40 -9.01
C SER C 38 21.34 14.82 -9.76
N GLY C 39 20.96 15.43 -10.89
CA GLY C 39 19.84 15.03 -11.75
C GLY C 39 19.83 13.57 -12.10
N PRO C 40 20.83 13.06 -12.89
CA PRO C 40 20.86 11.61 -13.21
C PRO C 40 20.87 10.62 -12.02
N LEU C 41 21.16 11.10 -10.80
CA LEU C 41 21.27 10.25 -9.62
C LEU C 41 19.95 9.74 -9.08
N GLY C 42 19.89 8.43 -8.85
CA GLY C 42 18.77 7.78 -8.18
C GLY C 42 18.85 7.84 -6.65
N GLY C 43 17.73 7.50 -6.00
CA GLY C 43 17.63 7.46 -4.54
C GLY C 43 18.19 6.23 -3.83
N ARG C 44 18.23 5.07 -4.52
CA ARG C 44 18.75 3.80 -3.99
C ARG C 44 19.98 3.41 -4.79
N PRO C 45 21.18 4.08 -4.67
CA PRO C 45 22.31 3.68 -5.54
C PRO C 45 22.87 2.27 -5.27
N THR C 46 23.13 1.51 -6.36
CA THR C 46 23.71 0.17 -6.24
C THR C 46 25.08 0.24 -5.59
N LEU C 47 25.92 1.16 -6.07
CA LEU C 47 27.26 1.38 -5.52
C LEU C 47 27.28 2.70 -4.77
N PRO C 48 27.93 2.78 -3.62
CA PRO C 48 27.96 4.06 -2.88
C PRO C 48 28.51 5.28 -3.65
N ILE C 49 29.49 5.08 -4.56
CA ILE C 49 30.06 6.18 -5.35
C ILE C 49 29.01 6.78 -6.32
N LEU C 50 28.01 5.97 -6.78
CA LEU C 50 26.90 6.45 -7.64
C LEU C 50 25.87 7.37 -6.93
N GLY C 51 26.12 7.65 -5.65
CA GLY C 51 25.38 8.60 -4.83
C GLY C 51 26.34 9.71 -4.43
N ASN C 52 27.50 9.73 -5.09
CA ASN C 52 28.50 10.76 -4.83
C ASN C 52 28.69 11.60 -6.11
N LEU C 53 29.19 12.84 -5.91
CA LEU C 53 29.51 13.70 -7.04
C LEU C 53 31.03 13.81 -7.14
N LEU C 54 31.60 13.74 -8.35
CA LEU C 54 33.03 13.96 -8.53
C LEU C 54 33.32 15.49 -8.48
N LEU C 55 34.20 15.91 -7.56
CA LEU C 55 34.67 17.29 -7.43
C LEU C 55 36.14 17.40 -7.93
N GLN C 56 36.42 18.21 -8.98
CA GLN C 56 37.82 18.42 -9.44
C GLN C 56 38.21 19.90 -9.51
N VAL C 57 39.30 20.27 -8.82
CA VAL C 57 39.87 21.62 -8.93
C VAL C 57 41.10 21.55 -9.83
N ALA C 58 41.01 22.20 -10.98
CA ALA C 58 42.06 22.24 -12.00
C ALA C 58 42.07 23.69 -12.52
N ASP C 59 43.25 24.36 -12.53
CA ASP C 59 43.41 25.79 -12.86
C ASP C 59 42.51 26.62 -11.94
N GLY C 60 41.67 27.50 -12.50
CA GLY C 60 40.69 28.26 -11.73
C GLY C 60 39.28 27.74 -11.98
N THR C 61 39.13 26.44 -12.26
CA THR C 61 37.83 25.85 -12.56
C THR C 61 37.48 24.60 -11.73
N LEU C 62 36.30 24.63 -11.09
CA LEU C 62 35.80 23.48 -10.33
C LEU C 62 34.82 22.74 -11.22
N SER C 63 35.06 21.45 -11.49
CA SER C 63 34.11 20.65 -12.25
C SER C 63 33.35 19.71 -11.32
N LEU C 64 32.04 19.56 -11.54
CA LEU C 64 31.15 18.70 -10.74
C LEU C 64 30.47 17.72 -11.67
N THR C 65 30.67 16.41 -11.43
CA THR C 65 30.06 15.38 -12.28
C THR C 65 29.13 14.46 -11.45
N GLY C 66 28.00 14.09 -12.06
CA GLY C 66 27.02 13.16 -11.51
C GLY C 66 26.65 12.15 -12.56
N THR C 67 26.65 10.85 -12.21
CA THR C 67 26.34 9.76 -13.17
C THR C 67 25.44 8.65 -12.60
N ASP C 68 24.87 7.85 -13.49
CA ASP C 68 24.08 6.67 -13.17
C ASP C 68 24.56 5.52 -14.09
N LEU C 69 25.74 5.70 -14.72
CA LEU C 69 26.38 4.78 -15.67
C LEU C 69 25.76 4.81 -17.06
N GLU C 70 24.48 5.22 -17.18
CA GLU C 70 23.80 5.31 -18.46
CA GLU C 70 23.83 5.32 -18.48
C GLU C 70 23.97 6.73 -19.04
N MET C 71 24.16 7.69 -18.17
CA MET C 71 24.31 9.07 -18.56
C MET C 71 25.00 9.90 -17.48
N GLU C 72 25.52 11.06 -17.87
CA GLU C 72 26.18 11.95 -16.94
C GLU C 72 25.92 13.42 -17.23
N MET C 73 26.08 14.24 -16.19
CA MET C 73 25.95 15.68 -16.19
C MET C 73 27.21 16.27 -15.56
N VAL C 74 27.88 17.15 -16.32
CA VAL C 74 29.05 17.89 -15.84
C VAL C 74 28.70 19.37 -15.73
N ALA C 75 29.23 20.05 -14.71
CA ALA C 75 29.05 21.48 -14.50
C ALA C 75 30.41 22.10 -14.21
N ARG C 76 30.70 23.28 -14.80
CA ARG C 76 31.97 23.99 -14.51
C ARG C 76 31.69 25.30 -13.80
N VAL C 77 32.39 25.53 -12.66
CA VAL C 77 32.32 26.73 -11.82
C VAL C 77 33.69 27.45 -11.79
N ALA C 78 33.71 28.77 -11.99
CA ALA C 78 34.94 29.58 -11.96
C ALA C 78 35.44 29.83 -10.51
N LEU C 79 36.76 29.75 -10.29
CA LEU C 79 37.38 29.91 -8.96
C LEU C 79 38.26 31.20 -8.78
N VAL C 80 37.63 32.29 -8.33
CA VAL C 80 38.31 33.58 -8.19
C VAL C 80 38.99 33.75 -6.81
N GLN C 81 38.73 32.83 -5.91
CA GLN C 81 39.33 32.87 -4.58
C GLN C 81 40.45 31.83 -4.45
N PRO C 82 41.34 31.95 -3.42
CA PRO C 82 42.41 30.96 -3.25
C PRO C 82 41.94 29.51 -3.34
N HIS C 83 42.65 28.74 -4.12
CA HIS C 83 42.31 27.34 -4.24
C HIS C 83 43.57 26.46 -4.32
N GLU C 84 43.36 25.13 -4.33
CA GLU C 84 44.42 24.13 -4.47
C GLU C 84 43.88 23.02 -5.34
N PRO C 85 44.65 22.56 -6.34
CA PRO C 85 44.13 21.51 -7.23
C PRO C 85 44.01 20.16 -6.55
N GLY C 86 43.14 19.31 -7.10
CA GLY C 86 42.88 17.98 -6.57
C GLY C 86 41.49 17.51 -6.90
N ALA C 87 41.17 16.29 -6.52
CA ALA C 87 39.86 15.71 -6.79
C ALA C 87 39.41 14.78 -5.66
N THR C 88 38.09 14.56 -5.60
CA THR C 88 37.46 13.68 -4.62
C THR C 88 36.02 13.50 -5.02
N THR C 89 35.28 12.70 -4.25
CA THR C 89 33.84 12.55 -4.47
C THR C 89 33.18 12.74 -3.12
N VAL C 90 31.95 13.25 -3.10
CA VAL C 90 31.22 13.41 -1.84
C VAL C 90 29.77 13.03 -2.02
N PRO C 91 29.12 12.55 -0.94
CA PRO C 91 27.66 12.28 -1.02
C PRO C 91 26.88 13.50 -1.60
N ALA C 92 26.20 13.31 -2.73
CA ALA C 92 25.51 14.39 -3.44
C ALA C 92 24.45 15.12 -2.62
N ARG C 93 23.40 14.40 -2.20
CA ARG C 93 22.33 14.99 -1.41
C ARG C 93 22.83 15.72 -0.18
N LYS C 94 23.73 15.10 0.58
CA LYS C 94 24.24 15.74 1.80
C LYS C 94 25.00 17.04 1.54
N PHE C 95 25.82 17.06 0.47
CA PHE C 95 26.61 18.24 0.15
C PHE C 95 25.68 19.35 -0.34
N PHE C 96 24.74 19.00 -1.24
CA PHE C 96 23.72 19.95 -1.69
C PHE C 96 22.89 20.50 -0.51
N ASP C 97 22.48 19.63 0.40
CA ASP C 97 21.67 20.07 1.53
C ASP C 97 22.42 20.97 2.48
N ILE C 98 23.74 20.78 2.63
CA ILE C 98 24.57 21.62 3.49
C ILE C 98 24.68 23.00 2.90
N CYS C 99 24.97 23.06 1.59
CA CYS C 99 25.07 24.29 0.82
C CYS C 99 23.74 25.05 0.84
N ARG C 100 22.65 24.35 0.51
CA ARG C 100 21.33 24.95 0.48
C ARG C 100 20.91 25.44 1.86
N GLY C 101 21.33 24.75 2.89
CA GLY C 101 20.98 25.11 4.27
C GLY C 101 21.77 26.26 4.88
N LEU C 102 22.90 26.62 4.27
CA LEU C 102 23.71 27.73 4.77
C LEU C 102 23.04 29.10 4.45
N PRO C 103 23.25 30.14 5.27
CA PRO C 103 22.63 31.44 4.96
C PRO C 103 22.97 31.98 3.58
N GLU C 104 22.07 32.80 3.03
CA GLU C 104 22.19 33.38 1.70
C GLU C 104 23.44 34.24 1.55
N GLY C 105 24.23 33.97 0.51
CA GLY C 105 25.49 34.66 0.27
C GLY C 105 26.69 34.06 0.99
N ALA C 106 26.45 32.99 1.77
CA ALA C 106 27.50 32.28 2.50
C ALA C 106 28.71 31.97 1.62
N GLU C 107 29.90 32.10 2.23
CA GLU C 107 31.19 31.75 1.64
C GLU C 107 31.52 30.34 2.12
N ILE C 108 31.53 29.39 1.19
CA ILE C 108 31.70 27.99 1.52
C ILE C 108 33.12 27.55 1.26
N ALA C 109 33.89 27.35 2.34
CA ALA C 109 35.27 26.90 2.28
C ALA C 109 35.33 25.39 2.37
N VAL C 110 35.79 24.74 1.30
CA VAL C 110 35.93 23.30 1.23
C VAL C 110 37.42 22.92 1.23
N GLN C 111 37.79 21.88 2.02
CA GLN C 111 39.14 21.31 2.01
C GLN C 111 39.11 19.82 2.33
N LEU C 112 39.88 19.02 1.57
CA LEU C 112 39.99 17.58 1.72
C LEU C 112 41.07 17.24 2.77
N GLU C 113 40.67 16.85 3.97
CA GLU C 113 41.57 16.47 5.06
C GLU C 113 41.76 14.93 5.06
N GLY C 114 42.05 14.36 3.90
CA GLY C 114 42.29 12.93 3.80
C GLY C 114 41.13 12.15 3.23
N GLU C 115 40.40 11.43 4.09
CA GLU C 115 39.23 10.64 3.70
C GLU C 115 37.95 11.38 4.13
N ARG C 116 38.12 12.62 4.56
CA ARG C 116 37.08 13.50 5.00
C ARG C 116 37.11 14.81 4.20
N MET C 117 35.94 15.34 3.81
CA MET C 117 35.89 16.65 3.18
C MET C 117 35.29 17.66 4.12
N LEU C 118 36.11 18.58 4.56
CA LEU C 118 35.69 19.59 5.49
C LEU C 118 35.00 20.71 4.73
N VAL C 119 33.82 21.11 5.25
CA VAL C 119 33.03 22.19 4.70
C VAL C 119 32.82 23.19 5.83
N ARG C 120 33.27 24.43 5.65
CA ARG C 120 33.12 25.44 6.69
C ARG C 120 32.56 26.72 6.11
N SER C 121 31.76 27.39 6.90
CA SER C 121 31.15 28.64 6.51
C SER C 121 30.67 29.23 7.79
N GLY C 122 31.18 30.41 8.14
CA GLY C 122 30.89 31.07 9.40
C GLY C 122 31.25 30.18 10.58
N ARG C 123 30.27 29.93 11.47
CA ARG C 123 30.44 29.05 12.63
C ARG C 123 29.89 27.61 12.43
N SER C 124 29.75 27.20 11.15
CA SER C 124 29.18 25.92 10.75
C SER C 124 30.28 25.11 10.18
N ARG C 125 30.42 23.86 10.62
CA ARG C 125 31.50 22.97 10.21
C ARG C 125 30.90 21.59 9.91
N PHE C 126 31.31 20.97 8.81
CA PHE C 126 30.78 19.67 8.40
C PHE C 126 31.91 18.85 7.92
N SER C 127 31.94 17.59 8.31
CA SER C 127 32.95 16.65 7.92
C SER C 127 32.25 15.49 7.21
N LEU C 128 32.44 15.38 5.90
CA LEU C 128 31.80 14.37 5.05
C LEU C 128 32.78 13.27 4.70
N SER C 129 32.27 12.07 4.47
CA SER C 129 33.11 10.96 4.07
C SER C 129 33.20 10.98 2.57
N THR C 130 34.37 10.71 2.05
CA THR C 130 34.66 10.78 0.61
C THR C 130 35.02 9.41 0.05
N LEU C 131 35.09 9.29 -1.27
CA LEU C 131 35.55 8.10 -1.96
C LEU C 131 36.53 8.60 -3.01
N PRO C 132 37.61 7.86 -3.30
CA PRO C 132 38.59 8.35 -4.28
C PRO C 132 37.99 8.72 -5.64
N ALA C 133 38.47 9.85 -6.17
CA ALA C 133 38.12 10.36 -7.48
C ALA C 133 38.45 9.31 -8.56
N ALA C 134 39.52 8.54 -8.32
CA ALA C 134 39.98 7.48 -9.22
C ALA C 134 38.96 6.38 -9.40
N ASP C 135 38.07 6.23 -8.41
CA ASP C 135 37.02 5.21 -8.42
C ASP C 135 35.77 5.65 -9.17
N PHE C 136 35.70 6.94 -9.52
CA PHE C 136 34.52 7.49 -10.20
C PHE C 136 34.35 6.95 -11.63
N PRO C 137 33.12 6.46 -11.97
CA PRO C 137 32.87 5.91 -13.32
C PRO C 137 32.86 6.94 -14.47
N ASN C 138 33.40 6.55 -15.64
CA ASN C 138 33.49 7.38 -16.85
C ASN C 138 32.74 6.75 -18.03
N LEU C 139 32.19 7.60 -18.94
CA LEU C 139 31.47 7.09 -20.12
C LEU C 139 32.49 6.82 -21.22
N ASP C 140 32.32 5.73 -22.00
CA ASP C 140 33.26 5.37 -23.06
C ASP C 140 33.26 6.38 -24.21
N ASP C 141 34.47 6.79 -24.66
CA ASP C 141 34.63 7.77 -25.73
C ASP C 141 33.92 7.35 -27.01
N TRP C 142 33.57 8.34 -27.83
CA TRP C 142 32.81 8.14 -29.06
C TRP C 142 33.03 9.31 -30.02
N GLN C 143 32.61 9.13 -31.27
CA GLN C 143 32.71 10.15 -32.30
C GLN C 143 31.34 10.68 -32.69
N SER C 144 31.19 12.03 -32.71
CA SER C 144 29.98 12.71 -33.16
C SER C 144 29.83 12.53 -34.68
N GLU C 145 28.60 12.34 -35.16
CA GLU C 145 28.29 12.16 -36.58
C GLU C 145 27.43 13.31 -37.10
N VAL C 146 26.50 13.81 -36.27
CA VAL C 146 25.57 14.90 -36.58
C VAL C 146 25.74 15.95 -35.49
N GLU C 147 25.87 17.21 -35.88
CA GLU C 147 26.03 18.29 -34.91
C GLU C 147 25.11 19.44 -35.31
N PHE C 148 24.48 20.06 -34.29
CA PHE C 148 23.58 21.18 -34.53
C PHE C 148 23.33 21.97 -33.31
N THR C 149 22.87 23.18 -33.49
CA THR C 149 22.54 24.13 -32.45
C THR C 149 21.04 24.42 -32.60
N LEU C 150 20.37 24.83 -31.51
CA LEU C 150 18.96 25.19 -31.54
C LEU C 150 18.58 25.95 -30.31
N PRO C 151 17.55 26.81 -30.35
CA PRO C 151 17.14 27.51 -29.13
C PRO C 151 16.57 26.52 -28.12
N GLN C 152 16.78 26.82 -26.81
CA GLN C 152 16.24 26.06 -25.71
C GLN C 152 14.75 25.81 -25.97
N ALA C 153 14.02 26.88 -26.32
CA ALA C 153 12.59 26.92 -26.52
C ALA C 153 12.09 25.91 -27.54
N THR C 154 12.85 25.72 -28.62
CA THR C 154 12.53 24.75 -29.65
C THR C 154 12.60 23.31 -29.07
N MET C 155 13.64 23.02 -28.27
CA MET C 155 13.85 21.71 -27.67
C MET C 155 12.80 21.45 -26.59
N LYS C 156 12.52 22.46 -25.76
CA LYS C 156 11.47 22.41 -24.74
C LYS C 156 10.08 22.17 -25.38
N ARG C 157 9.79 22.80 -26.50
CA ARG C 157 8.53 22.55 -27.17
C ARG C 157 8.51 21.18 -27.86
N LEU C 158 9.66 20.73 -28.46
CA LEU C 158 9.73 19.42 -29.13
C LEU C 158 9.49 18.30 -28.13
N ILE C 159 10.07 18.42 -26.90
CA ILE C 159 9.96 17.43 -25.85
C ILE C 159 8.56 17.45 -25.25
N GLU C 160 8.16 18.58 -24.69
CA GLU C 160 6.86 18.78 -24.08
C GLU C 160 5.70 18.31 -24.92
N ALA C 161 5.76 18.50 -26.24
CA ALA C 161 4.72 18.10 -27.22
C ALA C 161 4.58 16.60 -27.34
N THR C 162 5.62 15.80 -27.00
CA THR C 162 5.61 14.36 -27.24
C THR C 162 5.88 13.49 -26.01
N GLN C 163 6.50 14.03 -24.95
CA GLN C 163 6.98 13.19 -23.86
C GLN C 163 5.92 12.34 -23.16
N PHE C 164 4.71 12.85 -23.06
CA PHE C 164 3.62 12.15 -22.39
C PHE C 164 3.29 10.82 -23.12
N SER C 165 3.67 10.68 -24.38
CA SER C 165 3.33 9.48 -25.15
C SER C 165 4.40 8.40 -25.10
N MET C 166 5.55 8.64 -24.40
CA MET C 166 6.61 7.65 -24.26
C MET C 166 6.04 6.47 -23.41
N ALA C 167 6.54 5.25 -23.66
CA ALA C 167 6.18 4.11 -22.85
C ALA C 167 7.01 4.23 -21.59
N HIS C 168 6.53 3.65 -20.51
CA HIS C 168 7.18 3.59 -19.20
C HIS C 168 7.23 2.14 -18.77
N GLN C 169 8.42 1.59 -18.84
CA GLN C 169 8.77 0.20 -18.49
C GLN C 169 8.07 -0.86 -19.35
N ASP C 170 7.99 -0.66 -20.69
CA ASP C 170 7.40 -1.63 -21.63
C ASP C 170 8.47 -2.70 -21.98
N VAL C 171 8.03 -3.90 -22.46
CA VAL C 171 8.94 -4.97 -22.95
C VAL C 171 9.67 -4.46 -24.17
N ARG C 172 8.92 -3.72 -25.02
CA ARG C 172 9.46 -3.06 -26.20
C ARG C 172 10.24 -1.90 -25.66
N TYR C 173 11.42 -2.18 -25.14
CA TYR C 173 12.35 -1.24 -24.50
C TYR C 173 12.68 -0.04 -25.41
N TYR C 174 12.58 -0.20 -26.74
CA TYR C 174 12.85 0.86 -27.72
C TYR C 174 11.69 1.91 -27.74
N LEU C 175 10.63 1.64 -26.94
CA LEU C 175 9.50 2.56 -26.80
C LEU C 175 9.66 3.33 -25.52
N ASN C 176 10.57 2.90 -24.62
CA ASN C 176 10.80 3.61 -23.36
C ASN C 176 11.79 4.76 -23.54
N GLY C 177 11.54 5.51 -24.58
CA GLY C 177 12.28 6.72 -24.86
C GLY C 177 11.61 7.49 -25.96
N MET C 178 12.37 8.43 -26.53
CA MET C 178 11.88 9.30 -27.56
C MET C 178 12.80 9.25 -28.74
N LEU C 179 12.23 9.09 -29.93
CA LEU C 179 13.01 9.15 -31.15
C LEU C 179 13.37 10.63 -31.49
N PHE C 180 14.65 10.87 -31.77
CA PHE C 180 15.13 12.18 -32.23
C PHE C 180 15.55 11.99 -33.67
N GLU C 181 14.89 12.67 -34.59
CA GLU C 181 15.18 12.48 -35.98
C GLU C 181 15.50 13.79 -36.69
N THR C 182 16.53 13.79 -37.56
CA THR C 182 16.91 14.95 -38.38
C THR C 182 16.57 14.69 -39.83
N GLU C 183 15.95 15.68 -40.49
CA GLU C 183 15.57 15.58 -41.90
C GLU C 183 15.54 16.98 -42.50
N GLY C 184 16.42 17.21 -43.47
CA GLY C 184 16.54 18.50 -44.12
C GLY C 184 16.98 19.57 -43.14
N GLU C 185 16.10 20.52 -42.84
CA GLU C 185 16.41 21.59 -41.88
C GLU C 185 15.61 21.43 -40.58
N GLU C 186 14.97 20.25 -40.41
CA GLU C 186 14.12 19.98 -39.25
C GLU C 186 14.64 18.94 -38.25
N LEU C 187 14.31 19.18 -36.98
CA LEU C 187 14.48 18.26 -35.86
C LEU C 187 13.07 17.77 -35.52
N ARG C 188 12.92 16.45 -35.41
CA ARG C 188 11.66 15.79 -35.12
C ARG C 188 11.77 14.91 -33.88
N THR C 189 10.76 14.95 -32.98
CA THR C 189 10.69 14.03 -31.85
C THR C 189 9.47 13.18 -32.04
N VAL C 190 9.57 11.85 -31.78
CA VAL C 190 8.47 10.88 -31.91
C VAL C 190 8.40 10.06 -30.63
N ALA C 191 7.21 9.90 -30.07
CA ALA C 191 7.04 9.14 -28.82
C ALA C 191 5.76 8.36 -28.89
N THR C 192 5.86 7.05 -28.56
CA THR C 192 4.73 6.14 -28.64
C THR C 192 4.84 5.06 -27.61
N ASP C 193 3.67 4.51 -27.20
CA ASP C 193 3.61 3.39 -26.26
C ASP C 193 2.85 2.25 -26.92
N GLY C 194 2.64 2.34 -28.24
CA GLY C 194 1.91 1.37 -29.03
C GLY C 194 0.42 1.65 -29.09
N HIS C 195 -0.10 2.45 -28.15
CA HIS C 195 -1.55 2.77 -28.13
C HIS C 195 -1.78 4.16 -28.65
N ARG C 196 -0.83 5.06 -28.39
CA ARG C 196 -0.88 6.44 -28.89
C ARG C 196 0.51 6.94 -29.26
N LEU C 197 0.55 7.87 -30.20
CA LEU C 197 1.79 8.43 -30.70
C LEU C 197 1.72 9.96 -30.72
N ALA C 198 2.87 10.58 -30.54
CA ALA C 198 3.06 12.02 -30.66
C ALA C 198 4.30 12.28 -31.49
N VAL C 199 4.19 13.19 -32.45
CA VAL C 199 5.30 13.61 -33.28
C VAL C 199 5.24 15.15 -33.41
N CYS C 200 6.40 15.79 -33.25
CA CYS C 200 6.57 17.23 -33.40
C CYS C 200 7.81 17.49 -34.21
N SER C 201 7.71 18.38 -35.21
CA SER C 201 8.80 18.77 -36.11
C SER C 201 8.99 20.29 -36.03
N MET C 202 10.21 20.75 -35.92
CA MET C 202 10.53 22.17 -35.84
C MET C 202 11.71 22.49 -36.76
N PRO C 203 11.63 23.60 -37.53
CA PRO C 203 12.79 23.96 -38.37
C PRO C 203 13.89 24.54 -37.49
N ILE C 204 15.14 24.11 -37.71
CA ILE C 204 16.28 24.53 -36.87
C ILE C 204 17.27 25.48 -37.61
N GLY C 205 17.02 25.73 -38.90
CA GLY C 205 17.77 26.64 -39.75
C GLY C 205 19.11 26.14 -40.26
N GLN C 206 19.33 24.82 -40.21
CA GLN C 206 20.57 24.17 -40.63
C GLN C 206 20.26 22.92 -41.43
N SER C 207 21.01 22.67 -42.52
CA SER C 207 20.79 21.45 -43.28
C SER C 207 21.47 20.28 -42.59
N LEU C 208 20.72 19.19 -42.35
CA LEU C 208 21.18 18.05 -41.57
C LEU C 208 21.10 16.75 -42.34
N PRO C 209 22.02 15.80 -42.01
CA PRO C 209 21.95 14.46 -42.62
C PRO C 209 20.81 13.66 -42.00
N SER C 210 20.05 12.89 -42.82
CA SER C 210 18.96 12.07 -42.29
C SER C 210 19.48 11.04 -41.29
N HIS C 211 19.25 11.31 -40.00
CA HIS C 211 19.70 10.47 -38.88
C HIS C 211 18.57 10.36 -37.86
N SER C 212 18.38 9.18 -37.29
CA SER C 212 17.36 8.94 -36.27
C SER C 212 17.90 8.06 -35.18
N VAL C 213 17.80 8.53 -33.91
CA VAL C 213 18.26 7.85 -32.71
C VAL C 213 17.14 7.80 -31.65
N ILE C 214 17.26 6.89 -30.67
CA ILE C 214 16.32 6.77 -29.57
C ILE C 214 17.02 7.21 -28.31
N VAL C 215 16.47 8.23 -27.66
CA VAL C 215 16.98 8.76 -26.39
C VAL C 215 16.21 8.10 -25.24
N PRO C 216 16.89 7.53 -24.21
CA PRO C 216 16.15 6.88 -23.10
C PRO C 216 15.29 7.88 -22.34
N ARG C 217 14.15 7.44 -21.82
CA ARG C 217 13.22 8.33 -21.11
C ARG C 217 13.87 9.09 -19.95
N LYS C 218 14.76 8.43 -19.21
CA LYS C 218 15.48 9.11 -18.11
C LYS C 218 16.37 10.27 -18.64
N GLY C 219 16.85 10.17 -19.89
CA GLY C 219 17.68 11.15 -20.57
C GLY C 219 16.84 12.29 -21.11
N VAL C 220 15.70 11.97 -21.75
CA VAL C 220 14.70 12.96 -22.20
C VAL C 220 14.31 13.86 -20.98
N ILE C 221 14.14 13.25 -19.81
CA ILE C 221 13.80 13.99 -18.59
C ILE C 221 14.93 14.87 -18.19
N GLU C 222 16.15 14.37 -18.27
CA GLU C 222 17.33 15.13 -17.86
C GLU C 222 17.60 16.27 -18.81
N LEU C 223 17.48 15.98 -20.11
CA LEU C 223 17.63 16.95 -21.17
C LEU C 223 16.58 18.09 -20.96
N MET C 224 15.32 17.71 -20.63
CA MET C 224 14.26 18.66 -20.33
C MET C 224 14.70 19.61 -19.23
N ARG C 225 15.15 19.06 -18.11
CA ARG C 225 15.52 19.80 -16.89
C ARG C 225 16.71 20.74 -17.02
N MET C 226 17.48 20.59 -18.11
CA MET C 226 18.64 21.47 -18.25
C MET C 226 18.29 22.73 -19.09
N LEU C 227 17.01 22.83 -19.57
CA LEU C 227 16.52 23.97 -20.34
C LEU C 227 15.92 25.03 -19.38
N ASP C 228 16.77 25.98 -18.93
CA ASP C 228 16.46 26.98 -17.92
C ASP C 228 15.50 28.08 -18.39
N GLY C 229 15.44 28.29 -19.69
CA GLY C 229 14.62 29.32 -20.31
C GLY C 229 15.41 30.57 -20.71
N GLY C 230 16.71 30.56 -20.39
CA GLY C 230 17.61 31.67 -20.64
C GLY C 230 18.06 31.87 -22.07
N ASP C 231 19.24 32.49 -22.25
CA ASP C 231 19.72 32.80 -23.61
C ASP C 231 20.64 31.72 -24.22
N ASN C 232 21.34 30.90 -23.40
CA ASN C 232 22.22 29.86 -23.91
C ASN C 232 21.56 28.94 -24.93
N PRO C 233 22.12 28.83 -26.15
CA PRO C 233 21.54 27.89 -27.09
C PRO C 233 21.86 26.45 -26.67
N LEU C 234 21.33 25.52 -27.43
CA LEU C 234 21.53 24.12 -27.18
C LEU C 234 22.36 23.51 -28.28
N ARG C 235 23.55 23.01 -27.92
CA ARG C 235 24.45 22.42 -28.89
C ARG C 235 24.35 20.93 -28.74
N VAL C 236 23.94 20.24 -29.81
CA VAL C 236 23.69 18.81 -29.81
C VAL C 236 24.65 18.02 -30.72
N GLN C 237 25.26 17.00 -30.17
CA GLN C 237 26.12 16.15 -30.95
C GLN C 237 25.54 14.77 -30.86
N ILE C 238 25.18 14.19 -31.99
CA ILE C 238 24.64 12.85 -32.00
C ILE C 238 25.68 11.93 -32.58
N GLY C 239 25.88 10.81 -31.93
CA GLY C 239 26.83 9.81 -32.37
C GLY C 239 26.10 8.55 -32.73
N SER C 240 26.85 7.45 -32.77
CA SER C 240 26.27 6.14 -33.09
C SER C 240 25.47 5.60 -31.89
N ASN C 241 26.04 5.69 -30.67
CA ASN C 241 25.43 5.13 -29.48
C ASN C 241 25.38 6.13 -28.31
N ASN C 242 25.56 7.42 -28.60
CA ASN C 242 25.51 8.48 -27.61
C ASN C 242 24.90 9.75 -28.14
N ILE C 243 24.39 10.58 -27.24
CA ILE C 243 23.91 11.92 -27.54
C ILE C 243 24.49 12.86 -26.47
N ARG C 244 25.00 14.00 -26.91
CA ARG C 244 25.54 15.01 -26.03
C ARG C 244 24.79 16.31 -26.27
N ALA C 245 24.61 17.09 -25.22
CA ALA C 245 23.99 18.39 -25.32
C ALA C 245 24.65 19.33 -24.31
N HIS C 246 25.23 20.45 -24.82
CA HIS C 246 25.85 21.50 -24.03
C HIS C 246 24.89 22.68 -23.97
N VAL C 247 24.72 23.28 -22.75
CA VAL C 247 23.85 24.44 -22.46
C VAL C 247 24.60 25.27 -21.41
N GLY C 248 25.28 26.32 -21.89
CA GLY C 248 26.08 27.14 -21.02
C GLY C 248 27.20 26.32 -20.40
N ASP C 249 27.29 26.34 -19.04
CA ASP C 249 28.33 25.64 -18.33
C ASP C 249 27.96 24.20 -17.90
N PHE C 250 26.92 23.61 -18.53
CA PHE C 250 26.49 22.25 -18.27
C PHE C 250 26.64 21.40 -19.51
N ILE C 251 27.13 20.17 -19.32
CA ILE C 251 27.29 19.20 -20.41
C ILE C 251 26.59 17.92 -20.01
N PHE C 252 25.61 17.52 -20.81
CA PHE C 252 24.86 16.28 -20.61
C PHE C 252 25.24 15.26 -21.67
N THR C 253 25.54 14.04 -21.23
CA THR C 253 25.80 12.94 -22.15
C THR C 253 24.94 11.76 -21.76
N SER C 254 24.41 11.05 -22.78
CA SER C 254 23.62 9.87 -22.55
C SER C 254 23.90 8.80 -23.56
N LYS C 255 23.78 7.54 -23.13
CA LYS C 255 23.86 6.41 -24.05
C LYS C 255 22.52 6.42 -24.81
N LEU C 256 22.45 5.85 -26.00
CA LEU C 256 21.20 5.78 -26.75
C LEU C 256 20.58 4.40 -26.56
N VAL C 257 19.29 4.24 -26.89
CA VAL C 257 18.63 2.95 -26.78
C VAL C 257 18.89 2.20 -28.07
N ASP C 258 19.46 0.98 -27.96
CA ASP C 258 19.74 0.11 -29.09
C ASP C 258 18.47 -0.61 -29.47
N GLY C 259 17.80 -0.11 -30.51
CA GLY C 259 16.59 -0.73 -31.02
C GLY C 259 16.15 -0.09 -32.30
N ARG C 260 15.18 -0.70 -32.98
CA ARG C 260 14.60 -0.15 -34.20
C ARG C 260 13.20 0.42 -33.83
N PHE C 261 13.13 1.77 -33.68
CA PHE C 261 11.88 2.48 -33.42
C PHE C 261 10.90 2.15 -34.55
N PRO C 262 9.63 1.88 -34.21
CA PRO C 262 8.62 1.54 -35.24
C PRO C 262 8.50 2.63 -36.30
N ASP C 263 7.88 2.36 -37.47
CA ASP C 263 7.73 3.42 -38.45
C ASP C 263 6.49 4.28 -38.12
N TYR C 264 6.68 5.55 -37.71
CA TYR C 264 5.58 6.44 -37.35
C TYR C 264 4.79 6.87 -38.60
N ARG C 265 5.49 6.98 -39.73
CA ARG C 265 4.95 7.42 -41.00
C ARG C 265 3.84 6.53 -41.49
N ARG C 266 3.85 5.27 -41.08
CA ARG C 266 2.79 4.34 -41.48
C ARG C 266 1.59 4.53 -40.58
N VAL C 267 1.82 4.56 -39.24
CA VAL C 267 0.75 4.60 -38.25
C VAL C 267 -0.10 5.84 -38.41
N LEU C 268 0.49 6.90 -38.99
CA LEU C 268 -0.22 8.13 -39.34
C LEU C 268 -1.24 7.74 -40.40
N PRO C 269 -2.55 8.01 -40.21
CA PRO C 269 -3.55 7.65 -41.22
C PRO C 269 -3.20 8.03 -42.66
N LYS C 270 -2.64 9.23 -42.94
CA LYS C 270 -2.27 9.68 -44.30
C LYS C 270 -3.46 9.89 -45.26
N ASN C 271 -4.35 8.87 -45.49
CA ASN C 271 -5.56 9.11 -46.32
C ASN C 271 -6.91 9.01 -45.53
N PRO C 272 -7.09 9.81 -44.48
CA PRO C 272 -8.38 9.81 -43.76
C PRO C 272 -9.44 10.52 -44.59
N ASP C 273 -10.68 9.98 -44.60
CA ASP C 273 -11.77 10.56 -45.37
C ASP C 273 -12.70 11.44 -44.52
N LYS C 274 -12.70 11.21 -43.19
CA LYS C 274 -13.52 11.97 -42.26
C LYS C 274 -12.74 13.06 -41.55
N HIS C 275 -13.22 14.30 -41.61
CA HIS C 275 -12.55 15.42 -40.94
C HIS C 275 -13.52 16.17 -40.04
N LEU C 276 -13.13 16.30 -38.77
CA LEU C 276 -13.91 16.96 -37.72
C LEU C 276 -13.16 18.15 -37.19
N GLU C 277 -13.85 19.29 -37.02
CA GLU C 277 -13.23 20.47 -36.38
C GLU C 277 -14.05 20.91 -35.16
N ALA C 278 -13.34 21.19 -34.07
CA ALA C 278 -13.98 21.62 -32.83
C ALA C 278 -13.06 22.54 -32.05
N GLY C 279 -13.62 23.27 -31.11
CA GLY C 279 -12.86 24.13 -30.23
C GLY C 279 -12.09 23.21 -29.31
N CYS C 280 -10.81 23.46 -29.16
CA CYS C 280 -9.98 22.65 -28.29
C CYS C 280 -10.52 22.57 -26.85
N ASP C 281 -10.81 23.71 -26.22
CA ASP C 281 -11.28 23.74 -24.84
C ASP C 281 -12.65 23.11 -24.63
N LEU C 282 -13.58 23.33 -25.53
CA LEU C 282 -14.89 22.74 -25.35
C LEU C 282 -14.85 21.23 -25.46
N LEU C 283 -13.98 20.72 -26.35
CA LEU C 283 -13.80 19.30 -26.58
C LEU C 283 -13.11 18.65 -25.37
N LYS C 284 -12.09 19.33 -24.82
CA LYS C 284 -11.36 18.92 -23.61
C LYS C 284 -12.30 18.85 -22.39
N GLN C 285 -13.09 19.89 -22.18
CA GLN C 285 -13.98 19.94 -21.01
C GLN C 285 -15.08 18.92 -21.11
N ALA C 286 -15.51 18.60 -22.32
CA ALA C 286 -16.55 17.61 -22.55
C ALA C 286 -16.05 16.16 -22.17
N PHE C 287 -14.84 15.81 -22.68
CA PHE C 287 -14.15 14.57 -22.41
C PHE C 287 -13.80 14.47 -20.88
N ALA C 288 -13.36 15.56 -20.30
CA ALA C 288 -13.01 15.63 -18.90
C ALA C 288 -14.21 15.35 -17.98
N ARG C 289 -15.40 15.83 -18.37
CA ARG C 289 -16.59 15.53 -17.59
C ARG C 289 -17.06 14.10 -17.82
N ALA C 290 -17.14 13.65 -19.11
CA ALA C 290 -17.54 12.29 -19.42
C ALA C 290 -16.64 11.28 -18.70
N ALA C 291 -15.33 11.55 -18.62
CA ALA C 291 -14.31 10.71 -17.94
C ALA C 291 -14.66 10.33 -16.48
N ILE C 292 -15.39 11.20 -15.77
CA ILE C 292 -15.77 10.97 -14.38
C ILE C 292 -16.57 9.68 -14.25
N LEU C 293 -17.43 9.42 -15.24
CA LEU C 293 -18.30 8.26 -15.19
C LEU C 293 -17.83 7.13 -16.12
N SER C 294 -16.58 7.17 -16.60
CA SER C 294 -15.96 6.06 -17.32
C SER C 294 -15.29 5.09 -16.31
N ASN C 295 -15.03 3.86 -16.71
CA ASN C 295 -14.38 2.82 -15.87
C ASN C 295 -13.01 3.28 -15.40
N GLU C 296 -12.75 3.20 -14.07
CA GLU C 296 -11.50 3.65 -13.42
C GLU C 296 -10.23 3.01 -13.97
N LYS C 297 -10.32 1.74 -14.32
CA LYS C 297 -9.20 1.01 -14.89
C LYS C 297 -9.01 1.26 -16.42
N PHE C 298 -10.10 1.09 -17.22
CA PHE C 298 -10.09 1.10 -18.69
C PHE C 298 -10.36 2.45 -19.35
N ARG C 299 -11.09 3.35 -18.68
CA ARG C 299 -11.28 4.75 -19.11
C ARG C 299 -11.86 4.90 -20.52
N GLY C 300 -12.68 3.96 -20.95
CA GLY C 300 -13.26 3.98 -22.28
C GLY C 300 -14.50 4.82 -22.38
N VAL C 301 -14.51 5.69 -23.38
CA VAL C 301 -15.64 6.56 -23.72
C VAL C 301 -16.05 6.26 -25.14
N ARG C 302 -17.31 6.51 -25.50
CA ARG C 302 -17.76 6.39 -26.88
C ARG C 302 -17.99 7.73 -27.53
N LEU C 303 -17.57 7.89 -28.82
CA LEU C 303 -17.89 9.06 -29.67
C LEU C 303 -18.83 8.62 -30.76
N TYR C 304 -19.87 9.41 -30.95
CA TYR C 304 -20.79 9.24 -32.06
C TYR C 304 -20.65 10.52 -32.91
N VAL C 305 -20.09 10.39 -34.11
CA VAL C 305 -20.02 11.56 -35.01
C VAL C 305 -21.11 11.44 -36.06
N SER C 306 -21.84 12.52 -36.21
CA SER C 306 -22.93 12.69 -37.14
C SER C 306 -22.83 14.12 -37.66
N GLU C 307 -23.64 14.50 -38.63
CA GLU C 307 -23.52 15.82 -39.27
C GLU C 307 -23.43 16.95 -38.25
N ASN C 308 -22.31 17.67 -38.25
CA ASN C 308 -22.04 18.85 -37.38
C ASN C 308 -22.29 18.64 -35.87
N GLN C 309 -22.11 17.41 -35.41
CA GLN C 309 -22.36 17.07 -34.03
C GLN C 309 -21.53 15.90 -33.53
N LEU C 310 -21.13 16.00 -32.25
CA LEU C 310 -20.39 14.98 -31.52
C LEU C 310 -21.08 14.69 -30.23
N LYS C 311 -21.30 13.40 -29.94
CA LYS C 311 -21.88 12.91 -28.70
C LYS C 311 -20.83 12.01 -28.03
N ILE C 312 -20.49 12.31 -26.75
CA ILE C 312 -19.48 11.57 -25.97
C ILE C 312 -20.22 10.87 -24.84
N THR C 313 -20.20 9.52 -24.79
CA THR C 313 -20.84 8.84 -23.68
C THR C 313 -19.82 8.01 -22.91
N ALA C 314 -20.10 7.81 -21.64
CA ALA C 314 -19.25 7.00 -20.76
C ALA C 314 -20.15 6.30 -19.77
N ASN C 315 -19.78 5.08 -19.35
CA ASN C 315 -20.47 4.35 -18.30
C ASN C 315 -19.52 3.47 -17.54
N ASN C 316 -19.91 3.10 -16.33
CA ASN C 316 -19.02 2.34 -15.48
C ASN C 316 -19.71 1.07 -14.93
N PRO C 317 -18.98 0.20 -14.23
CA PRO C 317 -19.63 -1.01 -13.69
C PRO C 317 -20.82 -0.74 -12.76
N GLU C 318 -20.87 0.45 -12.13
CA GLU C 318 -21.98 0.85 -11.25
C GLU C 318 -23.21 1.27 -12.06
N GLN C 319 -23.11 1.24 -13.41
CA GLN C 319 -24.20 1.58 -14.34
C GLN C 319 -24.50 3.09 -14.43
N GLU C 320 -23.55 3.91 -13.98
CA GLU C 320 -23.68 5.35 -14.04
C GLU C 320 -23.34 5.73 -15.47
N GLU C 321 -23.90 6.83 -15.96
CA GLU C 321 -23.68 7.22 -17.35
C GLU C 321 -23.49 8.76 -17.47
N ALA C 322 -22.62 9.18 -18.37
CA ALA C 322 -22.37 10.59 -18.69
C ALA C 322 -22.66 10.71 -20.12
N GLU C 323 -23.21 11.82 -20.55
CA GLU C 323 -23.46 12.10 -21.97
C GLU C 323 -23.25 13.59 -22.20
N GLU C 324 -22.47 13.92 -23.20
CA GLU C 324 -22.14 15.29 -23.62
C GLU C 324 -22.43 15.43 -25.10
N ILE C 325 -23.05 16.53 -25.51
CA ILE C 325 -23.33 16.83 -26.92
C ILE C 325 -22.68 18.15 -27.28
N LEU C 326 -22.06 18.19 -28.43
CA LEU C 326 -21.35 19.37 -28.87
C LEU C 326 -21.64 19.66 -30.32
N ASP C 327 -21.59 20.93 -30.69
CA ASP C 327 -21.62 21.39 -32.06
C ASP C 327 -20.20 21.38 -32.60
N VAL C 328 -19.99 20.69 -33.73
CA VAL C 328 -18.68 20.54 -34.34
C VAL C 328 -18.84 20.78 -35.84
N THR C 329 -17.74 20.86 -36.56
CA THR C 329 -17.80 21.03 -38.01
C THR C 329 -17.50 19.66 -38.63
N TYR C 330 -18.55 18.93 -39.00
CA TYR C 330 -18.38 17.59 -39.54
C TYR C 330 -19.37 17.29 -40.62
N SER C 331 -18.87 16.92 -41.80
CA SER C 331 -19.69 16.44 -42.91
C SER C 331 -19.02 15.20 -43.46
N GLY C 332 -19.69 14.08 -43.30
CA GLY C 332 -19.20 12.76 -43.64
C GLY C 332 -20.13 11.73 -43.05
N ALA C 333 -19.77 10.44 -43.15
CA ALA C 333 -20.62 9.36 -42.66
C ALA C 333 -20.67 9.27 -41.12
N GLU C 334 -21.83 8.88 -40.58
CA GLU C 334 -21.94 8.70 -39.14
C GLU C 334 -21.05 7.55 -38.66
N MET C 335 -20.47 7.66 -37.47
CA MET C 335 -19.52 6.66 -36.98
C MET C 335 -19.49 6.62 -35.45
N GLU C 336 -19.25 5.43 -34.90
CA GLU C 336 -19.08 5.21 -33.49
C GLU C 336 -17.65 4.69 -33.29
N ILE C 337 -16.92 5.21 -32.28
CA ILE C 337 -15.53 4.85 -32.05
C ILE C 337 -15.28 5.05 -30.55
N GLY C 338 -14.69 4.04 -29.95
CA GLY C 338 -14.37 4.05 -28.53
C GLY C 338 -12.96 4.53 -28.35
N PHE C 339 -12.66 5.08 -27.17
CA PHE C 339 -11.33 5.60 -26.91
C PHE C 339 -11.02 5.56 -25.45
N ASN C 340 -9.73 5.48 -25.09
CA ASN C 340 -9.28 5.63 -23.72
C ASN C 340 -9.29 7.15 -23.57
N VAL C 341 -10.18 7.66 -22.73
CA VAL C 341 -10.36 9.10 -22.58
C VAL C 341 -9.07 9.81 -22.08
N SER C 342 -8.25 9.11 -21.30
CA SER C 342 -6.99 9.68 -20.81
C SER C 342 -6.02 9.96 -21.95
N TYR C 343 -6.00 9.10 -23.00
CA TYR C 343 -5.15 9.33 -24.17
C TYR C 343 -5.62 10.54 -24.92
N VAL C 344 -6.93 10.80 -24.96
CA VAL C 344 -7.51 11.95 -25.69
C VAL C 344 -7.24 13.24 -24.92
N LEU C 345 -7.44 13.20 -23.59
CA LEU C 345 -7.19 14.34 -22.70
C LEU C 345 -5.73 14.76 -22.72
N ASP C 346 -4.82 13.79 -22.78
CA ASP C 346 -3.37 13.98 -22.88
C ASP C 346 -3.05 14.79 -24.12
N VAL C 347 -3.65 14.41 -25.29
CA VAL C 347 -3.47 15.11 -26.56
C VAL C 347 -3.99 16.55 -26.47
N LEU C 348 -5.23 16.73 -25.99
CA LEU C 348 -5.85 18.07 -25.92
C LEU C 348 -5.10 19.01 -25.00
N ASN C 349 -4.54 18.50 -23.91
CA ASN C 349 -3.73 19.28 -22.98
C ASN C 349 -2.35 19.60 -23.63
N ALA C 350 -1.90 18.79 -24.58
CA ALA C 350 -0.65 19.02 -25.33
C ALA C 350 -0.85 20.12 -26.35
N LEU C 351 -1.96 20.04 -27.12
CA LEU C 351 -2.36 21.06 -28.10
C LEU C 351 -2.87 22.25 -27.23
N LYS C 352 -2.08 23.28 -27.10
CA LYS C 352 -2.56 24.39 -26.28
C LYS C 352 -3.04 25.46 -27.28
N CYS C 353 -4.11 25.12 -28.02
CA CYS C 353 -4.63 25.88 -29.16
C CYS C 353 -6.11 26.19 -29.06
N GLU C 354 -6.62 26.87 -30.08
CA GLU C 354 -7.99 27.36 -30.17
C GLU C 354 -8.94 26.31 -30.80
N ASN C 355 -8.49 25.69 -31.91
CA ASN C 355 -9.26 24.71 -32.65
C ASN C 355 -8.47 23.48 -32.98
N VAL C 356 -9.17 22.33 -33.00
CA VAL C 356 -8.55 21.02 -33.26
C VAL C 356 -9.19 20.37 -34.46
N ARG C 357 -8.38 19.68 -35.24
CA ARG C 357 -8.84 18.90 -36.39
C ARG C 357 -8.66 17.41 -36.05
N MET C 358 -9.71 16.61 -36.21
CA MET C 358 -9.65 15.18 -35.97
C MET C 358 -9.84 14.48 -37.30
N MET C 359 -8.92 13.58 -37.66
CA MET C 359 -9.05 12.84 -38.91
C MET C 359 -9.30 11.37 -38.64
N LEU C 360 -10.46 10.87 -39.07
CA LEU C 360 -10.88 9.49 -38.87
C LEU C 360 -11.05 8.73 -40.21
N THR C 361 -11.27 7.41 -40.12
CA THR C 361 -11.55 6.51 -41.26
C THR C 361 -12.73 5.62 -40.88
N ASP C 362 -12.54 4.75 -39.87
CA ASP C 362 -13.56 3.87 -39.34
C ASP C 362 -13.32 3.59 -37.87
N SER C 363 -14.22 2.81 -37.26
CA SER C 363 -14.25 2.49 -35.85
C SER C 363 -13.11 1.58 -35.35
N VAL C 364 -12.37 0.93 -36.25
CA VAL C 364 -11.25 0.07 -35.80
C VAL C 364 -9.86 0.62 -36.19
N SER C 365 -9.80 1.84 -36.71
CA SER C 365 -8.56 2.45 -37.18
C SER C 365 -8.19 3.69 -36.38
N SER C 366 -6.87 3.99 -36.30
CA SER C 366 -6.35 5.16 -35.60
C SER C 366 -7.01 6.50 -36.03
N VAL C 367 -6.98 7.46 -35.14
CA VAL C 367 -7.46 8.82 -35.40
C VAL C 367 -6.28 9.76 -35.26
N GLN C 368 -6.14 10.69 -36.19
CA GLN C 368 -5.10 11.71 -36.10
C GLN C 368 -5.70 13.02 -35.54
N ILE C 369 -5.06 13.63 -34.56
CA ILE C 369 -5.55 14.86 -33.96
C ILE C 369 -4.48 15.90 -34.12
N GLU C 370 -4.84 17.11 -34.56
CA GLU C 370 -3.87 18.19 -34.62
C GLU C 370 -4.49 19.54 -34.42
N ASP C 371 -3.66 20.57 -34.23
CA ASP C 371 -4.14 21.95 -34.19
C ASP C 371 -4.69 22.24 -35.60
N ALA C 372 -5.86 22.90 -35.68
CA ALA C 372 -6.47 23.19 -36.97
C ALA C 372 -5.71 24.27 -37.71
N ALA C 373 -4.78 24.98 -37.01
CA ALA C 373 -3.98 26.08 -37.56
C ALA C 373 -2.48 25.82 -37.61
N SER C 374 -2.05 24.57 -37.39
CA SER C 374 -0.62 24.22 -37.33
C SER C 374 -0.44 22.73 -37.57
N GLN C 375 0.56 22.38 -38.36
CA GLN C 375 0.81 20.99 -38.70
C GLN C 375 2.16 20.56 -38.12
N SER C 376 2.72 21.39 -37.21
CA SER C 376 4.03 21.11 -36.60
C SER C 376 4.01 19.90 -35.66
N ALA C 377 2.87 19.64 -35.02
CA ALA C 377 2.61 18.50 -34.13
C ALA C 377 1.42 17.72 -34.65
N ALA C 378 1.51 16.39 -34.53
CA ALA C 378 0.42 15.48 -34.92
C ALA C 378 0.37 14.38 -33.88
N TYR C 379 -0.85 13.96 -33.54
CA TYR C 379 -1.12 12.95 -32.52
C TYR C 379 -1.97 11.91 -33.13
N VAL C 380 -1.62 10.63 -32.81
CA VAL C 380 -2.34 9.47 -33.35
C VAL C 380 -2.81 8.62 -32.18
N VAL C 381 -4.12 8.42 -32.05
CA VAL C 381 -4.65 7.59 -30.99
C VAL C 381 -5.37 6.38 -31.60
N MET C 382 -5.01 5.17 -31.13
CA MET C 382 -5.66 3.92 -31.53
C MET C 382 -6.99 3.70 -30.73
N PRO C 383 -8.10 3.34 -31.40
CA PRO C 383 -9.36 3.08 -30.65
C PRO C 383 -9.43 1.79 -29.84
N MET C 384 -10.47 1.71 -29.01
CA MET C 384 -10.86 0.60 -28.15
C MET C 384 -12.15 0.07 -28.78
N ARG C 385 -12.46 -1.21 -28.58
CA ARG C 385 -13.77 -1.78 -28.83
C ARG C 385 -14.40 -1.93 -27.41
N LEU C 386 -15.54 -1.27 -27.17
CA LEU C 386 -16.23 -1.24 -25.87
C LEU C 386 -17.58 -2.00 -25.95
N SER D 19 36.59 -11.91 -7.83
CA SER D 19 36.47 -12.52 -9.15
C SER D 19 37.24 -13.84 -9.24
N HIS D 20 37.41 -14.50 -8.07
CA HIS D 20 38.11 -15.78 -7.97
C HIS D 20 37.30 -16.83 -7.20
N MET D 21 36.35 -16.37 -6.36
CA MET D 21 35.50 -17.24 -5.53
C MET D 21 34.82 -18.38 -6.29
N LYS D 22 35.00 -19.62 -5.82
CA LYS D 22 34.45 -20.83 -6.45
C LYS D 22 34.10 -21.84 -5.37
N PHE D 23 32.94 -22.48 -5.52
CA PHE D 23 32.47 -23.54 -4.65
C PHE D 23 31.42 -24.37 -5.37
N THR D 24 31.38 -25.68 -5.11
CA THR D 24 30.38 -26.63 -5.60
C THR D 24 29.82 -27.30 -4.34
N VAL D 25 28.51 -27.13 -4.09
CA VAL D 25 27.84 -27.67 -2.91
C VAL D 25 26.57 -28.35 -3.35
N GLU D 26 26.05 -29.28 -2.53
CA GLU D 26 24.84 -29.98 -2.89
C GLU D 26 23.66 -29.14 -2.49
N ARG D 27 22.61 -29.18 -3.30
CA ARG D 27 21.42 -28.36 -3.08
C ARG D 27 20.98 -28.33 -1.62
N GLU D 28 20.96 -29.52 -0.99
CA GLU D 28 20.41 -29.67 0.35
C GLU D 28 21.30 -29.09 1.42
N HIS D 29 22.59 -28.84 1.11
CA HIS D 29 23.45 -28.15 2.06
C HIS D 29 23.29 -26.65 1.98
N LEU D 30 22.62 -26.11 0.94
CA LEU D 30 22.43 -24.65 0.82
C LEU D 30 21.08 -24.16 1.26
N LEU D 31 20.02 -24.97 1.03
CA LEU D 31 18.64 -24.58 1.29
C LEU D 31 18.34 -24.00 2.67
N LYS D 32 18.58 -24.77 3.74
CA LYS D 32 18.25 -24.27 5.08
C LYS D 32 19.09 -23.04 5.40
N PRO D 33 20.43 -23.05 5.13
CA PRO D 33 21.25 -21.84 5.34
C PRO D 33 20.76 -20.59 4.57
N LEU D 34 20.38 -20.78 3.28
CA LEU D 34 19.87 -19.69 2.42
C LEU D 34 18.59 -19.14 2.97
N GLN D 35 17.66 -20.01 3.40
CA GLN D 35 16.40 -19.63 4.01
C GLN D 35 16.60 -18.97 5.38
N GLN D 36 17.60 -19.39 6.14
CA GLN D 36 17.83 -18.81 7.46
C GLN D 36 18.45 -17.42 7.36
N VAL D 37 19.48 -17.24 6.50
CA VAL D 37 20.19 -15.96 6.36
C VAL D 37 19.30 -14.90 5.73
N SER D 38 18.37 -15.33 4.84
CA SER D 38 17.40 -14.45 4.16
C SER D 38 16.31 -13.94 5.14
N GLY D 39 16.31 -14.49 6.35
CA GLY D 39 15.41 -14.10 7.43
C GLY D 39 15.41 -12.62 7.70
N PRO D 40 16.54 -12.04 8.21
CA PRO D 40 16.55 -10.57 8.50
C PRO D 40 16.21 -9.63 7.32
N LEU D 41 16.26 -10.15 6.08
CA LEU D 41 16.02 -9.41 4.84
C LEU D 41 14.54 -9.15 4.64
N GLY D 42 14.21 -7.87 4.42
CA GLY D 42 12.84 -7.46 4.17
C GLY D 42 12.47 -7.32 2.70
N GLY D 43 11.20 -7.02 2.49
CA GLY D 43 10.62 -6.69 1.19
C GLY D 43 10.80 -5.19 1.06
N ARG D 44 11.21 -4.73 -0.12
CA ARG D 44 11.56 -3.33 -0.37
C ARG D 44 12.81 -2.87 0.42
N PRO D 45 14.03 -3.45 0.15
CA PRO D 45 15.24 -2.98 0.87
C PRO D 45 15.61 -1.54 0.55
N THR D 46 16.02 -0.79 1.57
CA THR D 46 16.45 0.60 1.43
C THR D 46 17.61 0.71 0.43
N LEU D 47 18.66 -0.08 0.68
CA LEU D 47 19.85 -0.13 -0.16
C LEU D 47 19.81 -1.43 -0.94
N PRO D 48 20.20 -1.46 -2.21
CA PRO D 48 20.14 -2.73 -2.96
C PRO D 48 20.95 -3.88 -2.34
N ILE D 49 22.13 -3.55 -1.75
CA ILE D 49 22.99 -4.56 -1.13
C ILE D 49 22.31 -5.26 0.05
N LEU D 50 21.36 -4.60 0.77
CA LEU D 50 20.62 -5.25 1.87
C LEU D 50 19.65 -6.38 1.37
N GLY D 51 19.42 -6.45 0.07
CA GLY D 51 18.63 -7.52 -0.56
C GLY D 51 19.58 -8.59 -1.07
N ASN D 52 20.89 -8.37 -0.78
CA ASN D 52 21.96 -9.28 -1.18
C ASN D 52 22.45 -10.11 0.02
N LEU D 53 23.01 -11.30 -0.26
CA LEU D 53 23.66 -12.08 0.83
C LEU D 53 25.16 -12.01 0.57
N LEU D 54 25.95 -11.82 1.64
CA LEU D 54 27.41 -11.88 1.50
C LEU D 54 27.84 -13.36 1.42
N LEU D 55 28.54 -13.74 0.39
CA LEU D 55 29.08 -15.10 0.22
C LEU D 55 30.63 -15.04 0.42
N GLN D 56 31.20 -15.79 1.38
CA GLN D 56 32.67 -15.83 1.57
C GLN D 56 33.21 -17.25 1.61
N VAL D 57 34.18 -17.55 0.75
CA VAL D 57 34.89 -18.83 0.81
C VAL D 57 36.27 -18.60 1.46
N ALA D 58 36.46 -19.21 2.63
CA ALA D 58 37.67 -19.12 3.46
C ALA D 58 37.94 -20.54 3.98
N ASP D 59 39.15 -21.10 3.71
CA ASP D 59 39.51 -22.49 4.04
C ASP D 59 38.49 -23.45 3.42
N GLY D 60 37.98 -24.39 4.21
CA GLY D 60 36.96 -25.32 3.75
C GLY D 60 35.58 -24.94 4.24
N THR D 61 35.31 -23.64 4.36
CA THR D 61 34.04 -23.11 4.85
C THR D 61 33.49 -22.06 3.91
N LEU D 62 32.19 -22.15 3.62
CA LEU D 62 31.43 -21.10 2.93
C LEU D 62 30.58 -20.39 4.00
N SER D 63 30.72 -19.08 4.15
CA SER D 63 29.89 -18.33 5.07
C SER D 63 28.86 -17.48 4.28
N LEU D 64 27.60 -17.47 4.74
CA LEU D 64 26.53 -16.71 4.12
C LEU D 64 25.97 -15.74 5.15
N THR D 65 25.99 -14.44 4.88
CA THR D 65 25.51 -13.44 5.83
C THR D 65 24.37 -12.63 5.22
N GLY D 66 23.37 -12.38 6.05
CA GLY D 66 22.23 -11.57 5.70
C GLY D 66 22.17 -10.48 6.74
N THR D 67 21.78 -9.26 6.33
CA THR D 67 21.68 -8.17 7.29
C THR D 67 20.58 -7.19 6.97
N ASP D 68 20.18 -6.43 7.99
CA ASP D 68 19.25 -5.34 7.86
C ASP D 68 19.82 -4.13 8.62
N LEU D 69 21.14 -4.18 8.96
CA LEU D 69 21.91 -3.15 9.71
C LEU D 69 21.68 -3.20 11.20
N GLU D 70 20.48 -3.61 11.64
CA GLU D 70 20.14 -3.68 13.05
C GLU D 70 20.54 -5.08 13.55
N MET D 71 20.47 -6.07 12.65
CA MET D 71 20.77 -7.45 13.00
C MET D 71 21.36 -8.19 11.82
N GLU D 72 21.96 -9.37 12.08
CA GLU D 72 22.50 -10.24 11.05
C GLU D 72 22.43 -11.72 11.39
N MET D 73 22.34 -12.54 10.33
CA MET D 73 22.30 -13.98 10.39
C MET D 73 23.43 -14.48 9.52
N VAL D 74 24.35 -15.28 10.12
CA VAL D 74 25.48 -15.95 9.47
C VAL D 74 25.23 -17.47 9.48
N ALA D 75 25.57 -18.13 8.38
CA ALA D 75 25.50 -19.57 8.26
C ALA D 75 26.85 -20.07 7.73
N ARG D 76 27.39 -21.17 8.30
CA ARG D 76 28.62 -21.77 7.79
C ARG D 76 28.35 -23.14 7.19
N VAL D 77 28.85 -23.37 5.99
CA VAL D 77 28.69 -24.59 5.24
C VAL D 77 30.10 -25.15 4.94
N ALA D 78 30.32 -26.43 5.33
CA ALA D 78 31.57 -27.13 5.09
C ALA D 78 31.70 -27.46 3.58
N LEU D 79 32.88 -27.20 3.03
CA LEU D 79 33.17 -27.46 1.62
C LEU D 79 34.09 -28.70 1.48
N VAL D 80 33.51 -29.83 1.09
CA VAL D 80 34.25 -31.09 0.91
C VAL D 80 34.66 -31.26 -0.56
N GLN D 81 34.19 -30.35 -1.41
CA GLN D 81 34.53 -30.35 -2.83
C GLN D 81 35.48 -29.21 -3.15
N PRO D 82 36.21 -29.29 -4.27
CA PRO D 82 37.14 -28.21 -4.64
C PRO D 82 36.51 -26.81 -4.62
N HIS D 83 37.27 -25.87 -4.10
CA HIS D 83 36.80 -24.51 -3.95
C HIS D 83 37.97 -23.53 -4.04
N GLU D 84 37.67 -22.26 -4.28
CA GLU D 84 38.63 -21.17 -4.38
C GLU D 84 38.18 -20.08 -3.46
N PRO D 85 39.09 -19.47 -2.66
CA PRO D 85 38.66 -18.41 -1.72
C PRO D 85 38.28 -17.10 -2.43
N GLY D 86 37.47 -16.32 -1.75
CA GLY D 86 36.95 -15.08 -2.30
C GLY D 86 35.61 -14.73 -1.71
N ALA D 87 35.09 -13.54 -2.06
CA ALA D 87 33.84 -13.05 -1.53
C ALA D 87 33.08 -12.23 -2.56
N THR D 88 31.75 -12.17 -2.40
CA THR D 88 30.86 -11.38 -3.26
C THR D 88 29.53 -11.28 -2.56
N THR D 89 28.59 -10.48 -3.09
CA THR D 89 27.21 -10.38 -2.60
C THR D 89 26.35 -10.67 -3.80
N VAL D 90 25.24 -11.38 -3.60
CA VAL D 90 24.37 -11.83 -4.70
C VAL D 90 22.88 -11.70 -4.27
N PRO D 91 21.93 -11.49 -5.24
CA PRO D 91 20.51 -11.33 -4.85
C PRO D 91 19.97 -12.52 -4.06
N ALA D 92 19.61 -12.29 -2.75
CA ALA D 92 19.14 -13.31 -1.80
C ALA D 92 17.94 -14.15 -2.29
N ARG D 93 16.79 -13.56 -2.52
CA ARG D 93 15.62 -14.31 -2.98
C ARG D 93 15.89 -15.05 -4.29
N LYS D 94 16.54 -14.38 -5.25
CA LYS D 94 16.84 -14.99 -6.54
C LYS D 94 17.75 -16.23 -6.40
N PHE D 95 18.79 -16.14 -5.56
CA PHE D 95 19.73 -17.23 -5.37
C PHE D 95 19.07 -18.39 -4.64
N PHE D 96 18.32 -18.10 -3.59
CA PHE D 96 17.52 -19.11 -2.89
C PHE D 96 16.52 -19.80 -3.84
N ASP D 97 15.79 -19.00 -4.65
CA ASP D 97 14.82 -19.57 -5.58
C ASP D 97 15.44 -20.44 -6.65
N ILE D 98 16.67 -20.13 -7.06
CA ILE D 98 17.36 -20.92 -8.09
C ILE D 98 17.74 -22.27 -7.51
N CYS D 99 18.28 -22.24 -6.29
CA CYS D 99 18.71 -23.41 -5.55
C CYS D 99 17.52 -24.29 -5.23
N ARG D 100 16.45 -23.70 -4.67
CA ARG D 100 15.21 -24.40 -4.34
C ARG D 100 14.56 -24.95 -5.61
N GLY D 101 14.59 -24.22 -6.72
CA GLY D 101 14.01 -24.70 -7.97
C GLY D 101 14.77 -25.84 -8.64
N LEU D 102 15.96 -26.11 -8.14
CA LEU D 102 16.78 -27.16 -8.73
C LEU D 102 16.36 -28.57 -8.24
N PRO D 103 16.56 -29.61 -9.10
CA PRO D 103 16.26 -30.99 -8.64
C PRO D 103 16.94 -31.38 -7.33
N GLU D 104 16.32 -32.31 -6.64
CA GLU D 104 16.79 -32.83 -5.35
C GLU D 104 18.14 -33.49 -5.58
N GLY D 105 19.10 -33.17 -4.72
CA GLY D 105 20.44 -33.74 -4.82
C GLY D 105 21.36 -33.09 -5.83
N ALA D 106 20.88 -32.09 -6.59
CA ALA D 106 21.70 -31.37 -7.57
C ALA D 106 23.00 -30.79 -6.98
N GLU D 107 24.02 -30.84 -7.83
CA GLU D 107 25.35 -30.30 -7.58
C GLU D 107 25.32 -28.84 -8.06
N ILE D 108 25.49 -27.89 -7.15
CA ILE D 108 25.43 -26.50 -7.54
C ILE D 108 26.85 -25.89 -7.60
N ALA D 109 27.34 -25.67 -8.82
CA ALA D 109 28.66 -25.11 -9.06
C ALA D 109 28.55 -23.59 -9.23
N VAL D 110 29.15 -22.85 -8.32
CA VAL D 110 29.15 -21.40 -8.33
C VAL D 110 30.56 -20.86 -8.63
N GLN D 111 30.65 -19.83 -9.47
CA GLN D 111 31.91 -19.12 -9.76
C GLN D 111 31.68 -17.66 -10.19
N LEU D 112 32.66 -16.79 -9.89
CA LEU D 112 32.60 -15.37 -10.22
C LEU D 112 33.21 -15.10 -11.57
N GLU D 113 32.52 -14.31 -12.37
CA GLU D 113 32.97 -13.90 -13.70
C GLU D 113 32.85 -12.37 -13.84
N GLY D 114 33.62 -11.69 -12.99
CA GLY D 114 33.64 -10.23 -12.96
C GLY D 114 32.57 -9.65 -12.09
N GLU D 115 31.53 -9.07 -12.72
CA GLU D 115 30.42 -8.47 -11.98
C GLU D 115 29.19 -9.39 -12.04
N ARG D 116 29.43 -10.63 -12.46
CA ARG D 116 28.43 -11.67 -12.57
C ARG D 116 28.84 -12.89 -11.75
N MET D 117 27.88 -13.45 -11.02
CA MET D 117 28.07 -14.74 -10.38
C MET D 117 27.37 -15.79 -11.27
N LEU D 118 28.11 -16.80 -11.66
CA LEU D 118 27.63 -17.89 -12.49
C LEU D 118 27.22 -19.08 -11.61
N VAL D 119 26.02 -19.62 -11.86
CA VAL D 119 25.47 -20.77 -11.14
C VAL D 119 25.12 -21.81 -12.16
N ARG D 120 25.76 -22.98 -12.05
CA ARG D 120 25.50 -24.09 -12.99
C ARG D 120 25.20 -25.35 -12.24
N SER D 121 24.29 -26.14 -12.79
CA SER D 121 23.87 -27.40 -12.22
C SER D 121 23.17 -28.11 -13.33
N GLY D 122 23.72 -29.26 -13.75
CA GLY D 122 23.20 -29.98 -14.91
C GLY D 122 23.22 -29.11 -16.15
N ARG D 123 22.07 -28.98 -16.84
CA ARG D 123 21.97 -28.09 -18.00
C ARG D 123 21.24 -26.78 -17.67
N SER D 124 21.31 -26.38 -16.41
CA SER D 124 20.70 -25.14 -15.95
C SER D 124 21.84 -24.17 -15.68
N ARG D 125 21.72 -22.95 -16.20
CA ARG D 125 22.77 -21.95 -16.09
C ARG D 125 22.14 -20.60 -15.72
N PHE D 126 22.73 -19.92 -14.76
CA PHE D 126 22.19 -18.65 -14.30
C PHE D 126 23.32 -17.70 -14.11
N SER D 127 23.08 -16.46 -14.46
CA SER D 127 24.06 -15.41 -14.34
C SER D 127 23.40 -14.30 -13.55
N LEU D 128 23.86 -14.11 -12.31
CA LEU D 128 23.36 -13.13 -11.37
C LEU D 128 24.30 -11.93 -11.26
N SER D 129 23.70 -10.76 -11.00
CA SER D 129 24.51 -9.56 -10.89
C SER D 129 24.87 -9.41 -9.44
N THR D 130 26.13 -9.05 -9.20
CA THR D 130 26.73 -8.96 -7.88
C THR D 130 26.98 -7.51 -7.44
N LEU D 131 27.30 -7.33 -6.19
CA LEU D 131 27.71 -6.05 -5.62
C LEU D 131 28.95 -6.36 -4.80
N PRO D 132 29.93 -5.45 -4.78
CA PRO D 132 31.19 -5.76 -4.09
C PRO D 132 30.99 -6.20 -2.65
N ALA D 133 31.70 -7.27 -2.25
CA ALA D 133 31.74 -7.74 -0.87
C ALA D 133 32.21 -6.62 0.04
N ALA D 134 33.12 -5.75 -0.43
CA ALA D 134 33.65 -4.61 0.30
C ALA D 134 32.56 -3.62 0.71
N ASP D 135 31.43 -3.59 -0.03
CA ASP D 135 30.33 -2.67 0.24
C ASP D 135 29.35 -3.23 1.24
N PHE D 136 29.49 -4.51 1.59
CA PHE D 136 28.59 -5.18 2.53
C PHE D 136 28.72 -4.64 3.96
N PRO D 137 27.58 -4.26 4.58
CA PRO D 137 27.62 -3.72 5.96
C PRO D 137 27.94 -4.74 7.05
N ASN D 138 28.52 -4.28 8.15
CA ASN D 138 28.65 -5.26 9.21
C ASN D 138 28.67 -4.60 10.59
N LEU D 139 28.09 -5.33 11.55
CA LEU D 139 27.97 -4.97 12.97
C LEU D 139 29.37 -5.02 13.60
N ASP D 140 29.62 -4.12 14.56
CA ASP D 140 30.93 -3.99 15.21
C ASP D 140 31.23 -5.16 16.16
N TRP D 142 32.17 -5.55 19.62
CA TRP D 142 31.55 -5.75 20.95
C TRP D 142 32.08 -6.97 21.74
N GLN D 143 31.87 -6.96 23.07
CA GLN D 143 32.24 -8.09 23.92
C GLN D 143 31.13 -8.51 24.86
N SER D 144 31.02 -9.83 24.97
CA SER D 144 30.05 -10.53 25.77
C SER D 144 30.28 -10.28 27.25
N GLU D 145 29.19 -10.15 28.02
CA GLU D 145 29.19 -9.93 29.48
C GLU D 145 28.57 -11.13 30.21
N VAL D 146 27.50 -11.70 29.63
CA VAL D 146 26.76 -12.84 30.17
C VAL D 146 26.75 -13.92 29.07
N GLU D 147 27.04 -15.17 29.41
CA GLU D 147 27.03 -16.27 28.44
C GLU D 147 26.32 -17.47 29.04
N PHE D 148 25.62 -18.24 28.23
CA PHE D 148 24.92 -19.44 28.71
C PHE D 148 24.35 -20.28 27.59
N THR D 149 23.98 -21.51 27.90
CA THR D 149 23.37 -22.42 26.95
C THR D 149 21.97 -22.78 27.45
N LEU D 150 21.07 -23.18 26.54
CA LEU D 150 19.72 -23.64 26.90
C LEU D 150 19.10 -24.43 25.77
N PRO D 151 18.18 -25.36 26.08
CA PRO D 151 17.55 -26.13 24.99
C PRO D 151 16.68 -25.26 24.12
N GLN D 152 16.52 -25.64 22.85
CA GLN D 152 15.68 -24.94 21.89
C GLN D 152 14.31 -24.72 22.52
N ALA D 153 13.74 -25.82 23.04
CA ALA D 153 12.40 -25.85 23.57
C ALA D 153 12.16 -24.85 24.66
N THR D 154 13.18 -24.58 25.49
CA THR D 154 13.07 -23.61 26.57
C THR D 154 12.93 -22.19 26.01
N MET D 155 13.72 -21.86 24.97
CA MET D 155 13.69 -20.56 24.29
C MET D 155 12.34 -20.45 23.58
N LYS D 156 11.99 -21.45 22.76
CA LYS D 156 10.71 -21.48 22.05
C LYS D 156 9.52 -21.26 23.00
N ARG D 157 9.56 -21.88 24.18
CA ARG D 157 8.50 -21.70 25.13
C ARG D 157 8.55 -20.32 25.79
N LEU D 158 9.76 -19.80 26.08
CA LEU D 158 9.88 -18.46 26.68
C LEU D 158 9.35 -17.38 25.75
N ILE D 159 9.55 -17.54 24.42
CA ILE D 159 9.16 -16.60 23.36
C ILE D 159 7.68 -16.70 23.04
N GLU D 160 7.20 -17.93 22.81
CA GLU D 160 5.82 -18.20 22.46
C GLU D 160 4.86 -17.73 23.54
N ALA D 161 5.28 -17.87 24.82
CA ALA D 161 4.47 -17.48 25.98
C ALA D 161 4.24 -15.98 26.08
N THR D 162 5.15 -15.16 25.51
CA THR D 162 5.10 -13.70 25.72
C THR D 162 4.99 -12.86 24.46
N GLN D 163 5.36 -13.40 23.29
CA GLN D 163 5.50 -12.59 22.11
C GLN D 163 4.26 -11.83 21.68
N PHE D 164 3.08 -12.41 21.86
CA PHE D 164 1.84 -11.73 21.50
C PHE D 164 1.64 -10.40 22.23
N SER D 165 2.28 -10.22 23.40
CA SER D 165 2.05 -9.01 24.22
C SER D 165 2.97 -7.87 23.92
N MET D 166 3.84 -8.05 22.93
CA MET D 166 4.80 -7.02 22.50
C MET D 166 4.02 -5.94 21.82
N ALA D 167 4.46 -4.65 21.92
CA ALA D 167 3.83 -3.56 21.18
C ALA D 167 4.26 -3.73 19.70
N HIS D 168 3.52 -3.12 18.75
CA HIS D 168 3.91 -3.31 17.35
C HIS D 168 4.74 -2.16 16.80
N GLN D 169 4.16 -0.98 16.72
CA GLN D 169 4.87 0.20 16.23
C GLN D 169 4.58 1.36 17.14
N ASP D 170 4.88 1.19 18.44
CA ASP D 170 4.66 2.20 19.47
C ASP D 170 5.78 3.26 19.46
N VAL D 171 5.48 4.50 19.88
CA VAL D 171 6.49 5.56 20.00
C VAL D 171 7.48 5.19 21.10
N ARG D 172 7.00 4.50 22.17
CA ARG D 172 7.84 3.92 23.22
C ARG D 172 8.45 2.68 22.56
N TYR D 173 9.41 2.95 21.68
CA TYR D 173 10.19 1.99 20.88
C TYR D 173 10.78 0.80 21.68
N TYR D 174 11.15 0.97 22.94
CA TYR D 174 11.60 -0.15 23.77
C TYR D 174 10.45 -1.17 24.01
N LEU D 175 9.16 -0.78 23.78
CA LEU D 175 8.05 -1.71 23.99
C LEU D 175 7.87 -2.57 22.75
N ASN D 176 8.44 -2.17 21.62
CA ASN D 176 8.36 -2.95 20.38
C ASN D 176 9.49 -4.01 20.41
N GLY D 177 9.58 -4.69 21.53
CA GLY D 177 10.59 -5.71 21.75
C GLY D 177 10.29 -6.54 22.98
N MET D 178 11.17 -7.49 23.27
CA MET D 178 11.03 -8.38 24.39
C MET D 178 12.19 -8.25 25.36
N LEU D 179 11.89 -8.09 26.66
CA LEU D 179 12.94 -8.04 27.67
C LEU D 179 13.44 -9.44 27.94
N PHE D 180 14.76 -9.61 27.93
CA PHE D 180 15.43 -10.87 28.29
C PHE D 180 16.17 -10.59 29.60
N GLU D 181 15.76 -11.27 30.67
CA GLU D 181 16.33 -11.03 31.98
C GLU D 181 16.89 -12.30 32.61
N THR D 182 18.11 -12.22 33.17
CA THR D 182 18.76 -13.34 33.87
C THR D 182 18.76 -13.06 35.36
N GLU D 183 18.40 -14.06 36.17
CA GLU D 183 18.36 -13.94 37.63
C GLU D 183 18.54 -15.32 38.20
N GLY D 184 19.63 -15.50 38.95
CA GLY D 184 19.96 -16.77 39.57
C GLY D 184 20.22 -17.83 38.53
N GLU D 185 19.34 -18.83 38.44
CA GLU D 185 19.48 -19.92 37.49
C GLU D 185 18.39 -19.83 36.41
N GLU D 186 17.69 -18.67 36.37
CA GLU D 186 16.56 -18.48 35.46
C GLU D 186 16.78 -17.46 34.35
N LEU D 187 16.14 -17.73 33.21
CA LEU D 187 15.99 -16.83 32.07
C LEU D 187 14.52 -16.44 32.06
N ARG D 188 14.26 -15.14 31.97
CA ARG D 188 12.92 -14.58 31.99
C ARG D 188 12.69 -13.73 30.73
N THR D 189 11.50 -13.81 30.13
CA THR D 189 11.13 -12.92 29.03
C THR D 189 9.93 -12.15 29.48
N VAL D 190 9.87 -10.87 29.13
CA VAL D 190 8.75 -9.98 29.44
C VAL D 190 8.38 -9.27 28.14
N ALA D 191 7.07 -9.06 27.93
CA ALA D 191 6.56 -8.32 26.77
C ALA D 191 5.29 -7.60 27.19
N THR D 192 5.19 -6.33 26.83
CA THR D 192 4.04 -5.46 27.18
C THR D 192 3.85 -4.37 26.10
N ASP D 193 2.63 -3.86 26.01
CA ASP D 193 2.25 -2.80 25.09
C ASP D 193 1.62 -1.65 25.85
N GLY D 194 1.77 -1.68 27.18
CA GLY D 194 1.21 -0.63 28.02
C GLY D 194 -0.19 -0.93 28.53
N HIS D 195 -0.88 -1.94 27.92
CA HIS D 195 -2.25 -2.35 28.30
C HIS D 195 -2.28 -3.73 28.91
N ARG D 196 -1.36 -4.57 28.44
CA ARG D 196 -1.26 -5.93 28.92
C ARG D 196 0.19 -6.43 28.89
N LEU D 197 0.50 -7.40 29.74
CA LEU D 197 1.85 -7.86 29.96
C LEU D 197 1.92 -9.35 30.02
N ALA D 198 3.05 -9.92 29.56
CA ALA D 198 3.31 -11.34 29.64
C ALA D 198 4.72 -11.52 30.15
N VAL D 199 4.89 -12.46 31.09
CA VAL D 199 6.17 -12.80 31.68
C VAL D 199 6.28 -14.29 31.81
N CYS D 200 7.39 -14.86 31.39
CA CYS D 200 7.65 -16.29 31.51
C CYS D 200 9.07 -16.47 32.03
N SER D 201 9.24 -17.34 33.05
CA SER D 201 10.54 -17.65 33.67
C SER D 201 10.80 -19.15 33.56
N MET D 202 12.02 -19.55 33.18
CA MET D 202 12.39 -20.95 33.07
C MET D 202 13.76 -21.18 33.68
N PRO D 203 13.93 -22.26 34.47
CA PRO D 203 15.27 -22.55 35.00
C PRO D 203 16.16 -23.10 33.89
N ILE D 204 17.42 -22.61 33.80
CA ILE D 204 18.34 -23.03 32.74
C ILE D 204 19.51 -23.91 33.26
N GLY D 205 19.57 -24.11 34.58
CA GLY D 205 20.54 -24.96 35.27
C GLY D 205 21.93 -24.39 35.43
N GLN D 206 22.08 -23.06 35.28
CA GLN D 206 23.36 -22.36 35.42
C GLN D 206 23.18 -21.09 36.23
N SER D 207 24.14 -20.77 37.09
CA SER D 207 24.05 -19.53 37.86
C SER D 207 24.50 -18.35 36.99
N LEU D 208 23.66 -17.30 36.92
CA LEU D 208 23.86 -16.17 36.03
C LEU D 208 23.88 -14.86 36.77
N PRO D 209 24.65 -13.87 36.26
CA PRO D 209 24.61 -12.53 36.86
C PRO D 209 23.33 -11.79 36.47
N SER D 210 22.75 -11.04 37.40
CA SER D 210 21.53 -10.29 37.16
C SER D 210 21.75 -9.25 36.04
N HIS D 211 21.18 -9.55 34.86
CA HIS D 211 21.29 -8.72 33.66
C HIS D 211 19.95 -8.69 32.93
N SER D 212 19.56 -7.53 32.42
CA SER D 212 18.33 -7.39 31.64
C SER D 212 18.56 -6.52 30.39
N VAL D 213 18.20 -7.06 29.23
CA VAL D 213 18.31 -6.38 27.93
C VAL D 213 16.98 -6.41 27.14
N ILE D 214 16.79 -5.49 26.20
CA ILE D 214 15.61 -5.48 25.36
C ILE D 214 16.01 -5.90 23.96
N VAL D 215 15.43 -6.99 23.46
CA VAL D 215 15.67 -7.53 22.10
C VAL D 215 14.57 -6.98 21.15
N PRO D 216 14.93 -6.39 20.00
CA PRO D 216 13.89 -5.83 19.12
C PRO D 216 12.95 -6.91 18.57
N ARG D 217 11.66 -6.55 18.32
CA ARG D 217 10.67 -7.52 17.88
C ARG D 217 11.06 -8.28 16.60
N LYS D 218 11.72 -7.61 15.66
CA LYS D 218 12.20 -8.25 14.42
C LYS D 218 13.24 -9.33 14.73
N GLY D 219 13.99 -9.15 15.82
CA GLY D 219 15.00 -10.08 16.29
C GLY D 219 14.35 -11.24 16.99
N VAL D 220 13.46 -10.96 17.94
CA VAL D 220 12.69 -12.00 18.63
C VAL D 220 12.10 -12.95 17.58
N ILE D 221 11.58 -12.40 16.48
CA ILE D 221 11.00 -13.21 15.40
C ILE D 221 12.09 -14.05 14.73
N GLU D 222 13.26 -13.46 14.51
CA GLU D 222 14.40 -14.14 13.88
C GLU D 222 14.97 -15.20 14.77
N LEU D 223 15.07 -14.89 16.06
CA LEU D 223 15.55 -15.82 17.09
C LEU D 223 14.60 -17.03 17.17
N MET D 224 13.32 -16.76 17.19
CA MET D 224 12.24 -17.75 17.16
C MET D 224 12.36 -18.70 15.93
N ARG D 225 12.61 -18.14 14.72
CA ARG D 225 12.70 -18.91 13.49
C ARG D 225 13.95 -19.74 13.33
N MET D 226 14.97 -19.53 14.19
CA MET D 226 16.21 -20.31 14.08
C MET D 226 16.17 -21.55 15.02
N LEU D 227 15.01 -21.75 15.71
CA LEU D 227 14.79 -22.90 16.60
C LEU D 227 14.16 -24.06 15.84
N ASN D 232 21.54 -28.78 17.48
CA ASN D 232 20.29 -28.71 18.25
C ASN D 232 20.31 -27.76 19.46
N PRO D 233 21.37 -27.68 20.30
CA PRO D 233 21.30 -26.79 21.48
C PRO D 233 21.48 -25.31 21.12
N LEU D 234 21.20 -24.42 22.08
CA LEU D 234 21.27 -22.99 21.83
C LEU D 234 22.20 -22.30 22.84
N ARG D 235 23.18 -21.56 22.34
CA ARG D 235 24.06 -20.80 23.21
C ARG D 235 23.84 -19.29 23.01
N VAL D 236 23.81 -18.53 24.12
CA VAL D 236 23.55 -17.10 24.16
C VAL D 236 24.72 -16.27 24.74
N GLN D 237 25.07 -15.17 24.08
CA GLN D 237 26.05 -14.22 24.59
C GLN D 237 25.39 -12.88 24.62
N ILE D 238 25.25 -12.30 25.81
CA ILE D 238 24.64 -10.98 25.92
C ILE D 238 25.73 -9.99 26.21
N GLY D 239 25.70 -8.88 25.51
CA GLY D 239 26.66 -7.82 25.69
C GLY D 239 25.96 -6.57 26.18
N SER D 240 26.63 -5.43 26.02
CA SER D 240 26.08 -4.16 26.45
C SER D 240 24.97 -3.68 25.49
N ASN D 241 25.26 -3.73 24.18
CA ASN D 241 24.34 -3.24 23.15
C ASN D 241 24.07 -4.29 22.06
N ASN D 242 24.40 -5.58 22.32
CA ASN D 242 24.21 -6.67 21.38
C ASN D 242 23.81 -7.97 22.05
N ILE D 243 23.17 -8.84 21.29
CA ILE D 243 22.85 -10.19 21.73
C ILE D 243 23.20 -11.13 20.59
N ARG D 244 23.86 -12.24 20.93
CA ARG D 244 24.28 -13.27 19.97
C ARG D 244 23.71 -14.60 20.37
N ALA D 245 23.31 -15.38 19.35
CA ALA D 245 22.76 -16.71 19.54
C ALA D 245 23.33 -17.65 18.56
N HIS D 246 23.98 -18.70 19.07
N HIS D 246 23.97 -18.71 19.08
CA HIS D 246 24.56 -19.76 18.25
CA HIS D 246 24.55 -19.76 18.25
C HIS D 246 23.67 -21.00 18.37
C HIS D 246 23.69 -21.01 18.36
N VAL D 247 23.24 -21.54 17.22
CA VAL D 247 22.42 -22.76 17.14
C VAL D 247 23.02 -23.58 16.01
N GLY D 248 23.86 -24.55 16.33
CA GLY D 248 24.52 -25.36 15.31
C GLY D 248 25.43 -24.51 14.45
N ASP D 249 25.24 -24.52 13.12
CA ASP D 249 26.06 -23.73 12.20
C ASP D 249 25.48 -22.35 11.86
N PHE D 250 24.58 -21.84 12.70
CA PHE D 250 23.98 -20.54 12.49
C PHE D 250 24.32 -19.63 13.62
N ILE D 251 24.66 -18.37 13.30
CA ILE D 251 24.97 -17.36 14.30
C ILE D 251 24.07 -16.16 14.05
N PHE D 252 23.24 -15.82 15.04
CA PHE D 252 22.40 -14.65 14.94
C PHE D 252 22.94 -13.55 15.85
N THR D 253 23.05 -12.32 15.33
CA THR D 253 23.45 -11.20 16.17
C THR D 253 22.45 -10.09 15.97
N SER D 254 22.14 -9.37 17.04
CA SER D 254 21.23 -8.25 16.98
C SER D 254 21.69 -7.13 17.87
N LYS D 255 21.40 -5.91 17.47
CA LYS D 255 21.64 -4.74 18.32
C LYS D 255 20.50 -4.77 19.33
N LEU D 256 20.69 -4.18 20.51
CA LEU D 256 19.64 -4.19 21.52
C LEU D 256 18.90 -2.89 21.50
N VAL D 257 17.72 -2.85 22.13
CA VAL D 257 16.95 -1.62 22.19
C VAL D 257 17.42 -0.83 23.43
N ASP D 258 17.81 0.41 23.23
CA ASP D 258 18.27 1.28 24.30
C ASP D 258 17.02 1.93 24.84
N GLY D 259 16.59 1.51 26.01
CA GLY D 259 15.37 2.07 26.57
C GLY D 259 15.12 1.58 27.96
N ARG D 260 14.24 2.27 28.70
CA ARG D 260 13.90 1.88 30.07
C ARG D 260 12.62 1.04 30.07
N PHE D 261 12.77 -0.28 29.96
CA PHE D 261 11.67 -1.21 29.98
C PHE D 261 10.99 -1.10 31.33
N PRO D 262 9.64 -1.14 31.35
CA PRO D 262 8.94 -1.11 32.64
C PRO D 262 9.22 -2.31 33.56
N ASP D 263 9.20 -2.08 34.91
CA ASP D 263 9.37 -3.17 35.87
C ASP D 263 8.07 -3.94 36.03
N TYR D 264 8.11 -5.23 35.67
CA TYR D 264 6.93 -6.08 35.71
C TYR D 264 6.47 -6.39 37.12
N ARG D 265 7.42 -6.43 38.04
CA ARG D 265 7.17 -6.74 39.46
C ARG D 265 6.25 -5.75 40.10
N ARG D 266 6.18 -4.52 39.54
CA ARG D 266 5.33 -3.45 40.03
C ARG D 266 3.92 -3.45 39.41
N VAL D 267 3.76 -4.06 38.23
CA VAL D 267 2.45 -4.12 37.57
C VAL D 267 1.68 -5.40 37.96
N LEU D 268 2.41 -6.45 38.40
CA LEU D 268 1.84 -7.68 38.94
C LEU D 268 1.04 -7.28 40.18
N PRO D 269 -0.23 -7.66 40.28
CA PRO D 269 -0.99 -7.34 41.50
C PRO D 269 -0.23 -7.77 42.76
N LYS D 270 0.08 -6.80 43.63
CA LYS D 270 0.91 -7.03 44.81
C LYS D 270 0.32 -8.03 45.84
N ASN D 271 -0.95 -7.82 46.27
CA ASN D 271 -1.70 -8.71 47.18
C ASN D 271 -3.14 -8.97 46.64
N PRO D 272 -3.37 -9.77 45.57
CA PRO D 272 -4.76 -9.95 45.13
C PRO D 272 -5.56 -10.71 46.19
N ASP D 273 -6.75 -10.19 46.53
CA ASP D 273 -7.63 -10.83 47.51
C ASP D 273 -8.65 -11.77 46.88
N LYS D 274 -8.98 -11.54 45.59
CA LYS D 274 -9.95 -12.34 44.85
C LYS D 274 -9.28 -13.39 43.95
N HIS D 275 -9.66 -14.66 44.06
CA HIS D 275 -9.10 -15.73 43.23
C HIS D 275 -10.19 -16.57 42.55
N LEU D 276 -10.13 -16.67 41.22
CA LEU D 276 -11.11 -17.37 40.39
C LEU D 276 -10.48 -18.55 39.69
N GLU D 277 -11.16 -19.69 39.63
CA GLU D 277 -10.65 -20.83 38.85
C GLU D 277 -11.74 -21.32 37.89
N ALA D 278 -11.36 -21.62 36.65
CA ALA D 278 -12.29 -22.11 35.64
C ALA D 278 -11.53 -22.96 34.63
N GLY D 279 -12.30 -23.70 33.83
CA GLY D 279 -11.72 -24.52 32.77
C GLY D 279 -11.26 -23.58 31.68
N CYS D 280 -10.02 -23.73 31.22
CA CYS D 280 -9.49 -22.85 30.20
C CYS D 280 -10.37 -22.78 28.94
N ASP D 281 -10.77 -23.96 28.39
CA ASP D 281 -11.56 -24.00 27.17
C ASP D 281 -12.99 -23.46 27.31
N LEU D 282 -13.66 -23.75 28.44
CA LEU D 282 -15.01 -23.21 28.62
C LEU D 282 -15.02 -21.71 28.75
N LEU D 283 -13.96 -21.15 29.34
CA LEU D 283 -13.81 -19.73 29.57
C LEU D 283 -13.50 -19.04 28.26
N LYS D 284 -12.63 -19.65 27.46
CA LYS D 284 -12.25 -19.17 26.13
C LYS D 284 -13.46 -19.14 25.19
N GLN D 285 -14.19 -20.24 25.11
CA GLN D 285 -15.37 -20.33 24.25
C GLN D 285 -16.44 -19.33 24.65
N ALA D 286 -16.45 -18.95 25.93
CA ALA D 286 -17.49 -18.05 26.45
C ALA D 286 -17.21 -16.62 26.06
N PHE D 287 -15.95 -16.23 26.19
CA PHE D 287 -15.44 -14.93 25.81
C PHE D 287 -15.48 -14.75 24.30
N ALA D 288 -15.16 -15.78 23.58
CA ALA D 288 -15.20 -15.81 22.12
C ALA D 288 -16.60 -15.58 21.63
N ARG D 289 -17.63 -16.17 22.29
CA ARG D 289 -19.01 -15.91 21.87
C ARG D 289 -19.47 -14.52 22.24
N ALA D 290 -19.22 -14.08 23.50
CA ALA D 290 -19.56 -12.73 23.93
C ALA D 290 -18.92 -11.65 23.03
N ALA D 291 -17.66 -11.86 22.60
CA ALA D 291 -16.91 -10.97 21.68
C ALA D 291 -17.65 -10.62 20.37
N ILE D 292 -18.46 -11.54 19.85
CA ILE D 292 -19.17 -11.32 18.59
C ILE D 292 -20.06 -10.07 18.69
N LEU D 293 -20.66 -9.87 19.86
CA LEU D 293 -21.56 -8.74 20.05
C LEU D 293 -20.96 -7.59 20.88
N SER D 294 -19.64 -7.54 21.03
CA SER D 294 -18.91 -6.43 21.62
C SER D 294 -18.59 -5.39 20.53
N ASN D 295 -18.28 -4.14 20.95
CA ASN D 295 -17.94 -3.01 20.07
C ASN D 295 -16.72 -3.34 19.22
N GLU D 296 -16.86 -3.21 17.89
CA GLU D 296 -15.83 -3.54 16.91
C GLU D 296 -14.50 -2.84 17.13
N LYS D 297 -14.55 -1.58 17.56
CA LYS D 297 -13.37 -0.76 17.85
C LYS D 297 -12.76 -1.02 19.23
N PHE D 298 -13.59 -0.99 20.30
CA PHE D 298 -13.18 -1.06 21.73
C PHE D 298 -13.18 -2.44 22.36
N ARG D 299 -14.02 -3.38 21.86
CA ARG D 299 -13.98 -4.79 22.26
C ARG D 299 -14.20 -5.04 23.74
N GLY D 300 -14.95 -4.18 24.39
CA GLY D 300 -15.19 -4.32 25.82
C GLY D 300 -16.32 -5.26 26.17
N VAL D 301 -16.02 -6.21 27.06
CA VAL D 301 -16.93 -7.10 27.71
C VAL D 301 -16.96 -6.78 29.23
N ARG D 302 -18.08 -7.05 29.88
CA ARG D 302 -18.19 -6.85 31.31
C ARG D 302 -18.13 -8.20 32.05
N LEU D 303 -17.40 -8.27 33.19
CA LEU D 303 -17.34 -9.45 34.06
C LEU D 303 -18.04 -9.16 35.40
N TYR D 304 -19.12 -9.87 35.72
CA TYR D 304 -19.81 -9.77 37.01
C TYR D 304 -19.37 -11.01 37.71
N VAL D 305 -18.50 -10.88 38.72
CA VAL D 305 -18.11 -12.08 39.43
C VAL D 305 -18.84 -12.13 40.78
N SER D 306 -19.26 -13.32 41.19
CA SER D 306 -20.06 -13.58 42.39
C SER D 306 -19.76 -15.01 42.81
N GLU D 307 -20.23 -15.44 44.00
CA GLU D 307 -19.89 -16.75 44.54
C GLU D 307 -20.07 -17.87 43.51
N ASN D 308 -18.97 -18.53 43.16
CA ASN D 308 -18.90 -19.67 42.22
C ASN D 308 -19.56 -19.43 40.86
N GLN D 309 -19.54 -18.19 40.41
CA GLN D 309 -20.19 -17.86 39.15
C GLN D 309 -19.59 -16.66 38.47
N LEU D 310 -19.51 -16.73 37.13
CA LEU D 310 -19.07 -15.64 36.28
C LEU D 310 -20.13 -15.38 35.23
N LYS D 311 -20.48 -14.13 35.04
CA LYS D 311 -21.40 -13.72 34.01
C LYS D 311 -20.64 -12.74 33.11
N ILE D 312 -20.51 -13.08 31.81
CA ILE D 312 -19.85 -12.20 30.85
C ILE D 312 -20.94 -11.57 30.03
N THR D 313 -20.87 -10.27 29.82
CA THR D 313 -21.86 -9.61 28.96
C THR D 313 -21.14 -8.74 27.96
N ALA D 314 -21.75 -8.53 26.79
CA ALA D 314 -21.21 -7.63 25.77
C ALA D 314 -22.36 -6.93 25.08
N ASN D 315 -22.13 -5.69 24.60
CA ASN D 315 -23.10 -4.98 23.79
C ASN D 315 -22.43 -3.99 22.85
N ASN D 316 -23.11 -3.62 21.79
CA ASN D 316 -22.51 -2.76 20.79
C ASN D 316 -23.40 -1.55 20.49
N PRO D 317 -22.93 -0.62 19.65
CA PRO D 317 -23.76 0.53 19.28
C PRO D 317 -25.13 0.19 18.72
N GLU D 318 -25.23 -0.94 17.99
CA GLU D 318 -26.48 -1.43 17.40
C GLU D 318 -27.47 -1.98 18.45
N GLN D 319 -27.07 -2.02 19.72
CA GLN D 319 -27.89 -2.46 20.86
C GLN D 319 -28.00 -3.95 20.96
N GLU D 320 -27.10 -4.66 20.29
CA GLU D 320 -27.11 -6.11 20.34
C GLU D 320 -26.44 -6.51 21.62
N GLU D 321 -26.89 -7.64 22.23
CA GLU D 321 -26.30 -8.09 23.49
C GLU D 321 -25.99 -9.56 23.54
N ALA D 322 -24.90 -9.94 24.20
CA ALA D 322 -24.53 -11.32 24.46
C ALA D 322 -24.48 -11.47 25.97
N GLU D 323 -24.76 -12.66 26.47
CA GLU D 323 -24.65 -12.99 27.87
C GLU D 323 -24.26 -14.43 28.01
N GLU D 324 -23.22 -14.70 28.81
CA GLU D 324 -22.77 -16.05 29.09
C GLU D 324 -22.73 -16.20 30.62
N ILE D 325 -23.20 -17.34 31.15
CA ILE D 325 -23.11 -17.65 32.56
C ILE D 325 -22.30 -18.92 32.72
N LEU D 326 -21.36 -18.92 33.64
CA LEU D 326 -20.49 -20.06 33.85
C LEU D 326 -20.38 -20.37 35.32
N ASP D 327 -20.15 -21.65 35.62
CA ASP D 327 -19.84 -22.12 36.96
C ASP D 327 -18.32 -22.08 37.10
N VAL D 328 -17.85 -21.32 38.09
CA VAL D 328 -16.43 -21.17 38.35
C VAL D 328 -16.18 -21.45 39.84
N THR D 329 -14.91 -21.54 40.26
CA THR D 329 -14.56 -21.68 41.66
C THR D 329 -14.18 -20.28 42.14
N TYR D 330 -15.10 -19.58 42.80
CA TYR D 330 -14.83 -18.24 43.30
C TYR D 330 -15.49 -17.97 44.64
N SER D 331 -14.68 -17.54 45.61
CA SER D 331 -15.13 -17.12 46.94
C SER D 331 -14.35 -15.82 47.24
N GLY D 332 -15.08 -14.71 47.26
CA GLY D 332 -14.52 -13.38 47.41
C GLY D 332 -15.62 -12.38 47.17
N ALA D 333 -15.30 -11.09 47.12
CA ALA D 333 -16.33 -10.07 46.95
C ALA D 333 -16.90 -9.98 45.56
N GLU D 334 -18.20 -9.72 45.45
CA GLU D 334 -18.81 -9.53 44.15
C GLU D 334 -18.30 -8.24 43.54
N MET D 335 -17.97 -8.28 42.24
CA MET D 335 -17.48 -7.11 41.51
C MET D 335 -17.70 -7.22 40.01
N GLU D 336 -17.93 -6.08 39.37
CA GLU D 336 -18.02 -5.93 37.94
C GLU D 336 -16.67 -5.39 37.44
N ILE D 337 -16.06 -6.00 36.42
CA ILE D 337 -14.82 -5.48 35.86
C ILE D 337 -14.83 -5.59 34.28
N GLY D 338 -14.74 -4.46 33.58
CA GLY D 338 -14.66 -4.40 32.13
C GLY D 338 -13.31 -4.79 31.55
N PHE D 339 -13.29 -5.38 30.35
CA PHE D 339 -12.04 -5.79 29.71
C PHE D 339 -12.13 -5.75 28.21
N ASN D 340 -10.97 -5.56 27.55
CA ASN D 340 -10.86 -5.71 26.12
C ASN D 340 -10.82 -7.21 25.93
N VAL D 341 -11.88 -7.77 25.34
CA VAL D 341 -12.02 -9.23 25.21
C VAL D 341 -10.85 -9.86 24.37
N SER D 342 -10.29 -9.10 23.44
CA SER D 342 -9.15 -9.56 22.64
C SER D 342 -7.92 -9.83 23.51
N TYR D 343 -7.69 -8.98 24.54
CA TYR D 343 -6.57 -9.16 25.43
C TYR D 343 -6.74 -10.40 26.25
N VAL D 344 -7.99 -10.72 26.64
CA VAL D 344 -8.33 -11.92 27.44
C VAL D 344 -8.17 -13.18 26.61
N LEU D 345 -8.75 -13.16 25.40
CA LEU D 345 -8.66 -14.29 24.46
C LEU D 345 -7.22 -14.60 24.10
N ASP D 346 -6.38 -13.55 23.92
CA ASP D 346 -4.93 -13.70 23.65
C ASP D 346 -4.24 -14.50 24.76
N VAL D 347 -4.54 -14.18 26.01
CA VAL D 347 -4.00 -14.87 27.19
C VAL D 347 -4.44 -16.34 27.21
N LEU D 348 -5.76 -16.58 27.06
CA LEU D 348 -6.31 -17.95 27.11
C LEU D 348 -5.78 -18.83 26.00
N ASN D 349 -5.59 -18.29 24.81
CA ASN D 349 -4.99 -18.98 23.69
C ASN D 349 -3.47 -19.25 23.94
N ALA D 350 -2.83 -18.42 24.77
CA ALA D 350 -1.42 -18.61 25.10
C ALA D 350 -1.28 -19.73 26.13
N LEU D 351 -2.15 -19.72 27.17
CA LEU D 351 -2.21 -20.78 28.20
C LEU D 351 -2.83 -21.99 27.51
N LYS D 352 -2.03 -22.96 27.16
CA LYS D 352 -2.63 -24.08 26.47
C LYS D 352 -2.81 -25.19 27.51
N CYS D 353 -3.68 -24.93 28.51
CA CYS D 353 -3.85 -25.75 29.69
C CYS D 353 -5.31 -26.16 29.95
N GLU D 354 -5.51 -26.92 31.06
CA GLU D 354 -6.81 -27.42 31.48
C GLU D 354 -7.57 -26.42 32.33
N ASN D 355 -6.90 -25.77 33.30
CA ASN D 355 -7.55 -24.82 34.19
C ASN D 355 -6.78 -23.51 34.31
N VAL D 356 -7.54 -22.38 34.44
CA VAL D 356 -7.02 -21.04 34.59
C VAL D 356 -7.30 -20.45 35.95
N ARG D 357 -6.33 -19.75 36.52
CA ARG D 357 -6.50 -19.00 37.77
C ARG D 357 -6.50 -17.50 37.44
N MET D 358 -7.50 -16.78 37.89
CA MET D 358 -7.57 -15.33 37.72
C MET D 358 -7.47 -14.64 39.08
N MET D 359 -6.55 -13.70 39.24
CA MET D 359 -6.39 -12.99 40.48
C MET D 359 -6.76 -11.55 40.33
N LEU D 360 -7.78 -11.09 41.06
CA LEU D 360 -8.29 -9.73 40.99
C LEU D 360 -8.15 -8.97 42.33
N THR D 361 -8.46 -7.65 42.32
CA THR D 361 -8.47 -6.76 43.49
C THR D 361 -9.72 -5.86 43.43
N ASP D 362 -9.82 -5.00 42.42
CA ASP D 362 -10.98 -4.13 42.20
C ASP D 362 -11.22 -3.85 40.71
N SER D 363 -12.26 -3.08 40.42
CA SER D 363 -12.70 -2.73 39.07
C SER D 363 -11.76 -1.80 38.28
N VAL D 364 -10.82 -1.12 38.97
CA VAL D 364 -9.90 -0.19 38.31
C VAL D 364 -8.45 -0.72 38.27
N SER D 365 -8.24 -1.99 38.70
CA SER D 365 -6.90 -2.55 38.81
C SER D 365 -6.71 -3.77 37.96
N SER D 366 -5.46 -4.03 37.57
CA SER D 366 -5.05 -5.14 36.74
C SER D 366 -5.48 -6.49 37.30
N VAL D 367 -5.61 -7.46 36.42
CA VAL D 367 -5.94 -8.85 36.76
C VAL D 367 -4.78 -9.71 36.33
N GLN D 368 -4.38 -10.66 37.16
CA GLN D 368 -3.31 -11.59 36.80
C GLN D 368 -3.95 -12.89 36.38
N ILE D 369 -3.51 -13.45 35.25
CA ILE D 369 -4.08 -14.71 34.75
C ILE D 369 -2.97 -15.72 34.61
N GLU D 370 -3.16 -16.94 35.09
CA GLU D 370 -2.15 -17.96 34.90
C GLU D 370 -2.75 -19.35 34.82
N ASP D 371 -1.92 -20.34 34.49
CA ASP D 371 -2.33 -21.74 34.50
C ASP D 371 -2.52 -22.08 35.98
N ALA D 372 -3.60 -22.80 36.32
CA ALA D 372 -3.87 -23.16 37.71
C ALA D 372 -2.89 -24.22 38.22
N ALA D 373 -2.14 -24.86 37.29
CA ALA D 373 -1.16 -25.92 37.57
C ALA D 373 0.28 -25.53 37.33
N SER D 374 0.58 -24.24 37.03
CA SER D 374 1.94 -23.77 36.74
C SER D 374 2.06 -22.27 36.99
N GLN D 375 3.15 -21.83 37.61
CA GLN D 375 3.32 -20.40 37.86
C GLN D 375 4.50 -19.83 37.03
N SER D 376 5.02 -20.65 36.07
CA SER D 376 6.13 -20.28 35.20
C SER D 376 5.81 -19.11 34.26
N ALA D 377 4.54 -18.95 33.89
CA ALA D 377 4.06 -17.83 33.07
C ALA D 377 2.99 -17.09 33.81
N ALA D 378 2.97 -15.78 33.70
CA ALA D 378 1.94 -14.98 34.31
C ALA D 378 1.57 -13.88 33.32
N TYR D 379 0.29 -13.51 33.30
CA TYR D 379 -0.18 -12.55 32.35
C TYR D 379 -1.00 -11.53 33.08
N VAL D 380 -0.75 -10.22 32.83
CA VAL D 380 -1.46 -9.15 33.53
C VAL D 380 -2.23 -8.30 32.54
N VAL D 381 -3.53 -8.12 32.75
CA VAL D 381 -4.36 -7.31 31.84
C VAL D 381 -5.03 -6.18 32.60
N MET D 382 -4.89 -4.97 32.08
CA MET D 382 -5.44 -3.74 32.65
C MET D 382 -6.90 -3.54 32.19
N PRO D 383 -7.83 -3.23 33.11
CA PRO D 383 -9.24 -3.09 32.70
C PRO D 383 -9.61 -1.82 31.93
N MET D 384 -10.86 -1.79 31.52
CA MET D 384 -11.49 -0.68 30.81
C MET D 384 -12.60 -0.20 31.71
N ARG D 385 -13.03 1.03 31.50
CA ARG D 385 -14.27 1.56 32.01
C ARG D 385 -15.21 1.46 30.78
N LEU D 386 -16.29 0.67 30.86
CA LEU D 386 -17.14 0.51 29.68
C LEU D 386 -18.15 1.64 29.49
N GLN E 2 3.08 -8.80 -25.93
CA GLN E 2 1.93 -9.72 -25.79
C GLN E 2 0.84 -9.47 -26.84
N ASP E 4 -2.73 -10.76 -29.00
CA ASP E 4 -4.09 -11.16 -28.57
C ASP E 4 -4.59 -12.29 -29.46
N LEU E 5 -5.37 -13.22 -28.88
CA LEU E 5 -6.00 -14.36 -29.54
C LEU E 5 -7.04 -13.88 -30.48
N PHE E 6 -7.70 -12.76 -30.10
CA PHE E 6 -8.84 -12.23 -30.84
C PHE E 6 -8.56 -10.91 -31.47
N GLN F 2 15.56 7.61 23.73
CA GLN F 2 14.48 8.58 23.90
C GLN F 2 13.68 8.39 25.20
N ASP F 4 10.64 9.55 28.06
CA ASP F 4 9.22 9.86 27.96
C ASP F 4 8.82 10.95 28.93
N LEU F 5 7.90 11.85 28.53
CA LEU F 5 7.32 12.91 29.34
C LEU F 5 6.52 12.35 30.53
N PHE F 6 5.88 11.19 30.32
CA PHE F 6 5.02 10.50 31.29
C PHE F 6 4.90 9.05 30.86
N GLN G 2 -8.66 -2.40 -26.02
CA GLN G 2 -7.57 -1.55 -26.50
C GLN G 2 -6.77 -2.18 -27.66
N ASP G 4 -3.90 -1.87 -30.92
CA ASP G 4 -2.51 -1.41 -30.98
C ASP G 4 -2.25 -0.72 -32.31
N LEU G 5 -1.37 0.30 -32.27
CA LEU G 5 -0.93 1.09 -33.44
C LEU G 5 -0.11 0.25 -34.39
N PHE G 6 0.67 -0.72 -33.84
CA PHE G 6 1.59 -1.58 -34.58
C PHE G 6 1.36 -3.09 -34.36
N GLN H 2 -10.13 2.23 28.16
CA GLN H 2 -8.93 1.50 28.44
C GLN H 2 -7.88 2.19 29.31
N ASP H 4 -4.23 2.22 31.70
CA ASP H 4 -2.84 1.90 31.42
C ASP H 4 -2.21 1.17 32.57
N LEU H 5 -1.39 0.14 32.30
CA LEU H 5 -0.63 -0.63 33.28
C LEU H 5 0.42 0.25 33.94
N PHE H 6 1.00 1.19 33.19
CA PHE H 6 2.04 2.10 33.64
C PHE H 6 2.03 3.36 32.74
#